data_2Q6B
#
_entry.id   2Q6B
#
_cell.length_a   78.724
_cell.length_b   133.186
_cell.length_c   82.673
_cell.angle_alpha   90.00
_cell.angle_beta   92.63
_cell.angle_gamma   90.00
#
_symmetry.space_group_name_H-M   'P 1 21 1'
#
loop_
_entity.id
_entity.type
_entity.pdbx_description
1 polymer '3-hydroxy-3-methylglutaryl-coenzyme A reductase'
2 non-polymer 'SULFATE ION'
3 non-polymer '(3R,5R)-7-[3-(4-FLUOROPHENYL)-1-ISOPROPYL-8-OXO-7-PHENYL-1,4,5,6,7,8-HEXAHYDROPYRROLO[2,3-C]AZEPIN-2-YL]-3,5-DIHYDROXYHEPTANOIC ACID'
4 water water
#
_entity_poly.entity_id   1
_entity_poly.type   'polypeptide(L)'
_entity_poly.pdbx_seq_one_letter_code
;HHHHHHEPRPNEECLQILGNAEKGAKFLSDAEIIQLVNAKHIPAYKLETLIETHERGVSIRRQLLSKKLSEPSSLQYLPY
RDYNYSLVMGACCENVIGYMPIPVGVAGPLCLDEKEFQVPMATTEGCLVASTNRGCRAIGLGGGASSRVLADGMTRGPVV
RLPRACDSAEVKAWLETSEGFAVIKEAFDSTSRFARLQKLHTSIAGRNLYIRFQSRSGDAMGMNMISKGTEKALSKLHEY
FPEMQILAVSGNYCTDKKPAAINWIEGRGKSVVCEAVIPAKVVREVLKTTTEAMIEVNINKNLVGSAMAGSIGGYNAHAA
NIVTAIYIACGQDAAQNVGSSNCITLMEASGPTNEDLYISCTMPSIEIGTVGGGTNLLPQQACLQMLGVQGACKDNPGEN
ARQLARIVCGTVMAGELSLMAALAAGHLVKSHMIHNRSKIN
;
_entity_poly.pdbx_strand_id   A,B,C,D
#
loop_
_chem_comp.id
_chem_comp.type
_chem_comp.name
_chem_comp.formula
HR2 non-polymer '(3R,5R)-7-[3-(4-FLUOROPHENYL)-1-ISOPROPYL-8-OXO-7-PHENYL-1,4,5,6,7,8-HEXAHYDROPYRROLO[2,3-C]AZEPIN-2-YL]-3,5-DIHYDROXYHEPTANOIC ACID' 'C30 H35 F N2 O5'
SO4 non-polymer 'SULFATE ION' 'O4 S -2'
#
# COMPACT_ATOMS: atom_id res chain seq x y z
N HIS A 6 -19.99 -10.20 -60.89
CA HIS A 6 -21.39 -10.28 -61.41
C HIS A 6 -22.36 -9.46 -60.55
N GLU A 7 -23.58 -9.31 -61.04
CA GLU A 7 -24.60 -8.51 -60.35
C GLU A 7 -25.25 -9.36 -59.27
N PRO A 8 -25.69 -8.75 -58.17
CA PRO A 8 -26.37 -9.48 -57.09
C PRO A 8 -27.66 -10.15 -57.55
N ARG A 9 -27.71 -11.48 -57.44
CA ARG A 9 -28.88 -12.26 -57.83
C ARG A 9 -29.97 -12.13 -56.75
N PRO A 10 -31.23 -12.40 -57.11
CA PRO A 10 -32.34 -12.33 -56.14
C PRO A 10 -32.12 -13.22 -54.90
N ASN A 11 -32.82 -12.89 -53.82
CA ASN A 11 -32.58 -13.53 -52.52
C ASN A 11 -32.96 -15.01 -52.47
N GLU A 12 -33.98 -15.41 -53.23
CA GLU A 12 -34.38 -16.82 -53.31
C GLU A 12 -33.31 -17.66 -54.01
N GLU A 13 -32.70 -17.09 -55.05
CA GLU A 13 -31.63 -17.78 -55.80
C GLU A 13 -30.37 -17.97 -54.95
N CYS A 14 -30.03 -16.97 -54.15
CA CYS A 14 -28.83 -17.00 -53.32
C CYS A 14 -28.93 -18.01 -52.18
N LEU A 15 -30.15 -18.26 -51.71
CA LEU A 15 -30.38 -19.22 -50.62
C LEU A 15 -30.43 -20.67 -51.09
N GLN A 16 -30.62 -20.89 -52.40
CA GLN A 16 -30.57 -22.23 -52.97
C GLN A 16 -29.13 -22.69 -53.15
N ILE A 17 -28.27 -21.78 -53.64
CA ILE A 17 -26.85 -22.07 -53.82
C ILE A 17 -26.14 -22.23 -52.47
N LEU A 18 -26.56 -21.44 -51.49
CA LEU A 18 -25.99 -21.49 -50.14
C LEU A 18 -26.23 -22.85 -49.48
N GLY A 19 -27.46 -23.35 -49.61
CA GLY A 19 -27.84 -24.65 -49.05
C GLY A 19 -27.81 -25.75 -50.09
N ASN A 20 -26.74 -25.78 -50.90
CA ASN A 20 -26.56 -26.82 -51.91
C ASN A 20 -25.65 -27.93 -51.42
N ALA A 21 -24.51 -27.55 -50.84
CA ALA A 21 -23.44 -28.45 -50.37
C ALA A 21 -22.33 -28.62 -51.42
N GLU A 22 -22.72 -28.64 -52.69
CA GLU A 22 -21.76 -28.66 -53.81
C GLU A 22 -21.16 -27.26 -54.02
N LYS A 23 -21.90 -26.23 -53.63
CA LYS A 23 -21.49 -24.85 -53.86
C LYS A 23 -21.20 -24.13 -52.54
N GLY A 24 -22.24 -23.88 -51.75
CA GLY A 24 -22.10 -23.15 -50.50
C GLY A 24 -21.86 -21.66 -50.71
N ALA A 25 -21.29 -21.01 -49.69
CA ALA A 25 -21.05 -19.57 -49.70
C ALA A 25 -19.90 -19.14 -50.63
N LYS A 26 -19.09 -20.10 -51.06
CA LYS A 26 -17.99 -19.83 -51.99
C LYS A 26 -18.48 -19.35 -53.36
N PHE A 27 -19.67 -19.78 -53.76
CA PHE A 27 -20.23 -19.43 -55.06
C PHE A 27 -21.13 -18.18 -54.99
N LEU A 28 -21.23 -17.57 -53.82
CA LEU A 28 -21.89 -16.28 -53.66
C LEU A 28 -20.84 -15.17 -53.60
N SER A 29 -21.23 -13.97 -54.02
CA SER A 29 -20.39 -12.79 -53.93
C SER A 29 -20.40 -12.25 -52.50
N ASP A 30 -19.53 -11.29 -52.22
CA ASP A 30 -19.53 -10.57 -50.95
C ASP A 30 -20.82 -9.76 -50.83
N ALA A 31 -21.21 -9.13 -51.93
CA ALA A 31 -22.44 -8.34 -51.97
C ALA A 31 -23.68 -9.19 -51.71
N GLU A 32 -23.66 -10.44 -52.17
CA GLU A 32 -24.79 -11.35 -52.03
C GLU A 32 -24.98 -11.84 -50.59
N ILE A 33 -23.87 -12.10 -49.89
CA ILE A 33 -23.91 -12.51 -48.49
C ILE A 33 -24.41 -11.36 -47.61
N ILE A 34 -24.00 -10.14 -47.95
CA ILE A 34 -24.34 -8.94 -47.17
C ILE A 34 -25.83 -8.62 -47.27
N GLN A 35 -26.43 -8.83 -48.45
CA GLN A 35 -27.85 -8.53 -48.66
C GLN A 35 -28.76 -9.57 -48.01
N LEU A 36 -28.25 -10.79 -47.82
CA LEU A 36 -29.01 -11.84 -47.13
C LEU A 36 -29.05 -11.60 -45.62
N VAL A 37 -27.94 -11.12 -45.06
CA VAL A 37 -27.87 -10.81 -43.63
C VAL A 37 -28.70 -9.57 -43.28
N ASN A 38 -28.75 -8.61 -44.21
CA ASN A 38 -29.52 -7.38 -44.03
C ASN A 38 -31.03 -7.60 -44.14
N ALA A 39 -31.43 -8.60 -44.92
CA ALA A 39 -32.85 -8.93 -45.11
C ALA A 39 -33.33 -10.03 -44.17
N LYS A 40 -32.48 -10.43 -43.22
CA LYS A 40 -32.79 -11.45 -42.23
C LYS A 40 -33.16 -12.80 -42.87
N HIS A 41 -32.13 -13.49 -43.36
CA HIS A 41 -32.26 -14.84 -43.92
C HIS A 41 -31.14 -15.70 -43.34
N ILE A 42 -29.89 -15.27 -43.57
CA ILE A 42 -28.75 -15.78 -42.83
C ILE A 42 -28.69 -14.95 -41.54
N PRO A 43 -28.86 -15.57 -40.38
CA PRO A 43 -28.98 -14.86 -39.10
C PRO A 43 -28.04 -13.65 -38.95
N ALA A 44 -26.73 -13.88 -38.96
CA ALA A 44 -25.69 -12.85 -38.79
C ALA A 44 -24.49 -13.47 -38.08
N TYR A 45 -24.76 -14.03 -36.90
CA TYR A 45 -23.74 -14.71 -36.10
C TYR A 45 -23.34 -16.05 -36.70
N LYS A 46 -24.20 -16.62 -37.54
CA LYS A 46 -23.93 -17.92 -38.18
C LYS A 46 -23.03 -17.82 -39.43
N LEU A 47 -22.49 -16.64 -39.70
CA LEU A 47 -21.54 -16.46 -40.81
C LEU A 47 -20.16 -17.06 -40.50
N GLU A 48 -19.86 -17.27 -39.22
CA GLU A 48 -18.54 -17.76 -38.80
C GLU A 48 -18.17 -19.10 -39.43
N THR A 49 -18.95 -20.14 -39.12
CA THR A 49 -18.66 -21.50 -39.59
C THR A 49 -19.18 -21.77 -41.01
N LEU A 50 -20.07 -20.91 -41.49
CA LEU A 50 -20.68 -21.08 -42.82
C LEU A 50 -19.75 -20.62 -43.95
N ILE A 51 -18.96 -19.57 -43.70
CA ILE A 51 -17.96 -19.09 -44.67
C ILE A 51 -16.79 -20.07 -44.69
N GLU A 52 -16.16 -20.21 -45.87
CA GLU A 52 -15.15 -21.24 -46.10
C GLU A 52 -13.86 -20.94 -45.36
N THR A 53 -13.20 -19.85 -45.73
CA THR A 53 -11.89 -19.49 -45.20
C THR A 53 -11.98 -18.47 -44.08
N HIS A 54 -10.88 -18.32 -43.34
CA HIS A 54 -10.83 -17.40 -42.21
C HIS A 54 -10.72 -15.95 -42.66
N GLU A 55 -9.89 -15.69 -43.68
CA GLU A 55 -9.69 -14.33 -44.16
C GLU A 55 -10.96 -13.72 -44.76
N ARG A 56 -11.72 -14.52 -45.47
CA ARG A 56 -12.96 -14.04 -46.09
C ARG A 56 -14.04 -13.79 -45.03
N GLY A 57 -14.00 -14.55 -43.94
CA GLY A 57 -14.86 -14.32 -42.80
C GLY A 57 -14.55 -13.00 -42.11
N VAL A 58 -13.28 -12.64 -42.07
CA VAL A 58 -12.85 -11.36 -41.50
C VAL A 58 -13.26 -10.20 -42.43
N SER A 59 -13.20 -10.42 -43.74
CA SER A 59 -13.55 -9.41 -44.72
C SER A 59 -15.03 -9.03 -44.64
N ILE A 60 -15.88 -10.04 -44.47
CA ILE A 60 -17.31 -9.84 -44.39
C ILE A 60 -17.69 -9.15 -43.08
N ARG A 61 -17.03 -9.52 -41.99
CA ARG A 61 -17.29 -8.88 -40.70
C ARG A 61 -16.93 -7.41 -40.73
N ARG A 62 -15.89 -7.07 -41.50
CA ARG A 62 -15.45 -5.69 -41.67
C ARG A 62 -16.46 -4.86 -42.45
N GLN A 63 -17.03 -5.45 -43.50
CA GLN A 63 -17.98 -4.76 -44.37
C GLN A 63 -19.29 -4.51 -43.61
N LEU A 64 -19.75 -5.52 -42.87
CA LEU A 64 -20.91 -5.41 -41.99
C LEU A 64 -20.71 -4.33 -40.93
N LEU A 65 -19.52 -4.32 -40.32
CA LEU A 65 -19.20 -3.38 -39.25
C LEU A 65 -19.10 -1.95 -39.77
N SER A 66 -18.62 -1.80 -41.00
CA SER A 66 -18.34 -0.49 -41.58
C SER A 66 -19.62 0.34 -41.80
N LYS A 67 -20.73 -0.33 -42.07
CA LYS A 67 -22.02 0.34 -42.27
C LYS A 67 -22.61 0.88 -40.97
N LYS A 68 -22.13 0.37 -39.83
CA LYS A 68 -22.60 0.81 -38.51
C LYS A 68 -21.80 1.98 -37.93
N LEU A 69 -20.73 2.38 -38.61
CA LEU A 69 -19.86 3.47 -38.15
C LEU A 69 -20.27 4.82 -38.72
N SER A 70 -19.96 5.88 -37.99
CA SER A 70 -20.23 7.26 -38.45
C SER A 70 -19.37 7.58 -39.68
N GLU A 71 -18.13 7.11 -39.67
CA GLU A 71 -17.25 7.19 -40.82
C GLU A 71 -17.05 5.76 -41.34
N PRO A 72 -17.73 5.38 -42.42
CA PRO A 72 -17.67 4.01 -42.93
C PRO A 72 -16.29 3.57 -43.45
N SER A 73 -15.40 4.52 -43.74
CA SER A 73 -14.05 4.20 -44.22
C SER A 73 -13.01 4.16 -43.10
N SER A 74 -13.45 3.97 -41.86
CA SER A 74 -12.57 4.00 -40.69
C SER A 74 -11.51 2.89 -40.74
N LEU A 75 -11.88 1.73 -41.27
CA LEU A 75 -11.03 0.54 -41.24
C LEU A 75 -10.06 0.43 -42.43
N GLN A 76 -10.05 1.44 -43.31
CA GLN A 76 -9.24 1.42 -44.53
C GLN A 76 -7.75 1.08 -44.30
N TYR A 77 -7.16 1.64 -43.25
CA TYR A 77 -5.73 1.49 -42.98
C TYR A 77 -5.41 0.48 -41.87
N LEU A 78 -6.45 -0.13 -41.30
CA LEU A 78 -6.29 -1.28 -40.42
C LEU A 78 -6.08 -2.50 -41.33
N PRO A 79 -4.88 -3.10 -41.32
CA PRO A 79 -4.60 -4.24 -42.20
C PRO A 79 -5.29 -5.53 -41.75
N TYR A 80 -5.38 -6.51 -42.65
CA TYR A 80 -6.01 -7.80 -42.35
C TYR A 80 -5.66 -8.95 -43.31
N ARG A 81 -5.35 -8.64 -44.55
CA ARG A 81 -5.05 -9.67 -45.55
C ARG A 81 -3.69 -10.33 -45.33
N ASP A 82 -3.58 -11.58 -45.79
CA ASP A 82 -2.33 -12.36 -45.78
C ASP A 82 -1.76 -12.59 -44.38
N TYR A 83 -2.64 -12.65 -43.39
CA TYR A 83 -2.27 -12.99 -42.01
C TYR A 83 -2.84 -14.37 -41.67
N ASN A 84 -2.08 -15.14 -40.91
CA ASN A 84 -2.46 -16.51 -40.57
C ASN A 84 -3.46 -16.57 -39.42
N TYR A 85 -4.74 -16.53 -39.77
CA TYR A 85 -5.82 -16.53 -38.77
C TYR A 85 -6.14 -17.93 -38.23
N SER A 86 -5.56 -18.97 -38.82
CA SER A 86 -5.80 -20.35 -38.38
C SER A 86 -5.47 -20.57 -36.90
N LEU A 87 -4.36 -19.99 -36.45
CA LEU A 87 -3.90 -20.12 -35.07
C LEU A 87 -4.60 -19.15 -34.11
N VAL A 88 -5.29 -18.15 -34.66
CA VAL A 88 -5.95 -17.12 -33.86
C VAL A 88 -7.41 -17.44 -33.52
N MET A 89 -8.17 -17.93 -34.50
CA MET A 89 -9.60 -18.19 -34.29
C MET A 89 -9.80 -19.34 -33.30
N GLY A 90 -10.72 -19.14 -32.36
CA GLY A 90 -11.03 -20.13 -31.35
C GLY A 90 -9.93 -20.37 -30.32
N ALA A 91 -9.01 -19.41 -30.18
CA ALA A 91 -7.83 -19.59 -29.34
C ALA A 91 -7.30 -18.29 -28.71
N CYS A 92 -7.12 -17.27 -29.54
CA CYS A 92 -6.48 -16.02 -29.11
C CYS A 92 -7.37 -14.78 -29.19
N CYS A 93 -8.27 -14.75 -30.17
CA CYS A 93 -9.13 -13.58 -30.39
C CYS A 93 -10.48 -13.95 -31.01
N GLU A 94 -11.50 -13.14 -30.72
CA GLU A 94 -12.83 -13.29 -31.30
C GLU A 94 -13.28 -12.01 -32.01
N ASN A 95 -14.30 -12.14 -32.86
CA ASN A 95 -14.83 -11.03 -33.64
C ASN A 95 -13.71 -10.26 -34.36
N VAL A 96 -12.82 -11.01 -35.00
CA VAL A 96 -11.57 -10.46 -35.55
C VAL A 96 -11.81 -9.65 -36.83
N ILE A 97 -11.32 -8.40 -36.82
CA ILE A 97 -11.46 -7.50 -37.95
C ILE A 97 -10.11 -7.11 -38.58
N GLY A 98 -9.04 -7.77 -38.15
CA GLY A 98 -7.70 -7.49 -38.65
C GLY A 98 -6.61 -7.65 -37.61
N TYR A 99 -5.51 -6.95 -37.81
CA TYR A 99 -4.40 -6.95 -36.85
C TYR A 99 -3.74 -5.57 -36.74
N MET A 100 -3.11 -5.33 -35.59
CA MET A 100 -2.46 -4.06 -35.29
C MET A 100 -0.94 -4.24 -35.30
N PRO A 101 -0.25 -3.71 -36.32
CA PRO A 101 1.21 -3.77 -36.36
C PRO A 101 1.86 -2.87 -35.30
N ILE A 102 2.69 -3.47 -34.44
CA ILE A 102 3.49 -2.73 -33.47
C ILE A 102 4.95 -2.83 -33.89
N PRO A 103 5.62 -1.70 -34.14
CA PRO A 103 7.04 -1.71 -34.53
C PRO A 103 7.91 -2.52 -33.56
N VAL A 104 8.79 -3.36 -34.09
CA VAL A 104 9.70 -4.16 -33.29
C VAL A 104 11.14 -3.68 -33.51
N GLY A 105 11.75 -3.14 -32.45
CA GLY A 105 13.16 -2.78 -32.45
C GLY A 105 13.98 -3.81 -31.72
N VAL A 106 15.31 -3.72 -31.86
CA VAL A 106 16.22 -4.67 -31.22
C VAL A 106 17.22 -3.94 -30.33
N ALA A 107 17.39 -4.47 -29.12
CA ALA A 107 18.33 -3.94 -28.14
C ALA A 107 19.34 -5.03 -27.80
N GLY A 108 20.58 -4.82 -28.20
CA GLY A 108 21.64 -5.77 -27.89
C GLY A 108 22.99 -5.38 -28.47
N PRO A 109 24.01 -6.22 -28.26
CA PRO A 109 23.90 -7.47 -27.49
C PRO A 109 23.79 -7.23 -25.99
N LEU A 110 23.01 -8.09 -25.32
CA LEU A 110 22.85 -8.07 -23.88
C LEU A 110 23.70 -9.19 -23.30
N CYS A 111 24.77 -8.83 -22.62
CA CYS A 111 25.69 -9.80 -22.05
C CYS A 111 25.17 -10.24 -20.69
N LEU A 112 24.66 -11.47 -20.61
CA LEU A 112 24.02 -11.98 -19.41
C LEU A 112 24.38 -13.45 -19.21
N ASP A 113 24.97 -13.77 -18.05
CA ASP A 113 25.41 -15.12 -17.72
C ASP A 113 26.30 -15.71 -18.81
N GLU A 114 27.31 -14.94 -19.22
CA GLU A 114 28.32 -15.37 -20.19
C GLU A 114 27.76 -15.71 -21.58
N LYS A 115 26.58 -15.17 -21.89
CA LYS A 115 25.94 -15.33 -23.19
C LYS A 115 25.57 -13.96 -23.76
N GLU A 116 25.17 -13.93 -25.03
CA GLU A 116 24.78 -12.69 -25.68
C GLU A 116 23.37 -12.82 -26.29
N PHE A 117 22.53 -11.82 -26.03
CA PHE A 117 21.13 -11.86 -26.42
C PHE A 117 20.74 -10.63 -27.24
N GLN A 118 20.03 -10.86 -28.34
CA GLN A 118 19.42 -9.77 -29.11
C GLN A 118 17.94 -9.70 -28.72
N VAL A 119 17.58 -8.67 -27.97
CA VAL A 119 16.28 -8.59 -27.31
C VAL A 119 15.27 -7.86 -28.19
N PRO A 120 14.18 -8.54 -28.59
CA PRO A 120 13.14 -7.88 -29.37
C PRO A 120 12.23 -7.05 -28.46
N MET A 121 11.80 -5.89 -28.94
CA MET A 121 11.04 -4.92 -28.16
C MET A 121 9.96 -4.27 -29.03
N ALA A 122 8.70 -4.57 -28.75
CA ALA A 122 7.58 -4.01 -29.50
C ALA A 122 7.06 -2.77 -28.80
N THR A 123 7.21 -1.61 -29.44
CA THR A 123 6.83 -0.34 -28.82
C THR A 123 6.57 0.77 -29.83
N THR A 124 5.84 1.80 -29.38
CA THR A 124 5.66 3.03 -30.14
C THR A 124 6.19 4.25 -29.39
N GLU A 125 6.90 4.01 -28.29
CA GLU A 125 7.51 5.09 -27.52
C GLU A 125 8.90 5.40 -28.09
N GLY A 126 9.07 6.63 -28.57
CA GLY A 126 10.32 7.08 -29.14
C GLY A 126 11.44 7.07 -28.13
N CYS A 127 12.63 6.71 -28.63
CA CYS A 127 13.88 6.65 -27.85
C CYS A 127 14.00 5.49 -26.87
N LEU A 128 12.97 4.67 -26.70
CA LEU A 128 13.00 3.59 -25.72
C LEU A 128 13.98 2.49 -26.10
N VAL A 129 13.97 2.08 -27.37
CA VAL A 129 14.85 1.02 -27.85
C VAL A 129 16.30 1.48 -27.86
N ALA A 130 16.53 2.73 -28.28
CA ALA A 130 17.87 3.31 -28.30
C ALA A 130 18.45 3.47 -26.90
N SER A 131 17.60 3.82 -25.94
CA SER A 131 18.03 3.98 -24.55
C SER A 131 18.38 2.63 -23.94
N THR A 132 17.57 1.62 -24.23
CA THR A 132 17.81 0.26 -23.76
C THR A 132 19.09 -0.29 -24.36
N ASN A 133 19.32 0.02 -25.63
CA ASN A 133 20.50 -0.41 -26.36
C ASN A 133 21.77 0.22 -25.78
N ARG A 134 21.65 1.46 -25.32
CA ARG A 134 22.74 2.18 -24.69
C ARG A 134 23.08 1.58 -23.32
N GLY A 135 22.06 1.12 -22.60
CA GLY A 135 22.24 0.44 -21.34
C GLY A 135 22.96 -0.89 -21.52
N CYS A 136 22.60 -1.60 -22.59
CA CYS A 136 23.24 -2.86 -22.94
C CYS A 136 24.72 -2.65 -23.24
N ARG A 137 25.05 -1.52 -23.85
CA ARG A 137 26.43 -1.18 -24.21
C ARG A 137 27.29 -1.01 -22.97
N ALA A 138 26.74 -0.36 -21.95
CA ALA A 138 27.44 -0.14 -20.69
C ALA A 138 27.68 -1.45 -19.95
N ILE A 139 26.71 -2.36 -20.01
CA ILE A 139 26.83 -3.66 -19.36
C ILE A 139 27.87 -4.52 -20.08
N GLY A 140 27.91 -4.43 -21.41
CA GLY A 140 28.82 -5.23 -22.22
C GLY A 140 30.28 -4.84 -22.04
N LEU A 141 30.53 -3.56 -21.78
CA LEU A 141 31.89 -3.05 -21.57
C LEU A 141 32.34 -3.19 -20.12
N GLY A 142 31.43 -3.62 -19.24
CA GLY A 142 31.72 -3.82 -17.83
C GLY A 142 31.81 -5.27 -17.37
N GLY A 143 32.04 -6.19 -18.31
CA GLY A 143 32.24 -7.60 -17.98
C GLY A 143 30.98 -8.45 -17.93
N GLY A 144 29.83 -7.85 -18.23
CA GLY A 144 28.58 -8.58 -18.34
C GLY A 144 27.76 -8.58 -17.06
N ALA A 145 26.54 -9.10 -17.17
CA ALA A 145 25.62 -9.18 -16.03
C ALA A 145 25.43 -10.63 -15.61
N SER A 146 24.99 -10.82 -14.37
CA SER A 146 24.67 -12.15 -13.86
C SER A 146 23.28 -12.13 -13.20
N SER A 147 22.49 -13.15 -13.47
CA SER A 147 21.15 -13.27 -12.88
C SER A 147 20.89 -14.66 -12.31
N ARG A 148 19.97 -14.73 -11.34
CA ARG A 148 19.51 -16.00 -10.78
C ARG A 148 17.99 -16.01 -10.67
N VAL A 149 17.37 -17.16 -10.94
CA VAL A 149 15.96 -17.38 -10.65
C VAL A 149 15.85 -17.89 -9.21
N LEU A 150 15.17 -17.11 -8.37
CA LEU A 150 15.07 -17.38 -6.93
C LEU A 150 13.86 -18.26 -6.58
N ALA A 151 12.79 -18.10 -7.35
CA ALA A 151 11.55 -18.86 -7.12
C ALA A 151 10.76 -19.01 -8.42
N ASP A 152 9.89 -20.01 -8.45
CA ASP A 152 9.08 -20.30 -9.64
C ASP A 152 7.76 -20.96 -9.24
N GLY A 153 6.65 -20.32 -9.59
CA GLY A 153 5.35 -20.84 -9.24
C GLY A 153 4.23 -19.85 -9.48
N MET A 154 3.41 -20.11 -10.50
CA MET A 154 2.19 -19.35 -10.77
C MET A 154 1.18 -19.65 -9.67
N THR A 155 0.28 -18.71 -9.40
CA THR A 155 -0.71 -18.89 -8.34
C THR A 155 -2.14 -18.60 -8.75
N ARG A 156 -3.05 -19.13 -7.93
CA ARG A 156 -4.48 -18.89 -8.03
C ARG A 156 -5.00 -18.81 -6.60
N GLY A 157 -5.83 -17.82 -6.31
CA GLY A 157 -6.21 -17.51 -4.94
C GLY A 157 -7.71 -17.44 -4.79
N PRO A 158 -8.39 -18.59 -4.86
CA PRO A 158 -9.85 -18.65 -4.67
C PRO A 158 -10.31 -18.23 -3.28
N VAL A 159 -11.58 -17.85 -3.20
CA VAL A 159 -12.25 -17.60 -1.94
C VAL A 159 -13.37 -18.63 -1.74
N VAL A 160 -13.31 -19.33 -0.61
CA VAL A 160 -14.36 -20.24 -0.17
C VAL A 160 -15.00 -19.67 1.09
N ARG A 161 -16.19 -20.14 1.41
CA ARG A 161 -16.93 -19.67 2.59
C ARG A 161 -17.43 -20.86 3.40
N LEU A 162 -17.36 -20.73 4.72
CA LEU A 162 -17.95 -21.71 5.63
C LEU A 162 -19.10 -21.03 6.38
N PRO A 163 -20.00 -21.80 7.01
CA PRO A 163 -21.12 -21.21 7.77
C PRO A 163 -20.68 -20.24 8.87
N ARG A 164 -19.54 -20.51 9.50
CA ARG A 164 -18.99 -19.66 10.56
C ARG A 164 -17.47 -19.52 10.45
N ALA A 165 -16.92 -18.50 11.10
CA ALA A 165 -15.47 -18.31 11.21
C ALA A 165 -14.78 -19.45 11.96
N CYS A 166 -15.48 -20.09 12.89
CA CYS A 166 -14.92 -21.23 13.60
C CYS A 166 -14.76 -22.43 12.66
N ASP A 167 -15.63 -22.53 11.67
CA ASP A 167 -15.56 -23.58 10.66
C ASP A 167 -14.43 -23.33 9.64
N SER A 168 -14.29 -22.09 9.20
CA SER A 168 -13.20 -21.75 8.26
C SER A 168 -11.84 -21.86 8.95
N ALA A 169 -11.82 -21.68 10.27
CA ALA A 169 -10.61 -21.87 11.07
C ALA A 169 -10.22 -23.33 11.09
N GLU A 170 -11.22 -24.20 11.20
CA GLU A 170 -11.02 -25.64 11.17
C GLU A 170 -10.40 -26.07 9.84
N VAL A 171 -10.85 -25.47 8.74
CA VAL A 171 -10.37 -25.82 7.41
C VAL A 171 -8.92 -25.37 7.24
N LYS A 172 -8.61 -24.17 7.72
CA LYS A 172 -7.25 -23.63 7.68
C LYS A 172 -6.27 -24.54 8.43
N ALA A 173 -6.67 -24.97 9.63
CA ALA A 173 -5.81 -25.83 10.45
C ALA A 173 -5.62 -27.20 9.81
N TRP A 174 -6.68 -27.72 9.19
CA TRP A 174 -6.64 -29.00 8.50
C TRP A 174 -5.69 -28.96 7.30
N LEU A 175 -5.70 -27.84 6.58
CA LEU A 175 -4.82 -27.65 5.43
C LEU A 175 -3.35 -27.52 5.86
N GLU A 176 -3.13 -27.09 7.10
CA GLU A 176 -1.79 -26.92 7.65
C GLU A 176 -1.19 -28.22 8.21
N THR A 177 -2.03 -29.24 8.46
CA THR A 177 -1.52 -30.55 8.85
C THR A 177 -0.86 -31.22 7.65
N SER A 178 0.08 -32.12 7.92
CA SER A 178 0.80 -32.83 6.85
C SER A 178 -0.13 -33.75 6.08
N GLU A 179 -1.14 -34.28 6.77
CA GLU A 179 -2.07 -35.25 6.19
C GLU A 179 -3.09 -34.56 5.29
N GLY A 180 -3.65 -33.45 5.76
CA GLY A 180 -4.57 -32.65 4.96
C GLY A 180 -3.93 -32.07 3.72
N PHE A 181 -2.73 -31.52 3.86
CA PHE A 181 -2.00 -30.96 2.72
C PHE A 181 -1.65 -32.05 1.71
N ALA A 182 -1.32 -33.25 2.20
CA ALA A 182 -0.95 -34.37 1.33
C ALA A 182 -2.12 -34.78 0.43
N VAL A 183 -3.33 -34.73 0.97
CA VAL A 183 -4.53 -35.09 0.21
C VAL A 183 -4.84 -34.04 -0.85
N ILE A 184 -4.67 -32.77 -0.51
CA ILE A 184 -4.92 -31.67 -1.44
C ILE A 184 -3.87 -31.65 -2.53
N LYS A 185 -2.60 -31.85 -2.16
CA LYS A 185 -1.49 -31.90 -3.12
C LYS A 185 -1.67 -33.06 -4.10
N GLU A 186 -2.26 -34.15 -3.62
CA GLU A 186 -2.51 -35.33 -4.45
C GLU A 186 -3.57 -35.01 -5.51
N ALA A 187 -4.65 -34.35 -5.09
CA ALA A 187 -5.71 -33.92 -6.01
C ALA A 187 -5.19 -32.89 -7.02
N PHE A 188 -4.48 -31.87 -6.52
CA PHE A 188 -3.94 -30.80 -7.36
C PHE A 188 -2.97 -31.35 -8.42
N ASP A 189 -2.05 -32.21 -7.99
CA ASP A 189 -0.99 -32.74 -8.87
C ASP A 189 -1.50 -33.78 -9.86
N SER A 190 -2.70 -34.30 -9.64
CA SER A 190 -3.31 -35.28 -10.54
C SER A 190 -3.81 -34.66 -11.85
N THR A 191 -3.95 -33.34 -11.88
CA THR A 191 -4.51 -32.64 -13.05
C THR A 191 -3.49 -32.42 -14.16
N SER A 192 -2.20 -32.52 -13.84
CA SER A 192 -1.14 -32.28 -14.81
C SER A 192 0.20 -32.84 -14.33
N ARG A 193 1.02 -33.31 -15.28
CA ARG A 193 2.33 -33.89 -14.95
C ARG A 193 3.35 -32.84 -14.49
N PHE A 194 3.13 -31.58 -14.86
CA PHE A 194 4.00 -30.48 -14.43
C PHE A 194 3.60 -29.92 -13.06
N ALA A 195 2.41 -30.29 -12.58
CA ALA A 195 1.87 -29.77 -11.32
C ALA A 195 2.60 -30.35 -10.11
N ARG A 196 3.21 -29.47 -9.32
CA ARG A 196 3.78 -29.83 -8.02
C ARG A 196 3.41 -28.73 -7.00
N LEU A 197 2.38 -28.99 -6.20
CA LEU A 197 1.83 -27.98 -5.29
C LEU A 197 2.79 -27.71 -4.13
N GLN A 198 3.15 -26.44 -3.96
CA GLN A 198 4.00 -25.99 -2.87
C GLN A 198 3.15 -25.72 -1.63
N LYS A 199 3.78 -25.32 -0.54
CA LYS A 199 3.05 -25.04 0.70
C LYS A 199 1.94 -24.01 0.45
N LEU A 200 0.77 -24.26 1.03
CA LEU A 200 -0.37 -23.36 0.87
C LEU A 200 -0.24 -22.15 1.78
N HIS A 201 -0.61 -20.99 1.27
CA HIS A 201 -0.75 -19.80 2.09
C HIS A 201 -2.25 -19.51 2.20
N THR A 202 -2.77 -19.50 3.43
CA THR A 202 -4.19 -19.26 3.67
C THR A 202 -4.40 -18.03 4.55
N SER A 203 -5.48 -17.30 4.27
CA SER A 203 -5.85 -16.11 5.05
C SER A 203 -7.34 -16.12 5.33
N ILE A 204 -7.70 -15.93 6.59
CA ILE A 204 -9.10 -15.91 7.01
C ILE A 204 -9.61 -14.46 7.06
N ALA A 205 -10.87 -14.28 6.69
CA ALA A 205 -11.58 -13.03 6.89
C ALA A 205 -12.99 -13.40 7.36
N GLY A 206 -13.12 -13.66 8.66
CA GLY A 206 -14.36 -14.16 9.22
C GLY A 206 -14.61 -15.57 8.73
N ARG A 207 -15.80 -15.79 8.17
CA ARG A 207 -16.16 -17.08 7.59
C ARG A 207 -15.59 -17.29 6.18
N ASN A 208 -14.94 -16.27 5.62
CA ASN A 208 -14.24 -16.43 4.34
C ASN A 208 -12.85 -17.03 4.56
N LEU A 209 -12.38 -17.76 3.55
CA LEU A 209 -11.04 -18.35 3.55
C LEU A 209 -10.43 -18.20 2.17
N TYR A 210 -9.32 -17.50 2.09
CA TYR A 210 -8.60 -17.30 0.83
C TYR A 210 -7.41 -18.25 0.82
N ILE A 211 -7.33 -19.08 -0.21
CA ILE A 211 -6.30 -20.11 -0.31
C ILE A 211 -5.46 -19.85 -1.55
N ARG A 212 -4.18 -19.57 -1.36
CA ARG A 212 -3.28 -19.29 -2.47
C ARG A 212 -2.53 -20.57 -2.86
N PHE A 213 -2.98 -21.19 -3.95
CA PHE A 213 -2.31 -22.35 -4.54
C PHE A 213 -1.15 -21.86 -5.39
N GLN A 214 0.01 -22.49 -5.23
CA GLN A 214 1.22 -22.14 -5.99
C GLN A 214 1.88 -23.41 -6.52
N SER A 215 2.33 -23.36 -7.77
CA SER A 215 3.00 -24.49 -8.38
C SER A 215 3.74 -24.09 -9.66
N ARG A 216 4.82 -24.80 -9.96
CA ARG A 216 5.49 -24.66 -11.24
C ARG A 216 4.54 -25.14 -12.32
N SER A 217 4.83 -24.77 -13.56
CA SER A 217 3.96 -25.08 -14.68
C SER A 217 4.77 -25.31 -15.95
N GLY A 218 5.91 -25.98 -15.81
CA GLY A 218 6.83 -26.19 -16.91
C GLY A 218 7.22 -24.86 -17.54
N ASP A 219 7.05 -24.74 -18.85
CA ASP A 219 7.38 -23.52 -19.56
C ASP A 219 6.17 -22.62 -19.81
N ALA A 220 4.97 -23.12 -19.53
CA ALA A 220 3.77 -22.28 -19.63
C ALA A 220 3.75 -21.22 -18.54
N MET A 221 3.04 -20.13 -18.80
CA MET A 221 2.79 -19.11 -17.78
C MET A 221 2.02 -19.76 -16.62
N GLY A 222 1.11 -20.67 -16.97
CA GLY A 222 0.52 -21.59 -16.00
C GLY A 222 -0.87 -21.25 -15.50
N MET A 223 -1.46 -20.17 -16.00
CA MET A 223 -2.76 -19.72 -15.48
C MET A 223 -3.82 -20.82 -15.60
N ASN A 224 -3.97 -21.38 -16.80
CA ASN A 224 -4.95 -22.43 -17.05
C ASN A 224 -4.66 -23.69 -16.24
N MET A 225 -3.39 -24.09 -16.23
CA MET A 225 -2.94 -25.27 -15.51
C MET A 225 -3.18 -25.17 -13.99
N ILE A 226 -2.90 -24.00 -13.41
CA ILE A 226 -3.04 -23.80 -11.97
C ILE A 226 -4.52 -23.73 -11.59
N SER A 227 -5.35 -23.19 -12.49
CA SER A 227 -6.78 -23.06 -12.24
C SER A 227 -7.46 -24.43 -12.26
N LYS A 228 -7.02 -25.28 -13.18
CA LYS A 228 -7.54 -26.66 -13.27
C LYS A 228 -7.15 -27.43 -12.02
N GLY A 229 -5.91 -27.27 -11.59
CA GLY A 229 -5.43 -27.90 -10.36
C GLY A 229 -6.22 -27.41 -9.16
N THR A 230 -6.50 -26.12 -9.13
CA THR A 230 -7.24 -25.51 -8.03
C THR A 230 -8.67 -26.03 -7.95
N GLU A 231 -9.30 -26.24 -9.10
CA GLU A 231 -10.67 -26.73 -9.14
C GLU A 231 -10.78 -28.14 -8.58
N LYS A 232 -9.83 -29.00 -8.94
CA LYS A 232 -9.77 -30.37 -8.45
C LYS A 232 -9.43 -30.43 -6.96
N ALA A 233 -8.56 -29.52 -6.51
CA ALA A 233 -8.14 -29.46 -5.12
C ALA A 233 -9.30 -29.03 -4.22
N LEU A 234 -10.13 -28.12 -4.72
CA LEU A 234 -11.27 -27.59 -3.96
C LEU A 234 -12.42 -28.60 -3.91
N SER A 235 -12.55 -29.41 -4.95
CA SER A 235 -13.54 -30.48 -4.98
C SER A 235 -13.20 -31.54 -3.94
N LYS A 236 -11.91 -31.82 -3.79
CA LYS A 236 -11.42 -32.76 -2.79
C LYS A 236 -11.62 -32.21 -1.38
N LEU A 237 -11.40 -30.91 -1.20
CA LEU A 237 -11.60 -30.26 0.08
C LEU A 237 -13.07 -30.31 0.49
N HIS A 238 -13.96 -30.25 -0.51
CA HIS A 238 -15.39 -30.28 -0.27
C HIS A 238 -15.89 -31.63 0.25
N GLU A 239 -15.18 -32.71 -0.10
CA GLU A 239 -15.49 -34.05 0.43
C GLU A 239 -15.29 -34.12 1.94
N TYR A 240 -14.24 -33.46 2.44
CA TYR A 240 -13.96 -33.42 3.87
C TYR A 240 -14.77 -32.36 4.60
N PHE A 241 -15.20 -31.32 3.87
CA PHE A 241 -15.98 -30.22 4.42
C PHE A 241 -17.13 -29.90 3.48
N PRO A 242 -18.24 -30.66 3.58
CA PRO A 242 -19.38 -30.49 2.66
C PRO A 242 -20.14 -29.17 2.79
N GLU A 243 -19.97 -28.45 3.90
CA GLU A 243 -20.66 -27.17 4.11
C GLU A 243 -19.93 -26.01 3.43
N MET A 244 -18.74 -26.27 2.89
CA MET A 244 -17.93 -25.24 2.23
C MET A 244 -18.54 -24.83 0.88
N GLN A 245 -18.75 -23.54 0.69
CA GLN A 245 -19.17 -22.97 -0.58
C GLN A 245 -17.95 -22.44 -1.33
N ILE A 246 -17.80 -22.80 -2.60
CA ILE A 246 -16.80 -22.19 -3.46
C ILE A 246 -17.40 -20.94 -4.07
N LEU A 247 -17.07 -19.78 -3.51
CA LEU A 247 -17.64 -18.51 -3.96
C LEU A 247 -17.07 -18.07 -5.30
N ALA A 248 -15.77 -18.24 -5.50
CA ALA A 248 -15.10 -17.90 -6.76
C ALA A 248 -13.73 -18.53 -6.87
N VAL A 249 -13.40 -19.05 -8.05
CA VAL A 249 -12.12 -19.70 -8.30
C VAL A 249 -10.96 -18.70 -8.19
N SER A 250 -11.25 -17.43 -8.47
CA SER A 250 -10.36 -16.33 -8.12
C SER A 250 -11.08 -15.37 -7.20
N GLY A 251 -10.58 -15.25 -5.97
CA GLY A 251 -11.03 -14.25 -5.03
C GLY A 251 -10.04 -13.11 -4.86
N ASN A 252 -9.32 -12.79 -5.93
CA ASN A 252 -8.30 -11.72 -5.96
C ASN A 252 -7.12 -11.90 -4.99
N TYR A 253 -6.89 -13.13 -4.53
CA TYR A 253 -5.79 -13.43 -3.63
C TYR A 253 -4.57 -14.02 -4.37
N CYS A 254 -4.65 -14.05 -5.70
CA CYS A 254 -3.60 -14.66 -6.53
C CYS A 254 -2.26 -13.90 -6.48
N THR A 255 -2.21 -12.60 -6.77
CA THR A 255 -3.26 -11.78 -7.37
C THR A 255 -2.87 -11.56 -8.84
N ASP A 256 -3.85 -11.67 -9.73
CA ASP A 256 -3.62 -11.62 -11.16
C ASP A 256 -4.10 -10.28 -11.74
N LYS A 257 -3.19 -9.55 -12.38
CA LYS A 257 -3.49 -8.32 -13.13
C LYS A 257 -4.07 -7.17 -12.30
N LYS A 258 -3.77 -7.17 -11.00
CA LYS A 258 -4.01 -6.02 -10.13
C LYS A 258 -2.77 -5.80 -9.28
N PRO A 259 -2.51 -4.56 -8.88
CA PRO A 259 -1.44 -4.29 -7.93
C PRO A 259 -1.77 -4.92 -6.57
N ALA A 260 -0.80 -5.61 -5.97
CA ALA A 260 -1.03 -6.33 -4.73
C ALA A 260 0.27 -6.62 -3.99
N ALA A 261 0.27 -6.34 -2.69
CA ALA A 261 1.45 -6.54 -1.87
C ALA A 261 1.83 -8.01 -1.74
N ILE A 262 0.86 -8.91 -1.86
CA ILE A 262 1.12 -10.34 -1.72
C ILE A 262 2.05 -10.86 -2.83
N ASN A 263 1.95 -10.30 -4.03
CA ASN A 263 2.87 -10.66 -5.12
C ASN A 263 4.28 -10.13 -4.87
N TRP A 264 4.36 -8.97 -4.24
CA TRP A 264 5.64 -8.36 -3.90
C TRP A 264 6.37 -9.13 -2.79
N ILE A 265 5.62 -9.65 -1.82
CA ILE A 265 6.20 -10.28 -0.64
C ILE A 265 6.43 -11.78 -0.81
N GLU A 266 5.48 -12.47 -1.44
CA GLU A 266 5.54 -13.92 -1.62
C GLU A 266 6.11 -14.32 -2.99
N GLY A 267 6.09 -13.39 -3.94
CA GLY A 267 6.45 -13.68 -5.31
C GLY A 267 5.28 -14.28 -6.08
N ARG A 268 5.36 -14.22 -7.40
CA ARG A 268 4.38 -14.87 -8.27
C ARG A 268 4.99 -15.08 -9.66
N GLY A 269 4.84 -16.26 -10.22
CA GLY A 269 5.60 -16.64 -11.39
C GLY A 269 7.06 -16.77 -11.01
N LYS A 270 7.95 -16.13 -11.77
CA LYS A 270 9.39 -16.19 -11.53
C LYS A 270 9.86 -14.99 -10.71
N SER A 271 10.53 -15.25 -9.60
CA SER A 271 11.27 -14.23 -8.87
C SER A 271 12.71 -14.27 -9.38
N VAL A 272 13.24 -13.10 -9.74
CA VAL A 272 14.55 -13.00 -10.39
C VAL A 272 15.35 -11.83 -9.82
N VAL A 273 16.67 -11.98 -9.81
CA VAL A 273 17.57 -10.88 -9.48
C VAL A 273 18.68 -10.82 -10.53
N CYS A 274 19.08 -9.60 -10.89
CA CYS A 274 20.16 -9.37 -11.85
C CYS A 274 21.15 -8.37 -11.25
N GLU A 275 22.35 -8.33 -11.79
CA GLU A 275 23.39 -7.42 -11.30
C GLU A 275 24.53 -7.20 -12.29
N ALA A 276 25.27 -6.11 -12.08
CA ALA A 276 26.38 -5.75 -12.96
C ALA A 276 27.23 -4.65 -12.33
N VAL A 277 28.54 -4.69 -12.59
CA VAL A 277 29.44 -3.61 -12.20
C VAL A 277 29.85 -2.87 -13.48
N ILE A 278 29.60 -1.56 -13.50
CA ILE A 278 29.92 -0.72 -14.64
C ILE A 278 31.14 0.12 -14.27
N PRO A 279 32.27 -0.10 -14.93
CA PRO A 279 33.49 0.65 -14.64
C PRO A 279 33.29 2.17 -14.71
N ALA A 280 34.04 2.93 -13.91
CA ALA A 280 33.93 4.39 -13.86
C ALA A 280 34.08 5.04 -15.23
N LYS A 281 34.98 4.47 -16.05
CA LYS A 281 35.24 4.96 -17.40
C LYS A 281 34.02 4.77 -18.30
N VAL A 282 33.37 3.60 -18.19
CA VAL A 282 32.18 3.29 -18.97
C VAL A 282 30.98 4.15 -18.56
N VAL A 283 30.90 4.51 -17.28
CA VAL A 283 29.82 5.38 -16.81
C VAL A 283 29.96 6.77 -17.44
N ARG A 284 31.20 7.22 -17.62
CA ARG A 284 31.48 8.53 -18.21
C ARG A 284 31.24 8.59 -19.71
N GLU A 285 31.73 7.59 -20.44
CA GLU A 285 31.80 7.65 -21.91
C GLU A 285 30.54 7.10 -22.59
N VAL A 286 29.90 6.11 -21.98
CA VAL A 286 28.67 5.54 -22.51
C VAL A 286 27.45 6.25 -21.91
N LEU A 287 27.40 6.32 -20.59
CA LEU A 287 26.24 6.88 -19.89
C LEU A 287 26.30 8.39 -19.68
N LYS A 288 27.47 9.00 -19.95
CA LYS A 288 27.64 10.46 -19.89
C LYS A 288 27.35 11.06 -18.50
N THR A 289 27.79 10.37 -17.46
CA THR A 289 27.56 10.80 -16.08
C THR A 289 28.65 10.26 -15.14
N THR A 290 28.45 10.39 -13.83
CA THR A 290 29.34 9.78 -12.83
C THR A 290 28.58 8.75 -11.99
N THR A 291 29.34 7.90 -11.30
CA THR A 291 28.77 6.93 -10.38
C THR A 291 28.06 7.62 -9.20
N GLU A 292 28.65 8.71 -8.73
CA GLU A 292 28.11 9.47 -7.60
C GLU A 292 26.73 10.07 -7.92
N ALA A 293 26.59 10.56 -9.15
CA ALA A 293 25.33 11.16 -9.59
C ALA A 293 24.24 10.12 -9.73
N MET A 294 24.61 8.92 -10.20
CA MET A 294 23.67 7.82 -10.39
C MET A 294 23.09 7.32 -9.07
N ILE A 295 23.96 7.17 -8.08
CA ILE A 295 23.57 6.67 -6.75
C ILE A 295 22.67 7.68 -6.03
N GLU A 296 22.95 8.96 -6.22
CA GLU A 296 22.19 10.04 -5.61
C GLU A 296 20.75 10.07 -6.13
N VAL A 297 20.59 9.86 -7.43
CA VAL A 297 19.27 9.85 -8.05
C VAL A 297 18.51 8.59 -7.70
N ASN A 298 19.19 7.44 -7.68
CA ASN A 298 18.54 6.17 -7.37
C ASN A 298 17.99 6.11 -5.95
N ILE A 299 18.71 6.71 -5.01
CA ILE A 299 18.25 6.79 -3.62
C ILE A 299 17.03 7.70 -3.54
N ASN A 300 17.14 8.91 -4.07
CA ASN A 300 16.11 9.94 -3.87
C ASN A 300 14.94 9.89 -4.87
N LYS A 301 15.05 9.08 -5.91
CA LYS A 301 13.98 8.87 -6.88
C LYS A 301 13.36 7.50 -6.66
N ASN A 302 14.15 6.45 -6.85
CA ASN A 302 13.64 5.08 -6.82
C ASN A 302 13.30 4.57 -5.43
N LEU A 303 13.95 5.09 -4.39
CA LEU A 303 13.65 4.67 -3.02
C LEU A 303 12.82 5.70 -2.26
N VAL A 304 13.33 6.91 -2.11
CA VAL A 304 12.65 7.94 -1.33
C VAL A 304 11.45 8.50 -2.09
N GLY A 305 11.63 8.73 -3.39
CA GLY A 305 10.55 9.25 -4.23
C GLY A 305 9.34 8.34 -4.30
N SER A 306 9.58 7.05 -4.54
CA SER A 306 8.51 6.06 -4.59
C SER A 306 7.88 5.90 -3.21
N ALA A 307 8.69 6.07 -2.15
CA ALA A 307 8.20 6.00 -0.78
C ALA A 307 7.23 7.14 -0.48
N MET A 308 7.53 8.34 -0.96
CA MET A 308 6.67 9.51 -0.75
C MET A 308 5.36 9.40 -1.55
N ALA A 309 5.44 8.71 -2.70
CA ALA A 309 4.28 8.50 -3.54
C ALA A 309 3.38 7.35 -3.05
N GLY A 310 3.83 6.62 -2.04
CA GLY A 310 3.05 5.53 -1.48
C GLY A 310 3.02 4.32 -2.39
N SER A 311 4.21 3.91 -2.84
CA SER A 311 4.32 2.83 -3.81
C SER A 311 4.60 1.51 -3.12
N ILE A 312 3.95 0.46 -3.60
CA ILE A 312 4.26 -0.91 -3.22
C ILE A 312 4.77 -1.60 -4.47
N GLY A 313 6.05 -1.94 -4.49
CA GLY A 313 6.66 -2.63 -5.61
C GLY A 313 7.19 -1.74 -6.73
N GLY A 314 7.03 -0.43 -6.61
CA GLY A 314 7.39 0.49 -7.69
C GLY A 314 8.68 1.26 -7.44
N TYR A 315 9.70 0.56 -6.94
CA TYR A 315 10.97 1.20 -6.57
C TYR A 315 11.97 1.15 -7.72
N ASN A 316 11.55 1.68 -8.87
CA ASN A 316 12.34 1.66 -10.10
C ASN A 316 11.99 2.86 -11.00
N ALA A 317 12.77 3.06 -12.05
CA ALA A 317 12.56 4.16 -12.97
C ALA A 317 11.45 3.85 -14.00
N HIS A 318 11.63 2.79 -14.78
CA HIS A 318 10.70 2.46 -15.86
C HIS A 318 10.74 0.99 -16.28
N ALA A 319 10.79 0.09 -15.29
CA ALA A 319 10.74 -1.36 -15.55
C ALA A 319 9.56 -1.73 -16.47
N ALA A 320 8.42 -1.08 -16.27
CA ALA A 320 7.21 -1.34 -17.07
C ALA A 320 7.41 -1.11 -18.57
N ASN A 321 8.22 -0.11 -18.94
CA ASN A 321 8.55 0.13 -20.35
C ASN A 321 9.18 -1.08 -21.04
N ILE A 322 10.19 -1.66 -20.39
CA ILE A 322 10.93 -2.79 -20.97
C ILE A 322 10.08 -4.06 -20.92
N VAL A 323 9.44 -4.31 -19.78
CA VAL A 323 8.61 -5.48 -19.60
C VAL A 323 7.52 -5.53 -20.66
N THR A 324 6.85 -4.41 -20.87
CA THR A 324 5.74 -4.33 -21.82
C THR A 324 6.22 -4.54 -23.25
N ALA A 325 7.39 -3.99 -23.58
CA ALA A 325 7.94 -4.10 -24.92
C ALA A 325 8.28 -5.54 -25.27
N ILE A 326 8.96 -6.24 -24.38
CA ILE A 326 9.36 -7.63 -24.59
C ILE A 326 8.12 -8.54 -24.61
N TYR A 327 7.14 -8.22 -23.76
CA TYR A 327 5.92 -9.02 -23.62
C TYR A 327 5.10 -9.03 -24.91
N ILE A 328 4.92 -7.86 -25.51
CA ILE A 328 4.15 -7.74 -26.75
C ILE A 328 4.89 -8.43 -27.90
N ALA A 329 6.22 -8.33 -27.89
CA ALA A 329 7.06 -8.94 -28.92
C ALA A 329 7.09 -10.47 -28.82
N CYS A 330 7.01 -11.00 -27.61
CA CYS A 330 7.21 -12.42 -27.36
C CYS A 330 5.91 -13.18 -27.05
N GLY A 331 4.77 -12.59 -27.40
CA GLY A 331 3.48 -13.26 -27.28
C GLY A 331 2.95 -13.45 -25.87
N GLN A 332 3.43 -12.64 -24.94
CA GLN A 332 2.99 -12.70 -23.54
C GLN A 332 1.68 -11.97 -23.34
N ASP A 333 1.07 -12.17 -22.18
CA ASP A 333 -0.11 -11.45 -21.75
C ASP A 333 0.34 -10.07 -21.26
N ALA A 334 0.19 -9.05 -22.10
CA ALA A 334 0.68 -7.71 -21.78
C ALA A 334 -0.06 -7.06 -20.61
N ALA A 335 -1.27 -7.51 -20.33
CA ALA A 335 -2.03 -7.07 -19.16
C ALA A 335 -1.32 -7.43 -17.84
N GLN A 336 -0.53 -8.50 -17.86
CA GLN A 336 0.23 -8.92 -16.68
C GLN A 336 1.44 -8.06 -16.37
N ASN A 337 1.67 -7.03 -17.19
CA ASN A 337 2.63 -5.97 -16.88
C ASN A 337 2.38 -5.34 -15.51
N VAL A 338 1.12 -5.32 -15.06
CA VAL A 338 0.76 -4.73 -13.77
C VAL A 338 1.67 -5.27 -12.66
N GLY A 339 1.68 -6.58 -12.47
CA GLY A 339 2.49 -7.21 -11.44
C GLY A 339 3.91 -7.58 -11.88
N SER A 340 4.08 -7.92 -13.15
CA SER A 340 5.38 -8.34 -13.68
C SER A 340 6.43 -7.23 -13.65
N SER A 341 5.97 -5.98 -13.66
CA SER A 341 6.85 -4.81 -13.65
C SER A 341 7.37 -4.47 -12.26
N ASN A 342 6.83 -5.10 -11.22
CA ASN A 342 7.36 -4.97 -9.86
C ASN A 342 8.87 -5.11 -9.88
N CYS A 343 9.56 -4.12 -9.33
CA CYS A 343 11.02 -4.03 -9.39
C CYS A 343 11.58 -3.05 -8.36
N ILE A 344 12.69 -3.43 -7.73
CA ILE A 344 13.47 -2.50 -6.92
C ILE A 344 14.88 -2.44 -7.50
N THR A 345 15.33 -1.22 -7.83
CA THR A 345 16.64 -1.00 -8.42
C THR A 345 17.53 -0.38 -7.35
N LEU A 346 18.68 -1.01 -7.10
CA LEU A 346 19.63 -0.55 -6.10
C LEU A 346 20.96 -0.20 -6.74
N MET A 347 21.64 0.80 -6.18
CA MET A 347 22.92 1.26 -6.71
C MET A 347 23.88 1.61 -5.57
N GLU A 348 25.13 1.15 -5.69
CA GLU A 348 26.18 1.39 -4.71
C GLU A 348 27.51 1.72 -5.39
N ALA A 349 28.41 2.33 -4.62
CA ALA A 349 29.80 2.49 -5.04
C ALA A 349 30.49 1.13 -4.93
N SER A 350 31.48 0.90 -5.78
CA SER A 350 32.13 -0.40 -5.88
C SER A 350 33.59 -0.29 -6.36
N GLY A 351 34.35 -1.36 -6.15
CA GLY A 351 35.74 -1.42 -6.59
C GLY A 351 36.71 -0.86 -5.57
N PRO A 352 37.98 -0.78 -5.94
CA PRO A 352 39.03 -0.31 -5.03
C PRO A 352 38.99 1.20 -4.79
N THR A 353 38.58 1.97 -5.79
CA THR A 353 38.51 3.43 -5.70
C THR A 353 37.11 3.91 -5.30
N ASN A 354 36.17 2.98 -5.17
CA ASN A 354 34.75 3.30 -4.94
C ASN A 354 34.17 4.21 -6.03
N GLU A 355 34.66 4.06 -7.25
CA GLU A 355 34.22 4.87 -8.40
C GLU A 355 33.41 4.06 -9.41
N ASP A 356 33.42 2.73 -9.29
CA ASP A 356 32.64 1.86 -10.16
C ASP A 356 31.20 1.76 -9.64
N LEU A 357 30.27 1.50 -10.55
CA LEU A 357 28.84 1.52 -10.23
C LEU A 357 28.26 0.12 -10.17
N TYR A 358 28.00 -0.36 -8.95
CA TYR A 358 27.26 -1.60 -8.74
C TYR A 358 25.77 -1.32 -8.90
N ILE A 359 25.09 -2.14 -9.70
CA ILE A 359 23.64 -2.03 -9.87
C ILE A 359 22.99 -3.40 -9.82
N SER A 360 21.81 -3.46 -9.22
CA SER A 360 20.99 -4.68 -9.24
C SER A 360 19.53 -4.33 -9.44
N CYS A 361 18.80 -5.24 -10.07
CA CYS A 361 17.35 -5.15 -10.18
C CYS A 361 16.74 -6.45 -9.68
N THR A 362 15.81 -6.35 -8.75
CA THR A 362 15.11 -7.50 -8.20
C THR A 362 13.63 -7.42 -8.58
N MET A 363 13.16 -8.44 -9.28
CA MET A 363 11.78 -8.49 -9.76
C MET A 363 11.13 -9.79 -9.27
N PRO A 364 10.35 -9.69 -8.18
CA PRO A 364 9.81 -10.88 -7.52
C PRO A 364 8.61 -11.55 -8.21
N SER A 365 8.03 -10.96 -9.24
CA SER A 365 6.79 -11.50 -9.79
C SER A 365 6.64 -11.37 -11.31
N ILE A 366 7.65 -11.84 -12.04
CA ILE A 366 7.59 -11.90 -13.51
C ILE A 366 6.72 -13.08 -13.97
N GLU A 367 5.56 -12.77 -14.54
CA GLU A 367 4.60 -13.76 -14.99
C GLU A 367 4.79 -14.00 -16.49
N ILE A 368 5.40 -15.13 -16.83
CA ILE A 368 5.95 -15.35 -18.16
C ILE A 368 5.92 -16.81 -18.61
N GLY A 369 5.88 -17.01 -19.92
CA GLY A 369 5.88 -18.34 -20.52
C GLY A 369 6.33 -18.34 -21.97
N THR A 370 6.76 -19.52 -22.44
CA THR A 370 7.20 -19.68 -23.83
C THR A 370 6.34 -20.69 -24.60
N VAL A 371 5.33 -21.26 -23.94
CA VAL A 371 4.32 -22.09 -24.58
C VAL A 371 2.92 -21.58 -24.20
N GLY A 372 1.99 -21.68 -25.14
CA GLY A 372 0.59 -21.32 -24.89
C GLY A 372 0.28 -19.86 -25.16
N GLY A 373 -1.00 -19.56 -25.29
CA GLY A 373 -1.48 -18.20 -25.50
C GLY A 373 -0.96 -17.57 -26.78
N GLY A 374 -0.41 -16.37 -26.66
CA GLY A 374 0.14 -15.64 -27.80
C GLY A 374 1.42 -16.24 -28.36
N THR A 375 2.11 -17.07 -27.59
CA THR A 375 3.34 -17.71 -28.06
C THR A 375 3.10 -18.88 -29.05
N ASN A 376 1.84 -19.18 -29.34
CA ASN A 376 1.49 -20.14 -30.38
C ASN A 376 1.48 -19.53 -31.78
N LEU A 377 1.49 -18.20 -31.85
CA LEU A 377 1.46 -17.48 -33.12
C LEU A 377 2.89 -17.39 -33.68
N LEU A 378 3.02 -17.52 -34.99
CA LEU A 378 4.34 -17.61 -35.64
C LEU A 378 5.21 -16.35 -35.50
N PRO A 379 4.63 -15.16 -35.68
CA PRO A 379 5.42 -13.92 -35.52
C PRO A 379 6.03 -13.76 -34.12
N GLN A 380 5.28 -14.05 -33.06
CA GLN A 380 5.83 -13.89 -31.71
C GLN A 380 6.71 -15.08 -31.33
N GLN A 381 6.62 -16.19 -32.08
CA GLN A 381 7.55 -17.30 -31.95
C GLN A 381 8.90 -16.92 -32.55
N ALA A 382 8.89 -16.03 -33.54
CA ALA A 382 10.12 -15.53 -34.16
C ALA A 382 10.97 -14.78 -33.14
N CYS A 383 10.32 -13.95 -32.33
CA CYS A 383 11.00 -13.18 -31.29
C CYS A 383 11.51 -14.07 -30.16
N LEU A 384 10.73 -15.08 -29.79
CA LEU A 384 11.17 -16.06 -28.82
C LEU A 384 12.36 -16.87 -29.35
N GLN A 385 12.37 -17.13 -30.65
CA GLN A 385 13.45 -17.88 -31.29
C GLN A 385 14.75 -17.07 -31.34
N MET A 386 14.64 -15.75 -31.40
CA MET A 386 15.82 -14.87 -31.35
C MET A 386 16.59 -15.08 -30.05
N LEU A 387 15.85 -15.25 -28.95
CA LEU A 387 16.44 -15.44 -27.63
C LEU A 387 16.74 -16.90 -27.29
N GLY A 388 16.32 -17.82 -28.15
CA GLY A 388 16.58 -19.24 -27.98
C GLY A 388 15.72 -19.89 -26.91
N VAL A 389 14.52 -19.35 -26.68
CA VAL A 389 13.65 -19.81 -25.61
C VAL A 389 12.25 -20.23 -26.09
N GLN A 390 12.08 -20.39 -27.41
CA GLN A 390 10.77 -20.74 -27.96
C GLN A 390 10.36 -22.18 -27.59
N GLY A 391 9.12 -22.33 -27.13
CA GLY A 391 8.54 -23.63 -26.87
C GLY A 391 8.95 -24.24 -25.55
N ALA A 392 8.60 -25.52 -25.38
CA ALA A 392 8.93 -26.27 -24.17
C ALA A 392 10.32 -26.91 -24.28
N CYS A 393 11.09 -26.83 -23.21
CA CYS A 393 12.36 -27.55 -23.10
C CYS A 393 12.08 -28.98 -22.63
N LYS A 394 12.37 -29.96 -23.48
CA LYS A 394 12.09 -31.36 -23.18
C LYS A 394 13.02 -31.91 -22.09
N ASP A 395 14.30 -31.55 -22.18
CA ASP A 395 15.32 -32.09 -21.28
C ASP A 395 15.29 -31.48 -19.88
N ASN A 396 14.63 -30.34 -19.73
CA ASN A 396 14.54 -29.65 -18.44
C ASN A 396 13.31 -28.73 -18.42
N PRO A 397 12.14 -29.29 -18.13
CA PRO A 397 10.89 -28.51 -18.09
C PRO A 397 10.98 -27.23 -17.26
N GLY A 398 10.80 -26.09 -17.93
CA GLY A 398 10.79 -24.79 -17.29
C GLY A 398 12.02 -23.95 -17.56
N GLU A 399 13.01 -24.50 -18.26
CA GLU A 399 14.28 -23.81 -18.48
C GLU A 399 14.13 -22.66 -19.48
N ASN A 400 13.27 -22.85 -20.48
CA ASN A 400 13.02 -21.80 -21.47
C ASN A 400 12.31 -20.59 -20.86
N ALA A 401 11.30 -20.84 -20.03
CA ALA A 401 10.59 -19.78 -19.32
C ALA A 401 11.48 -19.09 -18.30
N ARG A 402 12.35 -19.86 -17.64
CA ARG A 402 13.29 -19.33 -16.67
C ARG A 402 14.29 -18.41 -17.36
N GLN A 403 14.74 -18.82 -18.54
CA GLN A 403 15.72 -18.06 -19.31
C GLN A 403 15.13 -16.74 -19.79
N LEU A 404 13.86 -16.76 -20.19
CA LEU A 404 13.19 -15.55 -20.67
C LEU A 404 12.99 -14.56 -19.52
N ALA A 405 12.68 -15.08 -18.33
CA ALA A 405 12.52 -14.25 -17.14
C ALA A 405 13.82 -13.53 -16.79
N ARG A 406 14.94 -14.23 -16.98
CA ARG A 406 16.25 -13.67 -16.71
C ARG A 406 16.59 -12.56 -17.71
N ILE A 407 16.20 -12.75 -18.97
CA ILE A 407 16.44 -11.76 -20.02
C ILE A 407 15.60 -10.50 -19.79
N VAL A 408 14.40 -10.67 -19.23
CA VAL A 408 13.54 -9.54 -18.92
C VAL A 408 14.19 -8.70 -17.83
N CYS A 409 14.66 -9.36 -16.77
CA CYS A 409 15.28 -8.68 -15.64
C CYS A 409 16.57 -7.97 -16.04
N GLY A 410 17.34 -8.61 -16.93
CA GLY A 410 18.59 -8.04 -17.43
C GLY A 410 18.37 -6.86 -18.35
N THR A 411 17.32 -6.92 -19.17
CA THR A 411 16.96 -5.83 -20.06
C THR A 411 16.41 -4.65 -19.26
N VAL A 412 15.67 -4.94 -18.20
CA VAL A 412 15.16 -3.90 -17.32
C VAL A 412 16.35 -3.17 -16.69
N MET A 413 17.37 -3.90 -16.29
CA MET A 413 18.55 -3.32 -15.68
C MET A 413 19.30 -2.40 -16.65
N ALA A 414 19.33 -2.79 -17.93
CA ALA A 414 19.93 -1.97 -18.98
C ALA A 414 19.14 -0.68 -19.16
N GLY A 415 17.82 -0.80 -19.20
CA GLY A 415 16.93 0.35 -19.30
C GLY A 415 17.03 1.25 -18.10
N GLU A 416 17.22 0.67 -16.91
CA GLU A 416 17.36 1.44 -15.68
C GLU A 416 18.63 2.27 -15.72
N LEU A 417 19.72 1.70 -16.23
CA LEU A 417 21.01 2.38 -16.26
C LEU A 417 20.96 3.62 -17.14
N SER A 418 20.34 3.48 -18.31
CA SER A 418 20.35 4.52 -19.32
C SER A 418 19.45 5.70 -18.97
N LEU A 419 18.22 5.40 -18.56
CA LEU A 419 17.27 6.46 -18.18
C LEU A 419 17.72 7.18 -16.91
N MET A 420 18.22 6.42 -15.94
CA MET A 420 18.72 7.01 -14.69
C MET A 420 19.95 7.89 -14.91
N ALA A 421 20.72 7.57 -15.94
CA ALA A 421 21.89 8.37 -16.32
C ALA A 421 21.45 9.66 -16.99
N ALA A 422 20.40 9.57 -17.82
CA ALA A 422 19.86 10.73 -18.51
C ALA A 422 19.20 11.71 -17.53
N LEU A 423 18.58 11.18 -16.48
CA LEU A 423 17.95 12.01 -15.46
C LEU A 423 19.00 12.66 -14.57
N ALA A 424 20.04 11.92 -14.25
CA ALA A 424 21.11 12.39 -13.37
C ALA A 424 21.92 13.52 -13.99
N ALA A 425 22.12 13.46 -15.29
CA ALA A 425 22.93 14.43 -16.02
C ALA A 425 22.10 15.50 -16.73
N GLY A 426 20.78 15.31 -16.74
CA GLY A 426 19.87 16.24 -17.38
C GLY A 426 19.86 16.16 -18.90
N HIS A 427 20.11 14.97 -19.44
CA HIS A 427 20.02 14.73 -20.89
C HIS A 427 18.61 14.30 -21.29
N LEU A 428 17.66 15.24 -21.28
CA LEU A 428 16.24 14.93 -21.43
C LEU A 428 15.66 15.21 -22.82
N VAL A 429 16.49 15.70 -23.73
CA VAL A 429 16.06 16.01 -25.09
C VAL A 429 16.09 14.75 -25.95
N LYS A 430 15.06 14.58 -26.78
CA LYS A 430 14.94 13.42 -27.65
C LYS A 430 14.94 13.83 -29.13
N GLU B 7 30.73 -9.46 -59.32
CA GLU B 7 29.91 -8.25 -59.01
C GLU B 7 30.32 -7.54 -57.70
N PRO B 8 30.65 -8.30 -56.66
CA PRO B 8 31.13 -7.69 -55.39
C PRO B 8 32.48 -6.99 -55.55
N ARG B 9 32.55 -5.72 -55.15
CA ARG B 9 33.76 -4.92 -55.24
C ARG B 9 34.46 -4.84 -53.88
N PRO B 10 35.73 -4.43 -53.85
CA PRO B 10 36.45 -4.23 -52.58
C PRO B 10 35.91 -3.07 -51.74
N ASN B 11 36.51 -2.86 -50.57
CA ASN B 11 36.02 -1.86 -49.61
C ASN B 11 36.28 -0.41 -50.03
N GLU B 12 37.47 -0.14 -50.58
CA GLU B 12 37.88 1.21 -50.95
C GLU B 12 37.08 1.77 -52.13
N GLU B 13 36.79 0.93 -53.11
CA GLU B 13 35.98 1.34 -54.28
C GLU B 13 34.52 1.57 -53.89
N CYS B 14 34.02 0.81 -52.93
CA CYS B 14 32.64 0.94 -52.44
C CYS B 14 32.43 2.17 -51.55
N LEU B 15 33.51 2.66 -50.94
CA LEU B 15 33.43 3.77 -49.99
C LEU B 15 33.32 5.12 -50.71
N GLN B 16 34.03 5.27 -51.82
CA GLN B 16 34.01 6.51 -52.60
C GLN B 16 32.67 6.74 -53.32
N ILE B 17 31.94 5.64 -53.58
CA ILE B 17 30.61 5.72 -54.20
C ILE B 17 29.57 6.27 -53.21
N LEU B 18 29.66 5.84 -51.95
CA LEU B 18 28.74 6.28 -50.90
C LEU B 18 28.96 7.74 -50.51
N GLY B 19 30.22 8.18 -50.49
CA GLY B 19 30.57 9.55 -50.20
C GLY B 19 30.14 10.53 -51.27
N ASN B 20 29.91 10.02 -52.49
CA ASN B 20 29.39 10.81 -53.59
C ASN B 20 27.99 11.35 -53.26
N ALA B 21 27.81 12.66 -53.40
CA ALA B 21 26.55 13.32 -53.02
C ALA B 21 25.39 13.03 -53.96
N GLU B 22 25.68 12.54 -55.17
CA GLU B 22 24.64 12.20 -56.14
C GLU B 22 24.68 10.71 -56.54
N LYS B 23 25.02 9.85 -55.58
CA LYS B 23 24.96 8.40 -55.77
C LYS B 23 24.48 7.71 -54.49
N GLY B 24 25.32 7.72 -53.46
CA GLY B 24 24.99 7.12 -52.18
C GLY B 24 24.96 5.60 -52.22
N ALA B 25 24.14 5.00 -51.36
CA ALA B 25 24.04 3.54 -51.26
C ALA B 25 23.14 2.91 -52.32
N LYS B 26 22.50 3.73 -53.15
CA LYS B 26 21.58 3.24 -54.18
C LYS B 26 22.25 2.29 -55.16
N PHE B 27 23.46 2.63 -55.60
CA PHE B 27 24.21 1.80 -56.56
C PHE B 27 24.80 0.54 -55.91
N LEU B 28 25.11 0.63 -54.61
CA LEU B 28 25.69 -0.49 -53.87
C LEU B 28 24.66 -1.59 -53.59
N SER B 29 25.12 -2.84 -53.62
CA SER B 29 24.24 -3.99 -53.43
C SER B 29 24.02 -4.30 -51.94
N ASP B 30 23.15 -5.27 -51.66
CA ASP B 30 22.84 -5.66 -50.28
C ASP B 30 24.05 -6.24 -49.58
N ALA B 31 24.72 -7.18 -50.25
CA ALA B 31 25.91 -7.84 -49.69
C ALA B 31 27.10 -6.89 -49.57
N GLU B 32 27.09 -5.80 -50.34
CA GLU B 32 28.19 -4.83 -50.33
C GLU B 32 28.16 -3.92 -49.10
N ILE B 33 26.97 -3.52 -48.67
CA ILE B 33 26.82 -2.66 -47.50
C ILE B 33 27.12 -3.43 -46.20
N ILE B 34 26.77 -4.71 -46.18
CA ILE B 34 27.08 -5.59 -45.04
C ILE B 34 28.59 -5.84 -44.96
N GLN B 35 29.27 -5.80 -46.10
CA GLN B 35 30.72 -5.96 -46.16
C GLN B 35 31.45 -4.78 -45.50
N LEU B 36 30.84 -3.60 -45.56
CA LEU B 36 31.40 -2.40 -44.93
C LEU B 36 31.23 -2.42 -43.41
N VAL B 37 30.17 -3.08 -42.94
CA VAL B 37 29.88 -3.17 -41.50
C VAL B 37 30.87 -4.09 -40.77
N ASN B 38 31.18 -5.23 -41.36
CA ASN B 38 32.12 -6.19 -40.77
C ASN B 38 33.56 -5.68 -40.79
N ALA B 39 33.91 -4.95 -41.84
CA ALA B 39 35.24 -4.33 -41.97
C ALA B 39 35.42 -3.15 -41.00
N LYS B 40 34.32 -2.65 -40.44
CA LYS B 40 34.32 -1.64 -39.37
C LYS B 40 34.69 -0.22 -39.84
N HIS B 41 34.66 0.02 -41.15
CA HIS B 41 34.86 1.37 -41.69
C HIS B 41 33.64 2.25 -41.40
N ILE B 42 32.45 1.64 -41.40
CA ILE B 42 31.21 2.29 -40.98
C ILE B 42 30.65 1.55 -39.76
N PRO B 43 30.29 2.28 -38.70
CA PRO B 43 29.66 1.66 -37.52
C PRO B 43 28.27 1.09 -37.79
N ALA B 44 27.66 0.50 -36.76
CA ALA B 44 26.34 -0.10 -36.87
C ALA B 44 25.24 0.97 -36.94
N TYR B 45 25.41 2.03 -36.15
CA TYR B 45 24.39 3.09 -36.03
C TYR B 45 24.37 4.11 -37.18
N LYS B 46 25.21 3.92 -38.19
CA LYS B 46 25.27 4.81 -39.35
C LYS B 46 24.58 4.17 -40.57
N LEU B 47 23.46 3.50 -40.33
CA LEU B 47 22.67 2.85 -41.38
C LEU B 47 21.27 3.46 -41.52
N GLU B 48 21.04 4.59 -40.86
CA GLU B 48 19.75 5.26 -40.86
C GLU B 48 19.73 6.37 -41.91
N THR B 49 20.69 7.30 -41.79
CA THR B 49 20.74 8.50 -42.63
C THR B 49 21.53 8.32 -43.93
N LEU B 50 22.03 7.11 -44.17
CA LEU B 50 22.84 6.83 -45.35
C LEU B 50 22.07 6.06 -46.43
N ILE B 51 21.23 5.10 -45.99
CA ILE B 51 20.36 4.38 -46.92
C ILE B 51 19.16 5.26 -47.25
N GLU B 52 18.70 5.16 -48.49
CA GLU B 52 17.66 6.07 -49.00
C GLU B 52 16.29 5.71 -48.45
N THR B 53 15.84 4.48 -48.72
CA THR B 53 14.53 4.02 -48.28
C THR B 53 14.61 3.40 -46.89
N HIS B 54 13.49 3.44 -46.17
CA HIS B 54 13.43 2.89 -44.82
C HIS B 54 13.33 1.37 -44.81
N GLU B 55 12.55 0.80 -45.73
CA GLU B 55 12.38 -0.66 -45.79
C GLU B 55 13.67 -1.40 -46.11
N ARG B 56 14.52 -0.80 -46.93
CA ARG B 56 15.81 -1.42 -47.27
C ARG B 56 16.76 -1.37 -46.07
N GLY B 57 16.66 -0.31 -45.27
CA GLY B 57 17.38 -0.22 -44.01
C GLY B 57 16.95 -1.26 -42.99
N VAL B 58 15.68 -1.64 -43.03
CA VAL B 58 15.14 -2.70 -42.18
C VAL B 58 15.65 -4.07 -42.66
N SER B 59 15.75 -4.22 -43.98
CA SER B 59 16.22 -5.48 -44.58
C SER B 59 17.70 -5.72 -44.30
N ILE B 60 18.48 -4.64 -44.24
CA ILE B 60 19.91 -4.73 -43.95
C ILE B 60 20.15 -5.02 -42.48
N ARG B 61 19.32 -4.43 -41.61
CA ARG B 61 19.42 -4.66 -40.18
C ARG B 61 19.07 -6.11 -39.81
N ARG B 62 18.13 -6.69 -40.55
CA ARG B 62 17.69 -8.07 -40.33
C ARG B 62 18.75 -9.08 -40.76
N GLN B 63 19.46 -8.79 -41.83
CA GLN B 63 20.49 -9.71 -42.36
C GLN B 63 21.73 -9.73 -41.47
N LEU B 64 22.13 -8.55 -40.98
CA LEU B 64 23.20 -8.44 -40.00
C LEU B 64 22.82 -9.16 -38.70
N LEU B 65 21.55 -9.08 -38.33
CA LEU B 65 21.05 -9.65 -37.09
C LEU B 65 20.98 -11.18 -37.16
N SER B 66 20.66 -11.72 -38.34
CA SER B 66 20.42 -13.15 -38.51
C SER B 66 21.68 -13.99 -38.26
N LYS B 67 22.84 -13.44 -38.60
CA LYS B 67 24.11 -14.14 -38.43
C LYS B 67 24.66 -14.07 -36.99
N LYS B 68 24.00 -13.28 -36.14
CA LYS B 68 24.33 -13.21 -34.71
C LYS B 68 23.49 -14.16 -33.87
N LEU B 69 22.29 -14.50 -34.35
CA LEU B 69 21.35 -15.32 -33.59
C LEU B 69 21.68 -16.80 -33.69
N SER B 70 21.41 -17.54 -32.61
CA SER B 70 21.66 -18.98 -32.57
C SER B 70 20.82 -19.76 -33.59
N GLU B 71 19.67 -19.18 -33.98
CA GLU B 71 18.80 -19.76 -35.00
C GLU B 71 18.76 -18.83 -36.22
N PRO B 72 19.22 -19.29 -37.39
CA PRO B 72 19.27 -18.46 -38.60
C PRO B 72 17.90 -18.00 -39.11
N SER B 73 16.95 -18.92 -39.20
CA SER B 73 15.63 -18.63 -39.77
C SER B 73 14.61 -18.20 -38.71
N SER B 74 15.08 -17.56 -37.64
CA SER B 74 14.19 -17.08 -36.57
C SER B 74 13.35 -15.89 -37.05
N LEU B 75 13.94 -15.01 -37.86
CA LEU B 75 13.24 -13.84 -38.38
C LEU B 75 12.29 -14.13 -39.55
N GLN B 76 12.22 -15.39 -39.97
CA GLN B 76 11.44 -15.77 -41.16
C GLN B 76 9.98 -15.33 -41.09
N TYR B 77 9.32 -15.63 -39.97
CA TYR B 77 7.89 -15.33 -39.80
C TYR B 77 7.61 -14.03 -39.05
N LEU B 78 8.65 -13.21 -38.84
CA LEU B 78 8.48 -11.84 -38.39
C LEU B 78 8.35 -10.94 -39.62
N PRO B 79 7.15 -10.43 -39.89
CA PRO B 79 6.92 -9.65 -41.10
C PRO B 79 7.57 -8.26 -41.04
N TYR B 80 7.96 -7.74 -42.21
CA TYR B 80 8.51 -6.39 -42.31
C TYR B 80 8.12 -5.62 -43.59
N ARG B 81 7.77 -6.34 -44.65
CA ARG B 81 7.47 -5.72 -45.95
C ARG B 81 6.10 -5.06 -46.00
N ASP B 82 5.94 -4.11 -46.92
CA ASP B 82 4.69 -3.38 -47.15
C ASP B 82 4.21 -2.57 -45.95
N TYR B 83 5.14 -2.16 -45.08
CA TYR B 83 4.79 -1.37 -43.90
C TYR B 83 5.35 0.04 -44.03
N ASN B 84 4.54 1.02 -43.62
CA ASN B 84 4.90 2.42 -43.69
C ASN B 84 5.83 2.81 -42.53
N TYR B 85 7.13 2.71 -42.77
CA TYR B 85 8.14 3.02 -41.75
C TYR B 85 8.46 4.52 -41.66
N SER B 86 7.88 5.32 -42.54
CA SER B 86 8.15 6.77 -42.56
C SER B 86 7.68 7.46 -41.28
N LEU B 87 6.53 7.02 -40.75
CA LEU B 87 5.98 7.60 -39.52
C LEU B 87 6.56 6.97 -38.25
N VAL B 88 7.25 5.84 -38.40
CA VAL B 88 7.83 5.11 -37.27
C VAL B 88 9.28 5.53 -36.99
N MET B 89 10.07 5.73 -38.04
CA MET B 89 11.50 6.03 -37.89
C MET B 89 11.71 7.45 -37.38
N GLY B 90 12.51 7.57 -36.33
CA GLY B 90 12.80 8.85 -35.70
C GLY B 90 11.61 9.43 -34.96
N ALA B 91 10.77 8.57 -34.38
CA ALA B 91 9.54 9.01 -33.71
C ALA B 91 8.98 7.98 -32.74
N CYS B 92 8.75 6.76 -33.22
CA CYS B 92 8.10 5.70 -32.44
C CYS B 92 9.01 4.53 -32.06
N CYS B 93 10.04 4.27 -32.86
CA CYS B 93 10.90 3.10 -32.65
C CYS B 93 12.29 3.26 -33.29
N GLU B 94 13.28 2.60 -32.69
CA GLU B 94 14.65 2.56 -33.24
C GLU B 94 15.09 1.12 -33.46
N ASN B 95 16.13 0.96 -34.28
CA ASN B 95 16.70 -0.34 -34.60
C ASN B 95 15.64 -1.33 -35.10
N VAL B 96 14.78 -0.84 -35.99
CA VAL B 96 13.59 -1.57 -36.40
C VAL B 96 13.92 -2.74 -37.33
N ILE B 97 13.38 -3.92 -37.00
CA ILE B 97 13.60 -5.14 -37.77
C ILE B 97 12.28 -5.75 -38.27
N GLY B 98 11.18 -5.00 -38.17
CA GLY B 98 9.87 -5.47 -38.60
C GLY B 98 8.74 -4.95 -37.73
N TYR B 99 7.66 -5.72 -37.68
CA TYR B 99 6.51 -5.39 -36.84
C TYR B 99 5.87 -6.66 -36.27
N MET B 100 5.10 -6.48 -35.20
CA MET B 100 4.44 -7.57 -34.51
C MET B 100 2.93 -7.43 -34.66
N PRO B 101 2.31 -8.28 -35.48
CA PRO B 101 0.86 -8.25 -35.65
C PRO B 101 0.13 -8.80 -34.42
N ILE B 102 -0.74 -7.99 -33.84
CA ILE B 102 -1.57 -8.39 -32.71
C ILE B 102 -3.00 -8.45 -33.19
N PRO B 103 -3.67 -9.61 -33.06
CA PRO B 103 -5.08 -9.72 -33.47
C PRO B 103 -5.95 -8.62 -32.86
N VAL B 104 -6.89 -8.10 -33.64
CA VAL B 104 -7.81 -7.07 -33.19
C VAL B 104 -9.24 -7.56 -33.35
N GLY B 105 -9.97 -7.61 -32.24
CA GLY B 105 -11.37 -7.99 -32.24
C GLY B 105 -12.25 -6.79 -31.92
N VAL B 106 -13.56 -6.99 -31.96
CA VAL B 106 -14.50 -5.91 -31.70
C VAL B 106 -15.61 -6.37 -30.75
N ALA B 107 -15.78 -5.62 -29.68
CA ALA B 107 -16.91 -5.80 -28.76
C ALA B 107 -17.82 -4.59 -28.89
N GLY B 108 -19.11 -4.85 -28.97
CA GLY B 108 -20.10 -3.79 -29.15
C GLY B 108 -21.41 -4.32 -29.71
N PRO B 109 -22.39 -3.45 -29.90
CA PRO B 109 -22.28 -2.03 -29.55
C PRO B 109 -22.29 -1.77 -28.04
N LEU B 110 -21.43 -0.86 -27.59
CA LEU B 110 -21.43 -0.40 -26.21
C LEU B 110 -22.27 0.86 -26.15
N CYS B 111 -23.41 0.78 -25.47
CA CYS B 111 -24.32 1.90 -25.35
C CYS B 111 -23.86 2.78 -24.19
N LEU B 112 -23.19 3.87 -24.51
CA LEU B 112 -22.60 4.75 -23.52
C LEU B 112 -23.00 6.21 -23.79
N ASP B 113 -23.65 6.84 -22.81
CA ASP B 113 -24.11 8.22 -22.91
C ASP B 113 -24.92 8.48 -24.18
N GLU B 114 -25.91 7.62 -24.40
CA GLU B 114 -26.85 7.73 -25.52
C GLU B 114 -26.18 7.62 -26.90
N LYS B 115 -24.99 7.01 -26.93
CA LYS B 115 -24.26 6.75 -28.17
C LYS B 115 -23.93 5.26 -28.25
N GLU B 116 -23.52 4.80 -29.43
CA GLU B 116 -23.16 3.41 -29.66
C GLU B 116 -21.74 3.32 -30.20
N PHE B 117 -20.90 2.52 -29.55
CA PHE B 117 -19.49 2.40 -29.90
C PHE B 117 -19.12 0.96 -30.23
N GLN B 118 -18.33 0.79 -31.28
CA GLN B 118 -17.76 -0.51 -31.63
C GLN B 118 -16.29 -0.48 -31.20
N VAL B 119 -16.03 -1.04 -30.02
CA VAL B 119 -14.73 -0.88 -29.36
C VAL B 119 -13.71 -1.89 -29.87
N PRO B 120 -12.60 -1.41 -30.45
CA PRO B 120 -11.53 -2.30 -30.90
C PRO B 120 -10.66 -2.76 -29.74
N MET B 121 -10.20 -4.02 -29.79
CA MET B 121 -9.45 -4.63 -28.70
C MET B 121 -8.36 -5.53 -29.27
N ALA B 122 -7.10 -5.14 -29.05
CA ALA B 122 -5.95 -5.91 -29.53
C ALA B 122 -5.46 -6.86 -28.44
N THR B 123 -5.63 -8.16 -28.66
CA THR B 123 -5.25 -9.15 -27.65
C THR B 123 -4.98 -10.55 -28.23
N THR B 124 -4.26 -11.36 -27.45
CA THR B 124 -4.05 -12.76 -27.79
C THR B 124 -4.63 -13.72 -26.74
N GLU B 125 -5.39 -13.17 -25.80
CA GLU B 125 -6.06 -13.99 -24.78
C GLU B 125 -7.44 -14.42 -25.27
N GLY B 126 -7.62 -15.74 -25.42
CA GLY B 126 -8.88 -16.29 -25.88
C GLY B 126 -10.03 -16.01 -24.92
N CYS B 127 -11.20 -15.82 -25.51
CA CYS B 127 -12.45 -15.52 -24.80
C CYS B 127 -12.58 -14.11 -24.22
N LEU B 128 -11.52 -13.29 -24.24
CA LEU B 128 -11.59 -11.94 -23.67
C LEU B 128 -12.55 -11.04 -24.45
N VAL B 129 -12.44 -11.07 -25.78
CA VAL B 129 -13.29 -10.25 -26.64
C VAL B 129 -14.74 -10.70 -26.52
N ALA B 130 -14.96 -12.01 -26.57
CA ALA B 130 -16.30 -12.59 -26.46
C ALA B 130 -16.95 -12.28 -25.11
N SER B 131 -16.14 -12.27 -24.05
CA SER B 131 -16.63 -11.97 -22.71
C SER B 131 -17.04 -10.52 -22.60
N THR B 132 -16.21 -9.63 -23.14
CA THR B 132 -16.46 -8.20 -23.12
C THR B 132 -17.70 -7.86 -23.94
N ASN B 133 -17.89 -8.58 -25.04
CA ASN B 133 -19.04 -8.44 -25.91
C ASN B 133 -20.33 -8.82 -25.20
N ARG B 134 -20.26 -9.86 -24.37
CA ARG B 134 -21.40 -10.32 -23.58
C ARG B 134 -21.79 -9.29 -22.52
N GLY B 135 -20.79 -8.63 -21.94
CA GLY B 135 -21.02 -7.54 -21.01
C GLY B 135 -21.67 -6.34 -21.67
N CYS B 136 -21.26 -6.05 -22.91
CA CYS B 136 -21.87 -4.97 -23.68
C CYS B 136 -23.33 -5.27 -23.97
N ARG B 137 -23.64 -6.55 -24.20
CA ARG B 137 -24.98 -6.99 -24.52
C ARG B 137 -25.92 -6.84 -23.32
N ALA B 138 -25.42 -7.13 -22.13
CA ALA B 138 -26.20 -6.95 -20.91
C ALA B 138 -26.49 -5.47 -20.68
N ILE B 139 -25.48 -4.64 -20.86
CA ILE B 139 -25.60 -3.19 -20.66
C ILE B 139 -26.61 -2.58 -21.64
N GLY B 140 -26.61 -3.07 -22.88
CA GLY B 140 -27.46 -2.53 -23.93
C GLY B 140 -28.93 -2.84 -23.72
N LEU B 141 -29.22 -4.04 -23.22
CA LEU B 141 -30.59 -4.43 -22.90
C LEU B 141 -31.08 -3.82 -21.59
N GLY B 142 -30.17 -3.23 -20.81
CA GLY B 142 -30.51 -2.56 -19.57
C GLY B 142 -30.63 -1.05 -19.68
N GLY B 143 -30.76 -0.53 -20.90
CA GLY B 143 -30.95 0.90 -21.12
C GLY B 143 -29.68 1.70 -21.33
N GLY B 144 -28.53 1.04 -21.21
CA GLY B 144 -27.24 1.66 -21.48
C GLY B 144 -26.54 2.15 -20.23
N ALA B 145 -25.29 2.59 -20.42
CA ALA B 145 -24.46 3.07 -19.33
C ALA B 145 -24.29 4.59 -19.43
N SER B 146 -23.91 5.20 -18.30
CA SER B 146 -23.62 6.63 -18.24
C SER B 146 -22.27 6.86 -17.58
N SER B 147 -21.52 7.82 -18.09
CA SER B 147 -20.18 8.12 -17.58
C SER B 147 -19.93 9.61 -17.43
N ARG B 148 -19.01 9.95 -16.53
CA ARG B 148 -18.57 11.33 -16.32
C ARG B 148 -17.06 11.37 -16.14
N VAL B 149 -16.41 12.33 -16.79
CA VAL B 149 -15.02 12.65 -16.52
C VAL B 149 -15.01 13.65 -15.35
N LEU B 150 -14.39 13.23 -14.25
CA LEU B 150 -14.40 13.97 -12.99
C LEU B 150 -13.22 14.92 -12.87
N ALA B 151 -12.09 14.55 -13.46
CA ALA B 151 -10.91 15.41 -13.48
C ALA B 151 -10.03 15.10 -14.70
N ASP B 152 -9.11 16.02 -14.99
CA ASP B 152 -8.21 15.88 -16.14
C ASP B 152 -6.92 16.64 -15.85
N GLY B 153 -5.78 15.96 -16.00
CA GLY B 153 -4.49 16.59 -15.75
C GLY B 153 -3.34 15.62 -15.61
N MET B 154 -2.51 15.54 -16.64
CA MET B 154 -1.26 14.78 -16.58
C MET B 154 -0.31 15.42 -15.58
N THR B 155 0.58 14.63 -14.99
CA THR B 155 1.51 15.16 -13.99
C THR B 155 2.95 14.74 -14.24
N ARG B 156 3.85 15.54 -13.67
CA ARG B 156 5.26 15.21 -13.54
C ARG B 156 5.69 15.61 -12.13
N GLY B 157 6.54 14.81 -11.50
CA GLY B 157 6.87 14.95 -10.09
C GLY B 157 8.35 15.02 -9.81
N PRO B 158 9.02 16.09 -10.23
CA PRO B 158 10.46 16.25 -9.99
C PRO B 158 10.86 16.24 -8.51
N VAL B 159 12.12 15.93 -8.25
CA VAL B 159 12.70 16.07 -6.93
C VAL B 159 13.82 17.10 -6.99
N VAL B 160 13.76 18.09 -6.09
CA VAL B 160 14.82 19.09 -5.94
C VAL B 160 15.39 18.99 -4.53
N ARG B 161 16.64 19.44 -4.37
CA ARG B 161 17.34 19.38 -3.09
C ARG B 161 17.76 20.78 -2.68
N LEU B 162 17.57 21.11 -1.40
CA LEU B 162 18.08 22.34 -0.81
C LEU B 162 19.23 21.97 0.13
N PRO B 163 20.06 22.93 0.54
CA PRO B 163 21.14 22.65 1.48
C PRO B 163 20.65 22.10 2.82
N ARG B 164 19.50 22.58 3.27
CA ARG B 164 18.89 22.11 4.52
C ARG B 164 17.38 21.90 4.36
N ALA B 165 16.80 21.13 5.28
CA ALA B 165 15.35 20.97 5.37
C ALA B 165 14.65 22.29 5.70
N CYS B 166 15.33 23.19 6.42
CA CYS B 166 14.78 24.51 6.70
C CYS B 166 14.60 25.31 5.40
N ASP B 167 15.53 25.13 4.46
CA ASP B 167 15.49 25.81 3.18
C ASP B 167 14.42 25.22 2.25
N SER B 168 14.24 23.91 2.28
CA SER B 168 13.21 23.25 1.48
C SER B 168 11.82 23.59 2.00
N ALA B 169 11.72 23.83 3.31
CA ALA B 169 10.47 24.29 3.93
C ALA B 169 10.14 25.71 3.49
N GLU B 170 11.18 26.51 3.25
CA GLU B 170 11.02 27.88 2.76
C GLU B 170 10.47 27.88 1.34
N VAL B 171 10.97 26.97 0.50
CA VAL B 171 10.55 26.89 -0.90
C VAL B 171 9.12 26.40 -1.00
N LYS B 172 8.74 25.44 -0.14
CA LYS B 172 7.38 24.91 -0.10
C LYS B 172 6.40 26.01 0.30
N ALA B 173 6.77 26.81 1.29
CA ALA B 173 5.94 27.93 1.76
C ALA B 173 5.81 29.00 0.68
N TRP B 174 6.90 29.22 -0.06
CA TRP B 174 6.93 30.22 -1.13
C TRP B 174 6.02 29.80 -2.28
N LEU B 175 6.01 28.50 -2.59
CA LEU B 175 5.14 27.96 -3.64
C LEU B 175 3.66 27.98 -3.24
N GLU B 176 3.39 28.03 -1.94
CA GLU B 176 2.03 28.07 -1.41
C GLU B 176 1.44 29.49 -1.34
N THR B 177 2.28 30.51 -1.46
CA THR B 177 1.79 31.89 -1.57
C THR B 177 1.21 32.10 -2.96
N SER B 178 0.21 32.96 -3.05
CA SER B 178 -0.44 33.27 -4.33
C SER B 178 0.54 33.90 -5.33
N GLU B 179 1.51 34.66 -4.81
CA GLU B 179 2.46 35.37 -5.66
C GLU B 179 3.57 34.44 -6.17
N GLY B 180 3.99 33.49 -5.35
CA GLY B 180 5.00 32.53 -5.75
C GLY B 180 4.47 31.56 -6.80
N PHE B 181 3.26 31.04 -6.57
CA PHE B 181 2.62 30.13 -7.51
C PHE B 181 2.32 30.81 -8.85
N ALA B 182 2.02 32.11 -8.80
CA ALA B 182 1.71 32.87 -10.01
C ALA B 182 2.92 32.99 -10.93
N VAL B 183 4.09 33.21 -10.33
CA VAL B 183 5.35 33.32 -11.10
C VAL B 183 5.71 31.98 -11.73
N ILE B 184 5.53 30.90 -10.98
CA ILE B 184 5.83 29.55 -11.47
C ILE B 184 4.81 29.12 -12.53
N LYS B 185 3.56 29.57 -12.39
CA LYS B 185 2.50 29.25 -13.34
C LYS B 185 2.72 29.96 -14.67
N GLU B 186 3.22 31.20 -14.63
CA GLU B 186 3.50 31.96 -15.85
C GLU B 186 4.60 31.28 -16.66
N ALA B 187 5.62 30.79 -15.97
CA ALA B 187 6.74 30.10 -16.62
C ALA B 187 6.27 28.80 -17.26
N PHE B 188 5.48 28.02 -16.52
CA PHE B 188 4.96 26.74 -17.00
C PHE B 188 4.09 26.93 -18.23
N ASP B 189 3.20 27.91 -18.16
CA ASP B 189 2.19 28.15 -19.20
C ASP B 189 2.79 28.79 -20.47
N SER B 190 4.00 29.32 -20.37
CA SER B 190 4.68 29.95 -21.50
C SER B 190 5.26 28.95 -22.50
N THR B 191 5.33 27.67 -22.10
CA THR B 191 6.01 26.65 -22.90
C THR B 191 5.15 26.05 -24.01
N SER B 192 3.83 26.06 -23.82
CA SER B 192 2.91 25.43 -24.77
C SER B 192 1.47 25.95 -24.62
N ARG B 193 0.66 25.75 -25.66
CA ARG B 193 -0.70 26.30 -25.68
C ARG B 193 -1.63 25.71 -24.62
N PHE B 194 -1.48 24.41 -24.33
CA PHE B 194 -2.33 23.74 -23.36
C PHE B 194 -1.70 23.67 -21.96
N ALA B 195 -0.45 24.14 -21.84
CA ALA B 195 0.20 24.24 -20.53
C ALA B 195 -0.56 25.24 -19.67
N ARG B 196 -1.31 24.72 -18.70
CA ARG B 196 -2.12 25.53 -17.79
C ARG B 196 -2.04 24.90 -16.39
N LEU B 197 -1.14 25.42 -15.56
CA LEU B 197 -0.78 24.79 -14.30
C LEU B 197 -1.90 24.88 -13.26
N GLN B 198 -2.27 23.72 -12.73
CA GLN B 198 -3.29 23.59 -11.70
C GLN B 198 -2.61 23.68 -10.33
N LYS B 199 -3.37 23.49 -9.25
CA LYS B 199 -2.82 23.61 -7.90
C LYS B 199 -1.61 22.68 -7.70
N LEU B 200 -0.55 23.22 -7.11
CA LEU B 200 0.65 22.44 -6.83
C LEU B 200 0.44 21.51 -5.64
N HIS B 201 1.16 20.40 -5.65
CA HIS B 201 1.15 19.43 -4.58
C HIS B 201 2.61 19.18 -4.18
N THR B 202 2.97 19.59 -2.97
CA THR B 202 4.35 19.48 -2.50
C THR B 202 4.47 18.57 -1.28
N SER B 203 5.57 17.81 -1.22
CA SER B 203 5.88 16.95 -0.09
C SER B 203 7.38 17.00 0.20
N ILE B 204 7.71 17.19 1.47
CA ILE B 204 9.12 17.29 1.88
C ILE B 204 9.58 15.95 2.43
N ALA B 205 10.85 15.64 2.18
CA ALA B 205 11.55 14.54 2.84
C ALA B 205 12.93 15.05 3.22
N GLY B 206 13.01 15.75 4.36
CA GLY B 206 14.24 16.36 4.80
C GLY B 206 14.56 17.55 3.91
N ARG B 207 15.77 17.59 3.38
CA ARG B 207 16.18 18.66 2.47
C ARG B 207 15.69 18.44 1.03
N ASN B 208 15.05 17.30 0.77
CA ASN B 208 14.39 17.05 -0.51
C ASN B 208 13.01 17.70 -0.57
N LEU B 209 12.59 18.02 -1.79
CA LEU B 209 11.25 18.58 -2.04
C LEU B 209 10.72 18.00 -3.35
N TYR B 210 9.60 17.29 -3.26
CA TYR B 210 8.96 16.66 -4.42
C TYR B 210 7.78 17.53 -4.82
N ILE B 211 7.79 18.01 -6.06
CA ILE B 211 6.78 18.94 -6.55
C ILE B 211 5.99 18.26 -7.65
N ARG B 212 4.68 18.11 -7.44
CA ARG B 212 3.81 17.49 -8.43
C ARG B 212 3.10 18.57 -9.25
N PHE B 213 3.64 18.82 -10.44
CA PHE B 213 3.04 19.73 -11.41
C PHE B 213 1.92 18.97 -12.12
N GLN B 214 0.79 19.64 -12.32
CA GLN B 214 -0.36 19.03 -13.01
C GLN B 214 -0.96 20.00 -14.00
N SER B 215 -1.38 19.49 -15.16
CA SER B 215 -1.98 20.30 -16.21
C SER B 215 -2.67 19.46 -17.28
N ARG B 216 -3.75 20.02 -17.84
CA ARG B 216 -4.38 19.45 -19.03
C ARG B 216 -3.41 19.61 -20.19
N SER B 217 -3.70 18.92 -21.29
CA SER B 217 -2.80 18.87 -22.43
C SER B 217 -3.56 18.69 -23.74
N GLY B 218 -4.75 19.28 -23.82
CA GLY B 218 -5.61 19.12 -24.98
C GLY B 218 -5.97 17.65 -25.15
N ASP B 219 -5.72 17.13 -26.35
CA ASP B 219 -6.04 15.74 -26.67
C ASP B 219 -4.84 14.80 -26.55
N ALA B 220 -3.66 15.36 -26.31
CA ALA B 220 -2.46 14.56 -26.09
C ALA B 220 -2.44 14.00 -24.68
N MET B 221 -1.74 12.88 -24.50
CA MET B 221 -1.52 12.30 -23.17
C MET B 221 -0.73 13.29 -22.31
N GLY B 222 0.20 14.01 -22.94
CA GLY B 222 0.78 15.21 -22.38
C GLY B 222 2.03 15.04 -21.54
N MET B 223 2.74 13.93 -21.68
CA MET B 223 3.95 13.72 -20.89
C MET B 223 5.12 14.59 -21.34
N ASN B 224 5.27 14.75 -22.65
CA ASN B 224 6.30 15.63 -23.20
C ASN B 224 5.97 17.10 -22.96
N MET B 225 4.69 17.44 -23.08
CA MET B 225 4.20 18.79 -22.83
C MET B 225 4.46 19.20 -21.38
N ILE B 226 4.09 18.32 -20.45
CA ILE B 226 4.23 18.57 -19.02
C ILE B 226 5.69 18.64 -18.59
N SER B 227 6.54 17.84 -19.25
CA SER B 227 7.96 17.80 -18.93
C SER B 227 8.64 19.12 -19.30
N LYS B 228 8.26 19.68 -20.44
CA LYS B 228 8.81 20.95 -20.92
C LYS B 228 8.40 22.10 -19.99
N GLY B 229 7.13 22.11 -19.59
CA GLY B 229 6.63 23.09 -18.64
C GLY B 229 7.29 22.98 -17.28
N THR B 230 7.58 21.75 -16.87
CA THR B 230 8.21 21.48 -15.58
C THR B 230 9.65 21.98 -15.55
N GLU B 231 10.37 21.80 -16.66
CA GLU B 231 11.75 22.25 -16.78
C GLU B 231 11.84 23.77 -16.70
N LYS B 232 10.90 24.44 -17.37
CA LYS B 232 10.84 25.90 -17.40
C LYS B 232 10.48 26.47 -16.04
N ALA B 233 9.58 25.78 -15.34
CA ALA B 233 9.09 26.21 -14.04
C ALA B 233 10.19 26.08 -12.98
N LEU B 234 10.95 24.99 -13.04
CA LEU B 234 12.04 24.74 -12.10
C LEU B 234 13.22 25.69 -12.35
N SER B 235 13.41 26.08 -13.62
CA SER B 235 14.43 27.07 -13.97
C SER B 235 14.07 28.44 -13.37
N LYS B 236 12.79 28.78 -13.42
CA LYS B 236 12.30 30.01 -12.81
C LYS B 236 12.41 29.95 -11.28
N LEU B 237 12.17 28.78 -10.71
CA LEU B 237 12.24 28.60 -9.26
C LEU B 237 13.67 28.78 -8.78
N HIS B 238 14.62 28.39 -9.62
CA HIS B 238 16.05 28.49 -9.29
C HIS B 238 16.54 29.94 -9.24
N GLU B 239 15.90 30.82 -10.01
CA GLU B 239 16.22 32.25 -9.97
C GLU B 239 15.95 32.84 -8.58
N TYR B 240 14.85 32.41 -7.96
CA TYR B 240 14.50 32.84 -6.61
C TYR B 240 15.27 32.08 -5.53
N PHE B 241 15.70 30.86 -5.84
CA PHE B 241 16.41 30.00 -4.90
C PHE B 241 17.62 29.37 -5.60
N PRO B 242 18.73 30.10 -5.68
CA PRO B 242 19.92 29.63 -6.41
C PRO B 242 20.68 28.47 -5.75
N GLU B 243 20.42 28.18 -4.48
CA GLU B 243 21.03 27.02 -3.81
C GLU B 243 20.32 25.71 -4.14
N MET B 244 19.16 25.79 -4.78
CA MET B 244 18.39 24.61 -5.16
C MET B 244 19.07 23.83 -6.29
N GLN B 245 19.09 22.51 -6.14
CA GLN B 245 19.62 21.59 -7.15
C GLN B 245 18.47 20.76 -7.70
N ILE B 246 18.30 20.78 -9.02
CA ILE B 246 17.34 19.90 -9.68
C ILE B 246 18.01 18.53 -9.82
N LEU B 247 17.65 17.63 -8.92
CA LEU B 247 18.25 16.30 -8.88
C LEU B 247 17.72 15.40 -10.01
N ALA B 248 16.43 15.52 -10.30
CA ALA B 248 15.81 14.77 -11.39
C ALA B 248 14.46 15.38 -11.78
N VAL B 249 14.20 15.46 -13.08
CA VAL B 249 12.95 16.01 -13.60
C VAL B 249 11.78 15.09 -13.22
N SER B 250 12.07 13.81 -13.06
CA SER B 250 11.14 12.86 -12.46
C SER B 250 11.76 12.23 -11.22
N GLY B 251 11.20 12.54 -10.06
CA GLY B 251 11.57 11.92 -8.81
C GLY B 251 10.56 10.87 -8.35
N ASN B 252 9.88 10.23 -9.30
CA ASN B 252 8.87 9.18 -9.03
C ASN B 252 7.64 9.63 -8.23
N TYR B 253 7.42 10.94 -8.19
CA TYR B 253 6.28 11.51 -7.47
C TYR B 253 5.10 11.80 -8.41
N CYS B 254 5.25 11.44 -9.68
CA CYS B 254 4.25 11.77 -10.70
C CYS B 254 2.89 11.08 -10.48
N THR B 255 2.82 9.76 -10.36
CA THR B 255 3.91 8.80 -10.57
C THR B 255 3.60 8.09 -11.89
N ASP B 256 4.63 7.90 -12.73
CA ASP B 256 4.45 7.36 -14.06
C ASP B 256 4.96 5.93 -14.17
N LYS B 257 4.10 5.04 -14.66
CA LYS B 257 4.44 3.64 -14.97
C LYS B 257 4.90 2.81 -13.76
N LYS B 258 4.53 3.24 -12.56
CA LYS B 258 4.71 2.46 -11.33
C LYS B 258 3.46 2.56 -10.48
N PRO B 259 3.13 1.50 -9.74
CA PRO B 259 2.01 1.58 -8.80
C PRO B 259 2.32 2.62 -7.72
N ALA B 260 1.36 3.51 -7.45
CA ALA B 260 1.53 4.56 -6.45
C ALA B 260 0.19 5.01 -5.91
N ALA B 261 0.10 5.13 -4.59
CA ALA B 261 -1.11 5.57 -3.92
C ALA B 261 -1.48 7.00 -4.32
N ILE B 262 -0.48 7.81 -4.65
CA ILE B 262 -0.72 9.20 -5.03
C ILE B 262 -1.59 9.32 -6.30
N ASN B 263 -1.45 8.40 -7.24
CA ASN B 263 -2.33 8.36 -8.42
C ASN B 263 -3.74 7.92 -8.07
N TRP B 264 -3.85 6.97 -7.14
CA TRP B 264 -5.13 6.47 -6.70
C TRP B 264 -5.94 7.54 -5.96
N ILE B 265 -5.25 8.35 -5.16
CA ILE B 265 -5.90 9.32 -4.28
C ILE B 265 -6.09 10.69 -4.95
N GLU B 266 -5.09 11.15 -5.70
CA GLU B 266 -5.12 12.47 -6.34
C GLU B 266 -5.62 12.43 -7.78
N GLY B 267 -5.54 11.25 -8.40
CA GLY B 267 -5.82 11.10 -9.81
C GLY B 267 -4.62 11.46 -10.68
N ARG B 268 -4.63 10.99 -11.92
CA ARG B 268 -3.60 11.32 -12.90
C ARG B 268 -4.12 11.02 -14.30
N GLY B 269 -3.96 11.97 -15.22
CA GLY B 269 -4.65 11.91 -16.49
C GLY B 269 -6.13 12.18 -16.26
N LYS B 270 -6.99 11.30 -16.78
CA LYS B 270 -8.43 11.46 -16.64
C LYS B 270 -8.96 10.58 -15.51
N SER B 271 -9.71 11.18 -14.58
CA SER B 271 -10.49 10.40 -13.61
C SER B 271 -11.89 10.25 -14.17
N VAL B 272 -12.40 9.01 -14.18
CA VAL B 272 -13.67 8.68 -14.82
C VAL B 272 -14.52 7.78 -13.93
N VAL B 273 -15.83 7.91 -14.06
CA VAL B 273 -16.78 7.01 -13.42
C VAL B 273 -17.81 6.57 -14.45
N CYS B 274 -18.23 5.31 -14.36
CA CYS B 274 -19.24 4.75 -15.26
C CYS B 274 -20.24 3.93 -14.44
N GLU B 275 -21.47 3.85 -14.92
CA GLU B 275 -22.53 3.14 -14.20
C GLU B 275 -23.61 2.61 -15.14
N ALA B 276 -24.32 1.59 -14.67
CA ALA B 276 -25.45 1.02 -15.42
C ALA B 276 -26.34 0.22 -14.49
N VAL B 277 -27.59 0.03 -14.90
CA VAL B 277 -28.52 -0.86 -14.20
C VAL B 277 -28.90 -1.98 -15.15
N ILE B 278 -28.71 -3.22 -14.70
CA ILE B 278 -29.00 -4.41 -15.48
C ILE B 278 -30.23 -5.08 -14.89
N PRO B 279 -31.35 -5.09 -15.62
CA PRO B 279 -32.57 -5.75 -15.15
C PRO B 279 -32.33 -7.19 -14.71
N ALA B 280 -33.11 -7.66 -13.73
CA ALA B 280 -32.97 -9.01 -13.20
C ALA B 280 -33.05 -10.05 -14.31
N LYS B 281 -33.99 -9.85 -15.24
CA LYS B 281 -34.19 -10.73 -16.39
C LYS B 281 -32.91 -10.87 -17.23
N VAL B 282 -32.25 -9.74 -17.47
CA VAL B 282 -31.00 -9.72 -18.26
C VAL B 282 -29.85 -10.41 -17.54
N VAL B 283 -29.78 -10.28 -16.21
CA VAL B 283 -28.76 -10.96 -15.43
C VAL B 283 -28.93 -12.48 -15.56
N ARG B 284 -30.17 -12.94 -15.64
CA ARG B 284 -30.49 -14.36 -15.76
C ARG B 284 -30.13 -14.92 -17.13
N GLU B 285 -30.62 -14.27 -18.20
CA GLU B 285 -30.59 -14.83 -19.55
C GLU B 285 -29.29 -14.55 -20.30
N VAL B 286 -28.72 -13.36 -20.09
CA VAL B 286 -27.46 -12.99 -20.73
C VAL B 286 -26.25 -13.40 -19.87
N LEU B 287 -26.28 -13.06 -18.58
CA LEU B 287 -25.14 -13.29 -17.69
C LEU B 287 -25.17 -14.64 -16.96
N LYS B 288 -26.29 -15.36 -17.06
CA LYS B 288 -26.42 -16.72 -16.54
C LYS B 288 -26.19 -16.82 -15.01
N THR B 289 -26.69 -15.84 -14.27
CA THR B 289 -26.50 -15.78 -12.82
C THR B 289 -27.67 -15.03 -12.15
N THR B 290 -27.50 -14.63 -10.90
CA THR B 290 -28.47 -13.76 -10.22
C THR B 290 -27.79 -12.51 -9.69
N THR B 291 -28.60 -11.48 -9.43
CA THR B 291 -28.12 -10.23 -8.85
C THR B 291 -27.49 -10.46 -7.47
N GLU B 292 -28.14 -11.31 -6.67
CA GLU B 292 -27.63 -11.64 -5.33
C GLU B 292 -26.26 -12.32 -5.41
N ALA B 293 -26.08 -13.20 -6.39
CA ALA B 293 -24.83 -13.93 -6.59
C ALA B 293 -23.70 -12.99 -7.02
N MET B 294 -24.03 -11.99 -7.83
CA MET B 294 -23.05 -11.04 -8.34
C MET B 294 -22.52 -10.13 -7.23
N ILE B 295 -23.42 -9.58 -6.43
CA ILE B 295 -23.07 -8.69 -5.33
C ILE B 295 -22.18 -9.42 -4.32
N GLU B 296 -22.52 -10.69 -4.07
CA GLU B 296 -21.81 -11.53 -3.12
C GLU B 296 -20.36 -11.76 -3.53
N VAL B 297 -20.15 -12.03 -4.81
CA VAL B 297 -18.81 -12.26 -5.34
C VAL B 297 -18.03 -10.94 -5.41
N ASN B 298 -18.72 -9.85 -5.71
CA ASN B 298 -18.07 -8.55 -5.79
C ASN B 298 -17.53 -8.06 -4.44
N ILE B 299 -18.30 -8.27 -3.39
CA ILE B 299 -17.87 -7.85 -2.05
C ILE B 299 -16.67 -8.68 -1.60
N ASN B 300 -16.74 -9.98 -1.80
CA ASN B 300 -15.75 -10.89 -1.23
C ASN B 300 -14.53 -11.14 -2.11
N LYS B 301 -14.60 -10.73 -3.37
CA LYS B 301 -13.48 -10.83 -4.30
C LYS B 301 -12.87 -9.45 -4.48
N ASN B 302 -13.64 -8.53 -5.05
CA ASN B 302 -13.12 -7.21 -5.42
C ASN B 302 -12.87 -6.26 -4.25
N LEU B 303 -13.55 -6.45 -3.12
CA LEU B 303 -13.33 -5.61 -1.95
C LEU B 303 -12.51 -6.32 -0.86
N VAL B 304 -13.04 -7.42 -0.32
CA VAL B 304 -12.38 -8.13 0.77
C VAL B 304 -11.15 -8.88 0.26
N GLY B 305 -11.27 -9.54 -0.89
CA GLY B 305 -10.17 -10.28 -1.47
C GLY B 305 -8.97 -9.40 -1.76
N SER B 306 -9.21 -8.27 -2.41
CA SER B 306 -8.16 -7.32 -2.72
C SER B 306 -7.59 -6.69 -1.45
N ALA B 307 -8.43 -6.53 -0.43
CA ALA B 307 -7.98 -6.01 0.85
C ALA B 307 -7.02 -6.99 1.52
N MET B 308 -7.35 -8.28 1.48
CA MET B 308 -6.52 -9.33 2.07
C MET B 308 -5.19 -9.44 1.35
N ALA B 309 -5.20 -9.13 0.05
CA ALA B 309 -4.00 -9.23 -0.79
C ALA B 309 -3.09 -8.01 -0.66
N GLY B 310 -3.55 -6.97 0.05
CA GLY B 310 -2.77 -5.78 0.28
C GLY B 310 -2.69 -4.91 -0.97
N SER B 311 -3.83 -4.74 -1.61
CA SER B 311 -3.91 -4.01 -2.87
C SER B 311 -4.20 -2.54 -2.64
N ILE B 312 -3.50 -1.69 -3.39
CA ILE B 312 -3.86 -0.29 -3.52
C ILE B 312 -4.31 -0.08 -4.96
N GLY B 313 -5.60 0.21 -5.15
CA GLY B 313 -6.15 0.50 -6.46
C GLY B 313 -6.59 -0.70 -7.29
N GLY B 314 -6.46 -1.91 -6.75
CA GLY B 314 -6.80 -3.12 -7.47
C GLY B 314 -8.09 -3.78 -7.01
N TYR B 315 -9.12 -2.97 -6.79
CA TYR B 315 -10.42 -3.46 -6.31
C TYR B 315 -11.35 -3.74 -7.49
N ASN B 316 -10.90 -4.62 -8.37
CA ASN B 316 -11.63 -5.00 -9.57
C ASN B 316 -11.21 -6.41 -10.00
N ALA B 317 -11.92 -6.96 -10.99
CA ALA B 317 -11.66 -8.31 -11.48
C ALA B 317 -10.53 -8.34 -12.50
N HIS B 318 -10.67 -7.59 -13.59
CA HIS B 318 -9.66 -7.57 -14.66
C HIS B 318 -9.72 -6.34 -15.56
N ALA B 319 -9.85 -5.16 -14.94
CA ALA B 319 -9.79 -3.89 -15.67
C ALA B 319 -8.55 -3.82 -16.57
N ALA B 320 -7.45 -4.41 -16.12
CA ALA B 320 -6.19 -4.40 -16.85
C ALA B 320 -6.25 -5.12 -18.20
N ASN B 321 -7.06 -6.17 -18.30
CA ASN B 321 -7.29 -6.86 -19.58
C ASN B 321 -7.88 -5.93 -20.63
N ILE B 322 -8.92 -5.18 -20.25
CA ILE B 322 -9.62 -4.30 -21.18
C ILE B 322 -8.81 -3.05 -21.50
N VAL B 323 -8.20 -2.45 -20.48
CA VAL B 323 -7.36 -1.26 -20.67
C VAL B 323 -6.23 -1.56 -21.65
N THR B 324 -5.57 -2.71 -21.45
CA THR B 324 -4.43 -3.11 -22.27
C THR B 324 -4.83 -3.36 -23.71
N ALA B 325 -5.95 -4.07 -23.90
CA ALA B 325 -6.43 -4.40 -25.24
C ALA B 325 -6.81 -3.15 -26.02
N ILE B 326 -7.48 -2.21 -25.37
CA ILE B 326 -7.87 -0.96 -26.01
C ILE B 326 -6.65 -0.11 -26.30
N TYR B 327 -5.69 -0.11 -25.38
CA TYR B 327 -4.49 0.72 -25.50
C TYR B 327 -3.63 0.29 -26.69
N ILE B 328 -3.44 -1.01 -26.88
CA ILE B 328 -2.61 -1.51 -27.97
C ILE B 328 -3.29 -1.24 -29.32
N ALA B 329 -4.60 -1.43 -29.39
CA ALA B 329 -5.36 -1.17 -30.61
C ALA B 329 -5.39 0.32 -31.00
N CYS B 330 -5.39 1.20 -30.00
CA CYS B 330 -5.59 2.63 -30.22
C CYS B 330 -4.31 3.47 -30.06
N GLY B 331 -3.16 2.82 -30.16
CA GLY B 331 -1.88 3.52 -30.19
C GLY B 331 -1.43 4.19 -28.90
N GLN B 332 -1.93 3.74 -27.77
CA GLN B 332 -1.55 4.27 -26.48
C GLN B 332 -0.24 3.64 -26.00
N ASP B 333 0.31 4.21 -24.94
CA ASP B 333 1.46 3.65 -24.23
C ASP B 333 0.95 2.52 -23.36
N ALA B 334 1.18 1.27 -23.79
CA ALA B 334 0.67 0.09 -23.10
C ALA B 334 1.32 -0.12 -21.73
N ALA B 335 2.52 0.43 -21.53
CA ALA B 335 3.20 0.39 -20.24
C ALA B 335 2.45 1.20 -19.17
N GLN B 336 1.67 2.20 -19.60
CA GLN B 336 0.85 2.98 -18.68
C GLN B 336 -0.39 2.23 -18.18
N ASN B 337 -0.55 0.98 -18.60
CA ASN B 337 -1.53 0.07 -18.00
C ASN B 337 -1.33 -0.12 -16.50
N VAL B 338 -0.09 0.05 -16.03
CA VAL B 338 0.24 -0.04 -14.61
C VAL B 338 -0.72 0.83 -13.79
N GLY B 339 -0.71 2.13 -14.06
CA GLY B 339 -1.55 3.08 -13.35
C GLY B 339 -2.96 3.25 -13.92
N SER B 340 -3.10 3.09 -15.23
CA SER B 340 -4.38 3.29 -15.91
C SER B 340 -5.43 2.22 -15.57
N SER B 341 -4.98 1.06 -15.09
CA SER B 341 -5.88 -0.04 -14.72
C SER B 341 -6.50 0.13 -13.34
N ASN B 342 -6.03 1.12 -12.58
CA ASN B 342 -6.59 1.43 -11.26
C ASN B 342 -8.12 1.52 -11.38
N CYS B 343 -8.83 0.70 -10.61
CA CYS B 343 -10.27 0.61 -10.72
C CYS B 343 -10.91 0.02 -9.45
N ILE B 344 -12.04 0.59 -9.06
CA ILE B 344 -12.88 0.00 -8.02
C ILE B 344 -14.26 -0.29 -8.60
N THR B 345 -14.67 -1.54 -8.52
CA THR B 345 -15.95 -2.00 -9.05
C THR B 345 -16.89 -2.21 -7.88
N LEU B 346 -18.03 -1.54 -7.92
CA LEU B 346 -19.05 -1.64 -6.88
C LEU B 346 -20.35 -2.12 -7.48
N MET B 347 -21.08 -2.95 -6.73
CA MET B 347 -22.35 -3.50 -7.16
C MET B 347 -23.34 -3.52 -6.01
N GLU B 348 -24.57 -3.03 -6.26
CA GLU B 348 -25.67 -3.06 -5.29
C GLU B 348 -26.92 -3.66 -5.91
N ALA B 349 -27.88 -3.99 -5.05
CA ALA B 349 -29.23 -4.32 -5.49
C ALA B 349 -29.97 -3.01 -5.79
N SER B 350 -30.95 -3.08 -6.69
CA SER B 350 -31.60 -1.88 -7.23
C SER B 350 -33.02 -2.16 -7.72
N GLY B 351 -33.75 -1.09 -8.03
CA GLY B 351 -35.11 -1.20 -8.52
C GLY B 351 -36.12 -1.37 -7.40
N PRO B 352 -37.40 -1.51 -7.76
CA PRO B 352 -38.48 -1.58 -6.77
C PRO B 352 -38.45 -2.87 -5.94
N THR B 353 -38.22 -4.01 -6.59
CA THR B 353 -38.18 -5.29 -5.91
C THR B 353 -36.76 -5.67 -5.45
N ASN B 354 -35.80 -4.76 -5.62
CA ASN B 354 -34.41 -4.97 -5.21
C ASN B 354 -33.72 -6.17 -5.89
N GLU B 355 -34.15 -6.48 -7.12
CA GLU B 355 -33.62 -7.62 -7.86
C GLU B 355 -32.75 -7.22 -9.06
N ASP B 356 -32.70 -5.93 -9.37
CA ASP B 356 -31.87 -5.43 -10.47
C ASP B 356 -30.46 -5.11 -9.98
N LEU B 357 -29.50 -5.19 -10.88
CA LEU B 357 -28.08 -5.02 -10.53
C LEU B 357 -27.57 -3.65 -10.93
N TYR B 358 -27.30 -2.81 -9.94
CA TYR B 358 -26.58 -1.57 -10.14
C TYR B 358 -25.08 -1.87 -10.12
N ILE B 359 -24.35 -1.39 -11.13
CA ILE B 359 -22.90 -1.53 -11.19
C ILE B 359 -22.25 -0.19 -11.49
N SER B 360 -21.07 0.03 -10.94
CA SER B 360 -20.27 1.22 -11.24
C SER B 360 -18.78 0.87 -11.25
N CYS B 361 -18.03 1.48 -12.16
CA CYS B 361 -16.58 1.42 -12.16
C CYS B 361 -16.01 2.82 -12.07
N THR B 362 -15.08 3.03 -11.14
CA THR B 362 -14.39 4.30 -10.98
C THR B 362 -12.91 4.09 -11.22
N MET B 363 -12.36 4.87 -12.15
CA MET B 363 -10.97 4.75 -12.57
C MET B 363 -10.32 6.13 -12.51
N PRO B 364 -9.59 6.42 -11.42
CA PRO B 364 -9.10 7.78 -11.18
C PRO B 364 -7.88 8.21 -11.99
N SER B 365 -7.24 7.29 -12.72
CA SER B 365 -5.96 7.60 -13.35
C SER B 365 -5.78 6.98 -14.75
N ILE B 366 -6.72 7.24 -15.64
CA ILE B 366 -6.63 6.80 -17.04
C ILE B 366 -5.74 7.77 -17.86
N GLU B 367 -4.54 7.30 -18.19
CA GLU B 367 -3.54 8.09 -18.90
C GLU B 367 -3.66 7.84 -20.40
N ILE B 368 -4.20 8.81 -21.14
CA ILE B 368 -4.70 8.57 -22.50
C ILE B 368 -4.58 9.80 -23.41
N GLY B 369 -4.46 9.54 -24.71
CA GLY B 369 -4.43 10.58 -25.73
C GLY B 369 -4.84 10.07 -27.10
N THR B 370 -5.28 10.99 -27.95
CA THR B 370 -5.65 10.66 -29.33
C THR B 370 -4.77 11.37 -30.36
N VAL B 371 -3.73 12.06 -29.87
CA VAL B 371 -2.71 12.69 -30.70
C VAL B 371 -1.33 12.36 -30.13
N GLY B 372 -0.36 12.15 -31.02
CA GLY B 372 1.02 11.88 -30.61
C GLY B 372 1.29 10.43 -30.32
N GLY B 373 2.57 10.08 -30.28
CA GLY B 373 3.00 8.72 -29.98
C GLY B 373 2.54 7.74 -31.03
N GLY B 374 1.95 6.63 -30.58
CA GLY B 374 1.47 5.59 -31.47
C GLY B 374 0.21 5.95 -32.23
N THR B 375 -0.48 7.02 -31.82
CA THR B 375 -1.68 7.48 -32.53
C THR B 375 -1.35 8.25 -33.82
N ASN B 376 -0.06 8.46 -34.09
CA ASN B 376 0.38 9.05 -35.35
C ASN B 376 0.43 8.02 -36.48
N LEU B 377 0.42 6.73 -36.14
CA LEU B 377 0.46 5.65 -37.13
C LEU B 377 -0.94 5.37 -37.65
N LEU B 378 -1.05 5.02 -38.93
CA LEU B 378 -2.34 4.91 -39.60
C LEU B 378 -3.24 3.76 -39.13
N PRO B 379 -2.70 2.56 -38.95
CA PRO B 379 -3.50 1.45 -38.39
C PRO B 379 -4.11 1.79 -37.03
N GLN B 380 -3.33 2.44 -36.17
CA GLN B 380 -3.80 2.86 -34.85
C GLN B 380 -4.92 3.92 -34.98
N GLN B 381 -4.76 4.82 -35.95
CA GLN B 381 -5.75 5.85 -36.23
C GLN B 381 -7.06 5.27 -36.79
N ALA B 382 -6.98 4.11 -37.42
CA ALA B 382 -8.17 3.42 -37.94
C ALA B 382 -9.08 2.99 -36.78
N CYS B 383 -8.46 2.52 -35.70
CA CYS B 383 -9.20 2.12 -34.50
C CYS B 383 -9.77 3.32 -33.75
N LEU B 384 -9.03 4.42 -33.73
CA LEU B 384 -9.50 5.65 -33.13
C LEU B 384 -10.69 6.21 -33.94
N GLN B 385 -10.64 6.02 -35.25
CA GLN B 385 -11.70 6.50 -36.16
C GLN B 385 -13.01 5.72 -36.00
N MET B 386 -12.91 4.44 -35.64
CA MET B 386 -14.08 3.63 -35.31
C MET B 386 -14.87 4.28 -34.20
N LEU B 387 -14.15 4.73 -33.18
CA LEU B 387 -14.73 5.31 -31.98
C LEU B 387 -15.08 6.79 -32.13
N GLY B 388 -14.64 7.41 -33.23
CA GLY B 388 -14.94 8.80 -33.51
C GLY B 388 -14.10 9.78 -32.72
N VAL B 389 -12.90 9.35 -32.33
CA VAL B 389 -12.03 10.13 -31.45
C VAL B 389 -10.64 10.38 -32.02
N GLN B 390 -10.45 10.16 -33.31
CA GLN B 390 -9.14 10.28 -33.93
C GLN B 390 -8.68 11.75 -33.96
N GLY B 391 -7.45 11.99 -33.50
CA GLY B 391 -6.85 13.30 -33.57
C GLY B 391 -7.39 14.30 -32.56
N ALA B 392 -6.99 15.56 -32.74
CA ALA B 392 -7.43 16.65 -31.87
C ALA B 392 -8.79 17.18 -32.30
N CYS B 393 -9.63 17.51 -31.32
CA CYS B 393 -10.92 18.15 -31.56
C CYS B 393 -10.72 19.66 -31.60
N LYS B 394 -10.86 20.23 -32.80
CA LYS B 394 -10.62 21.67 -33.01
C LYS B 394 -11.61 22.56 -32.27
N ASP B 395 -12.88 22.17 -32.25
CA ASP B 395 -13.94 22.99 -31.66
C ASP B 395 -13.95 22.95 -30.13
N ASN B 396 -13.44 21.85 -29.56
CA ASN B 396 -13.47 21.62 -28.12
C ASN B 396 -12.23 20.82 -27.71
N PRO B 397 -11.10 21.51 -27.50
CA PRO B 397 -9.83 20.85 -27.13
C PRO B 397 -9.95 19.89 -25.96
N GLY B 398 -9.45 18.67 -26.14
CA GLY B 398 -9.50 17.62 -25.13
C GLY B 398 -10.70 16.71 -25.20
N GLU B 399 -11.68 17.04 -26.03
CA GLU B 399 -12.95 16.30 -26.07
C GLU B 399 -12.78 14.86 -26.56
N ASN B 400 -11.91 14.66 -27.52
CA ASN B 400 -11.65 13.32 -28.06
C ASN B 400 -10.93 12.41 -27.07
N ALA B 401 -9.97 12.95 -26.32
CA ALA B 401 -9.26 12.20 -25.29
C ALA B 401 -10.19 11.85 -24.14
N ARG B 402 -11.07 12.79 -23.78
CA ARG B 402 -12.04 12.56 -22.71
C ARG B 402 -13.05 11.49 -23.11
N GLN B 403 -13.47 11.51 -24.38
CA GLN B 403 -14.40 10.52 -24.90
C GLN B 403 -13.78 9.12 -24.90
N LEU B 404 -12.50 9.03 -25.26
CA LEU B 404 -11.81 7.74 -25.26
C LEU B 404 -11.69 7.19 -23.84
N ALA B 405 -11.45 8.07 -22.87
CA ALA B 405 -11.36 7.68 -21.47
C ALA B 405 -12.70 7.13 -20.98
N ARG B 406 -13.79 7.78 -21.37
CA ARG B 406 -15.14 7.33 -21.05
C ARG B 406 -15.41 5.95 -21.65
N ILE B 407 -14.94 5.73 -22.88
CA ILE B 407 -15.13 4.45 -23.57
C ILE B 407 -14.34 3.35 -22.86
N VAL B 408 -13.15 3.69 -22.38
CA VAL B 408 -12.31 2.72 -21.68
C VAL B 408 -13.01 2.29 -20.39
N CYS B 409 -13.51 3.26 -19.63
CA CYS B 409 -14.19 2.97 -18.37
C CYS B 409 -15.46 2.17 -18.60
N GLY B 410 -16.19 2.46 -19.67
CA GLY B 410 -17.42 1.78 -20.01
C GLY B 410 -17.20 0.35 -20.44
N THR B 411 -16.13 0.14 -21.21
CA THR B 411 -15.76 -1.19 -21.67
C THR B 411 -15.23 -2.02 -20.52
N VAL B 412 -14.49 -1.37 -19.61
CA VAL B 412 -14.01 -2.03 -18.40
C VAL B 412 -15.21 -2.55 -17.60
N MET B 413 -16.24 -1.72 -17.48
CA MET B 413 -17.46 -2.11 -16.76
C MET B 413 -18.13 -3.31 -17.44
N ALA B 414 -18.16 -3.32 -18.77
CA ALA B 414 -18.70 -4.46 -19.52
C ALA B 414 -17.90 -5.73 -19.26
N GLY B 415 -16.58 -5.59 -19.17
CA GLY B 415 -15.70 -6.71 -18.87
C GLY B 415 -15.86 -7.21 -17.45
N GLU B 416 -16.09 -6.28 -16.52
CA GLU B 416 -16.32 -6.63 -15.12
C GLU B 416 -17.61 -7.43 -14.97
N LEU B 417 -18.66 -7.02 -15.68
CA LEU B 417 -19.95 -7.69 -15.61
C LEU B 417 -19.85 -9.15 -16.03
N SER B 418 -19.20 -9.39 -17.16
CA SER B 418 -19.15 -10.71 -17.77
C SER B 418 -18.27 -11.69 -16.99
N LEU B 419 -17.08 -11.26 -16.61
CA LEU B 419 -16.17 -12.13 -15.85
C LEU B 419 -16.73 -12.44 -14.45
N MET B 420 -17.29 -11.44 -13.79
CA MET B 420 -17.85 -11.63 -12.46
C MET B 420 -19.05 -12.57 -12.48
N ALA B 421 -19.81 -12.54 -13.57
CA ALA B 421 -20.94 -13.44 -13.77
C ALA B 421 -20.47 -14.87 -13.98
N ALA B 422 -19.38 -15.03 -14.73
CA ALA B 422 -18.80 -16.35 -15.00
C ALA B 422 -18.21 -16.96 -13.74
N LEU B 423 -17.59 -16.14 -12.90
CA LEU B 423 -17.01 -16.60 -11.63
C LEU B 423 -18.12 -16.94 -10.64
N ALA B 424 -19.20 -16.17 -10.66
CA ALA B 424 -20.31 -16.35 -9.73
C ALA B 424 -21.08 -17.63 -10.02
N ALA B 425 -21.29 -17.92 -11.31
CA ALA B 425 -22.07 -19.09 -11.73
C ALA B 425 -21.20 -20.34 -11.88
N GLY B 426 -19.88 -20.18 -11.89
CA GLY B 426 -18.96 -21.28 -12.07
C GLY B 426 -18.83 -21.78 -13.52
N HIS B 427 -18.96 -20.87 -14.48
CA HIS B 427 -18.79 -21.20 -15.89
C HIS B 427 -17.40 -20.77 -16.37
N LEU B 428 -16.40 -21.62 -16.11
CA LEU B 428 -15.00 -21.29 -16.34
C LEU B 428 -14.40 -22.00 -17.57
N VAL B 429 -15.26 -22.38 -18.51
CA VAL B 429 -14.80 -23.06 -19.73
C VAL B 429 -14.60 -22.08 -20.87
N PRO C 8 -24.47 -4.26 60.40
CA PRO C 8 -25.17 -4.80 59.20
C PRO C 8 -26.68 -4.59 59.28
N ARG C 9 -27.09 -3.34 59.50
CA ARG C 9 -28.49 -2.98 59.71
C ARG C 9 -29.40 -3.48 58.57
N PRO C 10 -30.68 -3.70 58.86
CA PRO C 10 -31.61 -4.20 57.83
C PRO C 10 -31.89 -3.15 56.77
N ASN C 11 -32.41 -3.58 55.61
CA ASN C 11 -32.63 -2.69 54.48
C ASN C 11 -33.55 -1.51 54.79
N GLU C 12 -34.59 -1.74 55.58
CA GLU C 12 -35.58 -0.71 55.89
C GLU C 12 -34.95 0.42 56.70
N GLU C 13 -34.07 0.06 57.63
CA GLU C 13 -33.39 1.03 58.49
C GLU C 13 -32.36 1.85 57.71
N CYS C 14 -31.66 1.22 56.77
CA CYS C 14 -30.64 1.88 55.96
C CYS C 14 -31.27 2.86 54.96
N LEU C 15 -32.48 2.56 54.50
CA LEU C 15 -33.19 3.42 53.55
C LEU C 15 -33.69 4.70 54.21
N GLN C 16 -33.99 4.63 55.50
CA GLN C 16 -34.40 5.81 56.27
C GLN C 16 -33.23 6.79 56.45
N ILE C 17 -32.01 6.24 56.53
CA ILE C 17 -30.80 7.05 56.62
C ILE C 17 -30.49 7.70 55.27
N LEU C 18 -30.62 6.94 54.19
CA LEU C 18 -30.34 7.44 52.84
C LEU C 18 -31.31 8.54 52.39
N GLY C 19 -32.53 8.51 52.94
CA GLY C 19 -33.58 9.45 52.56
C GLY C 19 -33.71 10.67 53.46
N ASN C 20 -32.70 10.93 54.29
CA ASN C 20 -32.79 12.05 55.25
C ASN C 20 -32.47 13.42 54.63
N ALA C 21 -31.37 13.50 53.89
CA ALA C 21 -30.82 14.75 53.33
C ALA C 21 -29.69 15.30 54.19
N GLU C 22 -29.84 15.22 55.51
CA GLU C 22 -28.79 15.60 56.45
C GLU C 22 -27.87 14.42 56.81
N LYS C 23 -28.23 13.23 56.35
CA LYS C 23 -27.42 12.03 56.60
C LYS C 23 -26.87 11.47 55.28
N GLY C 24 -27.68 10.71 54.56
CA GLY C 24 -27.27 10.14 53.29
C GLY C 24 -26.33 8.95 53.42
N ALA C 25 -25.68 8.61 52.31
CA ALA C 25 -24.83 7.42 52.23
C ALA C 25 -23.59 7.50 53.13
N LYS C 26 -23.20 8.71 53.53
CA LYS C 26 -22.07 8.91 54.42
C LYS C 26 -22.23 8.23 55.79
N PHE C 27 -23.48 8.06 56.24
CA PHE C 27 -23.78 7.44 57.53
C PHE C 27 -24.02 5.93 57.45
N LEU C 28 -23.81 5.36 56.27
CA LEU C 28 -23.86 3.91 56.08
C LEU C 28 -22.46 3.36 55.82
N SER C 29 -22.26 2.07 56.10
CA SER C 29 -21.01 1.38 55.79
C SER C 29 -21.04 0.89 54.35
N ASP C 30 -19.90 0.42 53.87
CA ASP C 30 -19.77 -0.18 52.54
C ASP C 30 -20.66 -1.42 52.43
N ALA C 31 -20.71 -2.21 53.50
CA ALA C 31 -21.49 -3.44 53.52
C ALA C 31 -22.99 -3.19 53.42
N GLU C 32 -23.44 -2.06 53.95
CA GLU C 32 -24.87 -1.71 53.93
C GLU C 32 -25.30 -1.17 52.57
N ILE C 33 -24.41 -0.47 51.88
CA ILE C 33 -24.69 0.03 50.54
C ILE C 33 -24.77 -1.13 49.55
N ILE C 34 -23.82 -2.06 49.66
CA ILE C 34 -23.78 -3.25 48.81
C ILE C 34 -24.92 -4.21 49.14
N GLN C 35 -25.34 -4.24 50.40
CA GLN C 35 -26.49 -5.05 50.82
C GLN C 35 -27.76 -4.51 50.15
N LEU C 36 -27.83 -3.19 50.04
CA LEU C 36 -28.95 -2.50 49.43
C LEU C 36 -29.02 -2.77 47.92
N VAL C 37 -27.86 -2.90 47.27
CA VAL C 37 -27.79 -3.10 45.81
C VAL C 37 -28.11 -4.54 45.40
N ASN C 38 -27.53 -5.51 46.09
CA ASN C 38 -27.66 -6.93 45.73
C ASN C 38 -29.10 -7.42 45.89
N ALA C 39 -29.72 -7.07 47.00
CA ALA C 39 -31.16 -7.18 47.14
C ALA C 39 -31.74 -6.06 46.29
N LYS C 40 -32.66 -6.38 45.39
CA LYS C 40 -33.13 -5.43 44.38
C LYS C 40 -33.97 -4.30 45.01
N HIS C 41 -33.28 -3.28 45.52
CA HIS C 41 -33.89 -2.14 46.21
C HIS C 41 -33.34 -0.79 45.74
N ILE C 42 -32.16 -0.82 45.11
CA ILE C 42 -31.49 0.38 44.61
C ILE C 42 -30.59 -0.07 43.45
N PRO C 43 -31.15 -0.08 42.24
CA PRO C 43 -30.43 -0.60 41.06
C PRO C 43 -29.05 0.02 40.83
N ALA C 44 -28.20 -0.70 40.09
CA ALA C 44 -26.83 -0.25 39.82
C ALA C 44 -26.80 0.89 38.81
N TYR C 45 -27.06 2.10 39.30
CA TYR C 45 -27.15 3.30 38.47
C TYR C 45 -27.30 4.54 39.33
N LYS C 46 -28.25 4.47 40.28
CA LYS C 46 -28.47 5.57 41.23
C LYS C 46 -27.28 5.80 42.16
N LEU C 47 -26.44 4.78 42.34
CA LEU C 47 -25.28 4.87 43.26
C LEU C 47 -24.29 5.98 42.90
N GLU C 48 -24.21 6.34 41.62
CA GLU C 48 -23.37 7.45 41.18
C GLU C 48 -23.79 8.76 41.86
N THR C 49 -25.10 8.99 41.92
CA THR C 49 -25.68 10.16 42.57
C THR C 49 -25.66 10.07 44.10
N LEU C 50 -25.93 8.89 44.64
CA LEU C 50 -26.16 8.71 46.08
C LEU C 50 -24.86 8.71 46.89
N ILE C 51 -23.80 8.15 46.33
CA ILE C 51 -22.48 8.17 46.95
C ILE C 51 -21.87 9.55 46.75
N GLU C 52 -21.44 10.18 47.84
CA GLU C 52 -21.07 11.60 47.84
C GLU C 52 -19.75 11.87 47.12
N THR C 53 -18.70 11.16 47.50
CA THR C 53 -17.38 11.35 46.90
C THR C 53 -17.15 10.35 45.77
N HIS C 54 -16.39 10.79 44.78
CA HIS C 54 -16.07 9.95 43.63
C HIS C 54 -15.23 8.74 44.03
N GLU C 55 -14.29 8.96 44.96
CA GLU C 55 -13.40 7.90 45.43
C GLU C 55 -14.17 6.73 46.07
N ARG C 56 -15.22 7.05 46.82
CA ARG C 56 -16.04 6.01 47.44
C ARG C 56 -16.89 5.27 46.42
N GLY C 57 -17.35 5.99 45.39
CA GLY C 57 -18.05 5.37 44.28
C GLY C 57 -17.17 4.36 43.56
N VAL C 58 -15.88 4.67 43.46
CA VAL C 58 -14.91 3.77 42.84
C VAL C 58 -14.69 2.55 43.74
N SER C 59 -14.61 2.77 45.04
CA SER C 59 -14.39 1.68 46.00
C SER C 59 -15.55 0.67 45.98
N ILE C 60 -16.78 1.18 45.92
CA ILE C 60 -17.97 0.34 45.89
C ILE C 60 -18.08 -0.40 44.55
N ARG C 61 -17.71 0.27 43.47
CA ARG C 61 -17.71 -0.35 42.14
C ARG C 61 -16.74 -1.54 42.10
N ARG C 62 -15.60 -1.39 42.78
CA ARG C 62 -14.59 -2.44 42.84
C ARG C 62 -15.06 -3.65 43.64
N GLN C 63 -15.77 -3.38 44.73
CA GLN C 63 -16.22 -4.45 45.63
C GLN C 63 -17.35 -5.26 44.99
N LEU C 64 -18.22 -4.57 44.24
CA LEU C 64 -19.27 -5.25 43.47
C LEU C 64 -18.69 -6.06 42.32
N LEU C 65 -17.66 -5.50 41.68
CA LEU C 65 -17.00 -6.15 40.54
C LEU C 65 -16.20 -7.37 40.97
N SER C 66 -15.63 -7.31 42.18
CA SER C 66 -14.77 -8.37 42.68
C SER C 66 -15.52 -9.69 42.89
N LYS C 67 -16.82 -9.61 43.17
CA LYS C 67 -17.65 -10.80 43.35
C LYS C 67 -17.94 -11.54 42.04
N LYS C 68 -17.74 -10.87 40.90
CA LYS C 68 -17.97 -11.48 39.58
C LYS C 68 -16.70 -12.11 38.98
N LEU C 69 -15.54 -11.88 39.61
CA LEU C 69 -14.27 -12.39 39.09
C LEU C 69 -13.96 -13.79 39.60
N SER C 70 -13.23 -14.57 38.81
CA SER C 70 -12.80 -15.91 39.22
C SER C 70 -11.79 -15.84 40.37
N GLU C 71 -11.02 -14.75 40.40
CA GLU C 71 -10.15 -14.42 41.52
C GLU C 71 -10.64 -13.09 42.12
N PRO C 72 -11.41 -13.14 43.19
CA PRO C 72 -12.00 -11.91 43.76
C PRO C 72 -10.98 -10.91 44.32
N SER C 73 -9.74 -11.34 44.57
CA SER C 73 -8.68 -10.46 45.06
C SER C 73 -7.83 -9.85 43.93
N SER C 74 -8.36 -9.82 42.71
CA SER C 74 -7.59 -9.39 41.54
C SER C 74 -7.13 -7.93 41.59
N LEU C 75 -7.97 -7.06 42.17
CA LEU C 75 -7.75 -5.62 42.15
C LEU C 75 -6.88 -5.08 43.29
N GLN C 76 -6.27 -5.97 44.08
CA GLN C 76 -5.42 -5.58 45.21
C GLN C 76 -4.41 -4.47 44.88
N TYR C 77 -3.63 -4.67 43.82
CA TYR C 77 -2.53 -3.78 43.49
C TYR C 77 -2.85 -2.74 42.41
N LEU C 78 -4.10 -2.70 41.98
CA LEU C 78 -4.59 -1.60 41.15
C LEU C 78 -4.93 -0.45 42.09
N PRO C 79 -4.20 0.65 42.03
CA PRO C 79 -4.46 1.78 42.94
C PRO C 79 -5.71 2.55 42.53
N TYR C 80 -6.25 3.35 43.45
CA TYR C 80 -7.41 4.19 43.14
C TYR C 80 -7.61 5.41 44.05
N ARG C 81 -7.04 5.39 45.27
CA ARG C 81 -7.23 6.46 46.23
C ARG C 81 -6.39 7.70 45.92
N ASP C 82 -6.86 8.85 46.42
CA ASP C 82 -6.17 10.13 46.29
C ASP C 82 -5.82 10.49 44.84
N TYR C 83 -6.77 10.22 43.94
CA TYR C 83 -6.67 10.64 42.56
C TYR C 83 -7.85 11.58 42.27
N ASN C 84 -7.61 12.61 41.49
CA ASN C 84 -8.64 13.62 41.19
C ASN C 84 -9.63 13.10 40.13
N TYR C 85 -10.70 12.47 40.60
CA TYR C 85 -11.72 11.91 39.70
C TYR C 85 -12.72 12.95 39.20
N SER C 86 -12.66 14.18 39.72
CA SER C 86 -13.61 15.23 39.32
C SER C 86 -13.49 15.60 37.84
N LEU C 87 -12.27 15.56 37.30
CA LEU C 87 -12.01 15.88 35.90
C LEU C 87 -12.11 14.65 34.97
N VAL C 88 -12.28 13.47 35.56
CA VAL C 88 -12.37 12.22 34.79
C VAL C 88 -13.82 11.80 34.54
N MET C 89 -14.65 11.82 35.57
CA MET C 89 -16.03 11.35 35.46
C MET C 89 -16.85 12.25 34.54
N GLY C 90 -17.57 11.63 33.60
CA GLY C 90 -18.38 12.36 32.64
C GLY C 90 -17.58 13.14 31.60
N ALA C 91 -16.36 12.70 31.33
CA ALA C 91 -15.48 13.41 30.38
C ALA C 91 -14.38 12.57 29.73
N CYS C 92 -13.73 11.68 30.51
CA CYS C 92 -12.55 10.94 30.07
C CYS C 92 -12.65 9.42 30.20
N CYS C 93 -13.40 8.93 31.19
CA CYS C 93 -13.51 7.49 31.43
C CYS C 93 -14.80 7.14 32.18
N GLU C 94 -15.39 5.99 31.84
CA GLU C 94 -16.60 5.50 32.49
C GLU C 94 -16.33 4.15 33.16
N ASN C 95 -17.16 3.80 34.13
CA ASN C 95 -17.04 2.55 34.90
C ASN C 95 -15.65 2.42 35.54
N VAL C 96 -15.21 3.50 36.18
CA VAL C 96 -13.84 3.63 36.65
C VAL C 96 -13.59 2.80 37.91
N ILE C 97 -12.58 1.94 37.86
CA ILE C 97 -12.19 1.11 39.00
C ILE C 97 -10.82 1.48 39.56
N GLY C 98 -10.24 2.59 39.09
CA GLY C 98 -8.95 3.05 39.55
C GLY C 98 -8.12 3.70 38.46
N TYR C 99 -6.80 3.65 38.63
CA TYR C 99 -5.86 4.18 37.65
C TYR C 99 -4.63 3.28 37.51
N MET C 100 -3.95 3.42 36.38
CA MET C 100 -2.82 2.57 36.02
C MET C 100 -1.56 3.42 35.94
N PRO C 101 -0.66 3.29 36.92
CA PRO C 101 0.61 4.04 36.89
C PRO C 101 1.54 3.58 35.77
N ILE C 102 1.91 4.49 34.88
CA ILE C 102 2.90 4.22 33.85
C ILE C 102 4.15 5.00 34.21
N PRO C 103 5.28 4.33 34.38
CA PRO C 103 6.53 5.02 34.70
C PRO C 103 6.84 6.16 33.72
N VAL C 104 7.27 7.31 34.24
CA VAL C 104 7.67 8.45 33.42
C VAL C 104 9.13 8.73 33.65
N GLY C 105 9.92 8.74 32.57
CA GLY C 105 11.30 9.14 32.61
C GLY C 105 11.52 10.42 31.81
N VAL C 106 12.73 10.96 31.86
CA VAL C 106 13.06 12.20 31.15
C VAL C 106 14.27 12.02 30.25
N ALA C 107 14.15 12.54 29.02
CA ALA C 107 15.21 12.53 28.03
C ALA C 107 15.54 13.97 27.65
N GLY C 108 16.78 14.37 27.89
CA GLY C 108 17.23 15.72 27.55
C GLY C 108 18.60 16.05 28.10
N PRO C 109 19.09 17.27 27.86
CA PRO C 109 18.36 18.30 27.13
C PRO C 109 18.31 18.07 25.61
N LEU C 110 17.13 18.24 25.04
CA LEU C 110 16.95 18.21 23.59
C LEU C 110 17.10 19.62 23.06
N CYS C 111 18.18 19.87 22.34
CA CYS C 111 18.48 21.20 21.81
C CYS C 111 17.78 21.34 20.47
N LEU C 112 16.69 22.10 20.44
CA LEU C 112 15.83 22.23 19.27
C LEU C 112 15.41 23.68 19.06
N ASP C 113 15.79 24.23 17.91
CA ASP C 113 15.45 25.60 17.53
C ASP C 113 15.94 26.61 18.58
N GLU C 114 17.20 26.45 18.97
CA GLU C 114 17.89 27.35 19.91
C GLU C 114 17.31 27.35 21.33
N LYS C 115 16.46 26.36 21.63
CA LYS C 115 15.87 26.18 22.96
C LYS C 115 16.28 24.82 23.51
N GLU C 116 16.01 24.59 24.80
CA GLU C 116 16.33 23.30 25.43
C GLU C 116 15.09 22.72 26.11
N PHE C 117 14.77 21.47 25.76
CA PHE C 117 13.59 20.78 26.27
C PHE C 117 13.95 19.56 27.09
N GLN C 118 13.22 19.33 28.17
CA GLN C 118 13.31 18.11 28.95
C GLN C 118 12.03 17.32 28.64
N VAL C 119 12.18 16.23 27.89
CA VAL C 119 11.05 15.53 27.28
C VAL C 119 10.56 14.37 28.14
N PRO C 120 9.32 14.44 28.62
CA PRO C 120 8.76 13.37 29.45
C PRO C 120 8.27 12.21 28.58
N MET C 121 8.52 10.98 29.05
CA MET C 121 8.27 9.78 28.28
C MET C 121 7.69 8.71 29.18
N ALA C 122 6.41 8.41 29.01
CA ALA C 122 5.73 7.36 29.77
C ALA C 122 5.87 6.02 29.06
N THR C 123 6.61 5.10 29.65
CA THR C 123 6.86 3.79 29.04
C THR C 123 7.20 2.69 30.06
N THR C 124 7.03 1.45 29.62
CA THR C 124 7.48 0.27 30.38
C THR C 124 8.52 -0.54 29.61
N GLU C 125 9.05 0.03 28.53
CA GLU C 125 10.09 -0.64 27.75
C GLU C 125 11.47 -0.22 28.23
N GLY C 126 12.24 -1.20 28.71
CA GLY C 126 13.59 -0.97 29.17
C GLY C 126 14.50 -0.43 28.09
N CYS C 127 15.37 0.48 28.50
CA CYS C 127 16.39 1.12 27.65
C CYS C 127 15.86 2.19 26.66
N LEU C 128 14.54 2.40 26.58
CA LEU C 128 13.98 3.36 25.62
C LEU C 128 14.36 4.79 25.99
N VAL C 129 14.17 5.17 27.25
CA VAL C 129 14.47 6.52 27.72
C VAL C 129 15.98 6.78 27.67
N ALA C 130 16.78 5.79 28.06
CA ALA C 130 18.24 5.91 28.05
C ALA C 130 18.77 6.08 26.62
N SER C 131 18.17 5.37 25.67
CA SER C 131 18.57 5.44 24.27
C SER C 131 18.22 6.79 23.67
N THR C 132 17.01 7.25 23.94
CA THR C 132 16.53 8.56 23.48
C THR C 132 17.37 9.67 24.09
N ASN C 133 17.81 9.46 25.33
CA ASN C 133 18.66 10.40 26.05
C ASN C 133 20.05 10.50 25.41
N ARG C 134 20.56 9.37 24.96
CA ARG C 134 21.85 9.29 24.27
C ARG C 134 21.78 10.03 22.93
N GLY C 135 20.66 9.88 22.24
CA GLY C 135 20.42 10.60 20.99
C GLY C 135 20.39 12.11 21.20
N CYS C 136 19.77 12.55 22.29
CA CYS C 136 19.71 13.97 22.62
C CYS C 136 21.12 14.53 22.83
N ARG C 137 21.98 13.76 23.51
CA ARG C 137 23.37 14.16 23.77
C ARG C 137 24.14 14.36 22.46
N ALA C 138 23.92 13.46 21.49
CA ALA C 138 24.60 13.53 20.20
C ALA C 138 24.21 14.78 19.42
N ILE C 139 22.92 15.12 19.47
CA ILE C 139 22.39 16.31 18.80
C ILE C 139 22.89 17.58 19.47
N GLY C 140 22.96 17.58 20.80
CA GLY C 140 23.39 18.75 21.56
C GLY C 140 24.84 19.12 21.33
N LEU C 141 25.69 18.12 21.16
CA LEU C 141 27.10 18.33 20.89
C LEU C 141 27.33 18.71 19.42
N GLY C 142 26.36 18.41 18.57
CA GLY C 142 26.42 18.75 17.16
C GLY C 142 25.83 20.11 16.79
N GLY C 143 25.55 20.95 17.78
CA GLY C 143 25.05 22.29 17.54
C GLY C 143 23.53 22.42 17.53
N GLY C 144 22.83 21.31 17.78
CA GLY C 144 21.38 21.32 17.94
C GLY C 144 20.63 20.98 16.66
N ALA C 145 19.36 20.66 16.83
CA ALA C 145 18.46 20.34 15.72
C ALA C 145 17.60 21.54 15.36
N SER C 146 17.09 21.56 14.12
CA SER C 146 16.17 22.59 13.64
C SER C 146 14.94 21.94 13.02
N SER C 147 13.76 22.50 13.26
CA SER C 147 12.53 21.95 12.71
C SER C 147 11.56 23.02 12.21
N ARG C 148 10.62 22.59 11.38
CA ARG C 148 9.59 23.45 10.81
C ARG C 148 8.26 22.72 10.70
N VAL C 149 7.17 23.40 11.05
CA VAL C 149 5.83 22.90 10.77
C VAL C 149 5.49 23.33 9.33
N LEU C 150 5.26 22.34 8.47
CA LEU C 150 4.99 22.56 7.05
C LEU C 150 3.50 22.70 6.74
N ALA C 151 2.67 22.04 7.55
CA ALA C 151 1.22 22.05 7.36
C ALA C 151 0.52 21.85 8.69
N ASP C 152 -0.76 22.19 8.72
CA ASP C 152 -1.54 22.11 9.95
C ASP C 152 -3.04 22.08 9.61
N GLY C 153 -3.71 20.99 10.01
CA GLY C 153 -5.12 20.84 9.74
C GLY C 153 -5.62 19.44 10.02
N MET C 154 -6.44 19.31 11.06
CA MET C 154 -7.13 18.06 11.37
C MET C 154 -8.18 17.81 10.31
N THR C 155 -8.53 16.55 10.08
CA THR C 155 -9.52 16.21 9.07
C THR C 155 -10.64 15.30 9.56
N ARG C 156 -11.71 15.29 8.79
CA ARG C 156 -12.83 14.36 8.94
C ARG C 156 -13.28 14.03 7.52
N GLY C 157 -13.53 12.75 7.27
CA GLY C 157 -13.77 12.27 5.92
C GLY C 157 -15.08 11.50 5.80
N PRO C 158 -16.22 12.20 5.90
CA PRO C 158 -17.54 11.56 5.74
C PRO C 158 -17.74 10.93 4.38
N VAL C 159 -18.68 9.99 4.30
CA VAL C 159 -19.14 9.44 3.04
C VAL C 159 -20.62 9.78 2.89
N VAL C 160 -20.96 10.39 1.76
CA VAL C 160 -22.34 10.63 1.39
C VAL C 160 -22.66 9.78 0.15
N ARG C 161 -23.95 9.65 -0.13
CA ARG C 161 -24.44 8.83 -1.24
C ARG C 161 -25.51 9.59 -2.01
N LEU C 162 -25.53 9.42 -3.33
CA LEU C 162 -26.57 10.00 -4.17
C LEU C 162 -27.22 8.88 -4.99
N PRO C 163 -28.36 9.14 -5.61
CA PRO C 163 -29.06 8.11 -6.39
C PRO C 163 -28.22 7.49 -7.52
N ARG C 164 -27.34 8.28 -8.13
CA ARG C 164 -26.50 7.82 -9.24
C ARG C 164 -25.10 8.45 -9.20
N ALA C 165 -24.15 7.82 -9.87
CA ALA C 165 -22.79 8.36 -10.02
C ALA C 165 -22.77 9.67 -10.79
N CYS C 166 -23.74 9.86 -11.69
CA CYS C 166 -23.88 11.12 -12.40
C CYS C 166 -24.23 12.24 -11.41
N ASP C 167 -25.05 11.93 -10.42
CA ASP C 167 -25.44 12.89 -9.39
C ASP C 167 -24.29 13.21 -8.43
N SER C 168 -23.53 12.19 -8.03
CA SER C 168 -22.39 12.40 -7.14
C SER C 168 -21.29 13.20 -7.86
N ALA C 169 -21.19 13.03 -9.18
CA ALA C 169 -20.26 13.80 -10.00
C ALA C 169 -20.66 15.27 -10.06
N GLU C 170 -21.96 15.55 -10.05
CA GLU C 170 -22.48 16.91 -10.03
C GLU C 170 -22.15 17.59 -8.71
N VAL C 171 -22.24 16.85 -7.61
CA VAL C 171 -21.95 17.38 -6.28
C VAL C 171 -20.46 17.71 -6.17
N LYS C 172 -19.62 16.84 -6.71
CA LYS C 172 -18.17 17.04 -6.72
C LYS C 172 -17.79 18.30 -7.48
N ALA C 173 -18.38 18.47 -8.66
CA ALA C 173 -18.12 19.64 -9.50
C ALA C 173 -18.58 20.93 -8.83
N TRP C 174 -19.72 20.85 -8.13
CA TRP C 174 -20.29 21.99 -7.42
C TRP C 174 -19.35 22.45 -6.30
N LEU C 175 -18.81 21.49 -5.54
CA LEU C 175 -17.89 21.77 -4.44
C LEU C 175 -16.57 22.37 -4.93
N GLU C 176 -16.21 22.07 -6.18
CA GLU C 176 -14.97 22.56 -6.78
C GLU C 176 -15.10 23.98 -7.36
N THR C 177 -16.32 24.45 -7.59
CA THR C 177 -16.53 25.85 -7.96
C THR C 177 -16.25 26.72 -6.74
N SER C 178 -15.75 27.93 -6.97
CA SER C 178 -15.51 28.88 -5.88
C SER C 178 -16.79 29.26 -5.15
N GLU C 179 -17.92 29.22 -5.87
CA GLU C 179 -19.23 29.58 -5.31
C GLU C 179 -19.75 28.51 -4.36
N GLY C 180 -19.62 27.25 -4.75
CA GLY C 180 -20.04 26.13 -3.93
C GLY C 180 -19.18 25.96 -2.68
N PHE C 181 -17.86 26.06 -2.86
CA PHE C 181 -16.94 25.95 -1.73
C PHE C 181 -17.15 27.07 -0.71
N ALA C 182 -17.49 28.27 -1.19
CA ALA C 182 -17.68 29.43 -0.32
C ALA C 182 -18.87 29.24 0.61
N VAL C 183 -19.96 28.67 0.08
CA VAL C 183 -21.17 28.42 0.86
C VAL C 183 -20.91 27.38 1.94
N ILE C 184 -20.19 26.32 1.57
CA ILE C 184 -19.86 25.23 2.50
C ILE C 184 -18.88 25.71 3.56
N LYS C 185 -17.93 26.55 3.15
CA LYS C 185 -16.94 27.12 4.06
C LYS C 185 -17.59 28.02 5.09
N GLU C 186 -18.62 28.76 4.69
CA GLU C 186 -19.30 29.69 5.60
C GLU C 186 -20.09 28.91 6.65
N ALA C 187 -20.69 27.80 6.23
CA ALA C 187 -21.44 26.93 7.13
C ALA C 187 -20.52 26.24 8.13
N PHE C 188 -19.35 25.79 7.65
CA PHE C 188 -18.37 25.09 8.46
C PHE C 188 -17.78 26.02 9.53
N ASP C 189 -17.38 27.21 9.09
CA ASP C 189 -16.70 28.19 9.95
C ASP C 189 -17.61 28.82 11.01
N SER C 190 -18.93 28.74 10.79
CA SER C 190 -19.91 29.28 11.74
C SER C 190 -19.96 28.53 13.07
N THR C 191 -19.49 27.29 13.08
CA THR C 191 -19.62 26.41 14.23
C THR C 191 -18.61 26.67 15.35
N SER C 192 -17.52 27.37 15.05
CA SER C 192 -16.45 27.58 16.02
C SER C 192 -15.55 28.76 15.65
N ARG C 193 -14.88 29.33 16.65
CA ARG C 193 -13.99 30.47 16.45
C ARG C 193 -12.74 30.13 15.63
N PHE C 194 -12.30 28.87 15.71
CA PHE C 194 -11.09 28.41 15.01
C PHE C 194 -11.40 27.64 13.72
N ALA C 195 -12.68 27.39 13.46
CA ALA C 195 -13.10 26.69 12.25
C ALA C 195 -12.84 27.56 11.02
N ARG C 196 -11.88 27.13 10.20
CA ARG C 196 -11.50 27.82 8.97
C ARG C 196 -11.17 26.79 7.90
N LEU C 197 -12.14 26.53 7.02
CA LEU C 197 -12.04 25.42 6.08
C LEU C 197 -11.02 25.68 4.99
N GLN C 198 -10.14 24.70 4.79
CA GLN C 198 -9.15 24.71 3.72
C GLN C 198 -9.74 23.99 2.51
N LYS C 199 -8.98 23.90 1.42
CA LYS C 199 -9.45 23.24 0.20
C LYS C 199 -10.01 21.86 0.49
N LEU C 200 -11.17 21.56 -0.09
CA LEU C 200 -11.78 20.24 0.05
C LEU C 200 -11.07 19.25 -0.88
N HIS C 201 -10.84 18.05 -0.37
CA HIS C 201 -10.39 16.94 -1.21
C HIS C 201 -11.54 15.95 -1.32
N THR C 202 -11.90 15.59 -2.55
CA THR C 202 -13.03 14.69 -2.78
C THR C 202 -12.64 13.52 -3.67
N SER C 203 -13.29 12.38 -3.44
CA SER C 203 -13.09 11.16 -4.22
C SER C 203 -14.42 10.46 -4.43
N ILE C 204 -14.70 10.09 -5.67
CA ILE C 204 -15.93 9.39 -6.01
C ILE C 204 -15.65 7.90 -6.09
N ALA C 205 -16.64 7.11 -5.68
CA ALA C 205 -16.67 5.68 -5.92
C ALA C 205 -18.11 5.33 -6.30
N GLY C 206 -18.41 5.47 -7.59
CA GLY C 206 -19.76 5.28 -8.08
C GLY C 206 -20.64 6.40 -7.57
N ARG C 207 -21.74 6.04 -6.92
CA ARG C 207 -22.65 7.02 -6.32
C ARG C 207 -22.22 7.49 -4.94
N ASN C 208 -21.12 6.94 -4.41
CA ASN C 208 -20.52 7.44 -3.17
C ASN C 208 -19.64 8.64 -3.45
N LEU C 209 -19.63 9.57 -2.51
CA LEU C 209 -18.70 10.70 -2.54
C LEU C 209 -18.06 10.84 -1.16
N TYR C 210 -16.74 10.75 -1.13
CA TYR C 210 -15.97 10.91 0.09
C TYR C 210 -15.39 12.32 0.10
N ILE C 211 -15.73 13.08 1.13
CA ILE C 211 -15.30 14.47 1.23
C ILE C 211 -14.41 14.63 2.44
N ARG C 212 -13.17 15.06 2.23
CA ARG C 212 -12.21 15.28 3.30
C ARG C 212 -12.18 16.75 3.69
N PHE C 213 -12.83 17.08 4.80
CA PHE C 213 -12.82 18.42 5.36
C PHE C 213 -11.55 18.58 6.20
N GLN C 214 -10.89 19.72 6.08
CA GLN C 214 -9.67 19.99 6.82
C GLN C 214 -9.68 21.42 7.35
N SER C 215 -9.29 21.59 8.60
CA SER C 215 -9.19 22.90 9.21
C SER C 215 -8.24 22.90 10.41
N ARG C 216 -7.65 24.06 10.67
CA ARG C 216 -6.92 24.27 11.90
C ARG C 216 -7.93 24.25 13.05
N SER C 217 -7.42 24.16 14.27
CA SER C 217 -8.28 23.97 15.43
C SER C 217 -7.64 24.56 16.67
N GLY C 218 -6.98 25.70 16.49
CA GLY C 218 -6.21 26.33 17.55
C GLY C 218 -5.19 25.36 18.09
N ASP C 219 -5.19 25.18 19.41
CA ASP C 219 -4.26 24.27 20.08
C ASP C 219 -4.85 22.89 20.33
N ALA C 220 -6.15 22.73 20.11
CA ALA C 220 -6.79 21.43 20.25
C ALA C 220 -6.37 20.48 19.12
N MET C 221 -6.38 19.18 19.40
CA MET C 221 -6.16 18.18 18.36
C MET C 221 -7.26 18.33 17.30
N GLY C 222 -8.47 18.65 17.76
CA GLY C 222 -9.51 19.20 16.93
C GLY C 222 -10.50 18.23 16.33
N MET C 223 -10.61 17.04 16.90
CA MET C 223 -11.54 16.03 16.39
C MET C 223 -13.00 16.44 16.52
N ASN C 224 -13.38 16.90 17.71
CA ASN C 224 -14.76 17.29 17.98
C ASN C 224 -15.15 18.57 17.24
N MET C 225 -14.20 19.49 17.09
CA MET C 225 -14.44 20.76 16.40
C MET C 225 -14.62 20.56 14.90
N ILE C 226 -13.83 19.66 14.31
CA ILE C 226 -13.92 19.39 12.87
C ILE C 226 -15.20 18.62 12.55
N SER C 227 -15.64 17.79 13.49
CA SER C 227 -16.83 16.97 13.29
C SER C 227 -18.09 17.81 13.38
N LYS C 228 -18.08 18.82 14.26
CA LYS C 228 -19.19 19.75 14.39
C LYS C 228 -19.31 20.60 13.12
N GLY C 229 -18.19 21.13 12.65
CA GLY C 229 -18.14 21.88 11.41
C GLY C 229 -18.58 21.05 10.21
N THR C 230 -18.19 19.77 10.21
CA THR C 230 -18.51 18.86 9.11
C THR C 230 -20.01 18.56 9.06
N GLU C 231 -20.63 18.37 10.21
CA GLU C 231 -22.07 18.10 10.29
C GLU C 231 -22.86 19.29 9.76
N LYS C 232 -22.46 20.50 10.14
CA LYS C 232 -23.10 21.73 9.70
C LYS C 232 -22.90 21.93 8.21
N ALA C 233 -21.73 21.57 7.71
CA ALA C 233 -21.39 21.72 6.29
C ALA C 233 -22.21 20.79 5.42
N LEU C 234 -22.42 19.54 5.87
CA LEU C 234 -23.19 18.55 5.12
C LEU C 234 -24.68 18.86 5.15
N SER C 235 -25.13 19.50 6.23
CA SER C 235 -26.52 19.98 6.34
C SER C 235 -26.77 21.06 5.30
N LYS C 236 -25.82 21.98 5.17
CA LYS C 236 -25.86 23.04 4.16
C LYS C 236 -25.78 22.47 2.75
N LEU C 237 -24.99 21.42 2.57
CA LEU C 237 -24.83 20.77 1.28
C LEU C 237 -26.12 20.06 0.87
N HIS C 238 -26.86 19.56 1.85
CA HIS C 238 -28.13 18.87 1.60
C HIS C 238 -29.23 19.84 1.13
N GLU C 239 -29.13 21.11 1.50
CA GLU C 239 -30.07 22.13 1.05
C GLU C 239 -30.01 22.32 -0.47
N TYR C 240 -28.80 22.21 -1.03
CA TYR C 240 -28.61 22.30 -2.47
C TYR C 240 -28.86 20.96 -3.19
N PHE C 241 -28.66 19.86 -2.46
CA PHE C 241 -28.83 18.51 -3.02
C PHE C 241 -29.65 17.64 -2.07
N PRO C 242 -30.99 17.76 -2.13
CA PRO C 242 -31.87 17.08 -1.17
C PRO C 242 -31.89 15.53 -1.29
N GLU C 243 -31.48 14.98 -2.42
CA GLU C 243 -31.42 13.52 -2.60
C GLU C 243 -30.19 12.89 -1.94
N MET C 244 -29.26 13.71 -1.46
CA MET C 244 -28.03 13.23 -0.82
C MET C 244 -28.32 12.61 0.54
N GLN C 245 -27.74 11.43 0.77
CA GLN C 245 -27.83 10.73 2.04
C GLN C 245 -26.45 10.79 2.72
N ILE C 246 -26.39 11.37 3.91
CA ILE C 246 -25.21 11.26 4.75
C ILE C 246 -25.20 9.86 5.35
N LEU C 247 -24.33 9.00 4.82
CA LEU C 247 -24.24 7.61 5.26
C LEU C 247 -23.48 7.49 6.59
N ALA C 248 -22.39 8.25 6.72
CA ALA C 248 -21.61 8.28 7.94
C ALA C 248 -20.73 9.54 8.01
N VAL C 249 -20.68 10.14 9.20
CA VAL C 249 -19.88 11.33 9.42
C VAL C 249 -18.39 11.04 9.23
N SER C 250 -18.00 9.79 9.51
CA SER C 250 -16.69 9.27 9.13
C SER C 250 -16.89 8.06 8.22
N GLY C 251 -16.45 8.20 6.97
CA GLY C 251 -16.39 7.10 6.03
C GLY C 251 -14.98 6.61 5.83
N ASN C 252 -14.14 6.71 6.87
CA ASN C 252 -12.73 6.26 6.86
C ASN C 252 -11.80 6.99 5.89
N TYR C 253 -12.21 8.18 5.45
CA TYR C 253 -11.44 8.96 4.49
C TYR C 253 -10.66 10.07 5.20
N CYS C 254 -10.71 10.08 6.53
CA CYS C 254 -10.07 11.14 7.32
C CYS C 254 -8.55 11.13 7.21
N THR C 255 -7.85 10.03 7.50
CA THR C 255 -8.35 8.80 8.11
C THR C 255 -7.89 8.78 9.56
N ASP C 256 -8.78 8.41 10.47
CA ASP C 256 -8.51 8.46 11.90
C ASP C 256 -8.20 7.08 12.47
N LYS C 257 -7.02 6.93 13.05
CA LYS C 257 -6.61 5.73 13.80
C LYS C 257 -6.54 4.43 12.98
N LYS C 258 -6.42 4.56 11.66
CA LYS C 258 -6.10 3.43 10.79
C LYS C 258 -4.94 3.82 9.88
N PRO C 259 -4.11 2.86 9.47
CA PRO C 259 -3.08 3.15 8.47
C PRO C 259 -3.72 3.57 7.16
N ALA C 260 -3.25 4.64 6.56
CA ALA C 260 -3.85 5.17 5.34
C ALA C 260 -2.87 6.04 4.56
N ALA C 261 -2.71 5.71 3.28
CA ALA C 261 -1.82 6.46 2.39
C ALA C 261 -2.23 7.92 2.27
N ILE C 262 -3.53 8.21 2.39
CA ILE C 262 -4.01 9.59 2.29
C ILE C 262 -3.41 10.50 3.37
N ASN C 263 -3.19 9.96 4.56
CA ASN C 263 -2.52 10.72 5.63
C ASN C 263 -1.05 10.96 5.31
N TRP C 264 -0.41 9.96 4.73
CA TRP C 264 1.00 10.04 4.34
C TRP C 264 1.24 11.08 3.24
N ILE C 265 0.29 11.20 2.33
CA ILE C 265 0.46 12.00 1.12
C ILE C 265 -0.08 13.43 1.28
N GLU C 266 -1.23 13.57 1.92
CA GLU C 266 -1.87 14.86 2.10
C GLU C 266 -1.56 15.51 3.46
N GLY C 267 -1.07 14.70 4.40
CA GLY C 267 -0.85 15.15 5.76
C GLY C 267 -2.12 15.12 6.57
N ARG C 268 -1.98 15.12 7.90
CA ARG C 268 -3.12 15.18 8.81
C ARG C 268 -2.67 15.62 10.20
N GLY C 269 -3.32 16.65 10.74
CA GLY C 269 -2.81 17.35 11.90
C GLY C 269 -1.60 18.17 11.47
N LYS C 270 -0.49 18.01 12.17
CA LYS C 270 0.73 18.76 11.90
C LYS C 270 1.70 17.94 11.06
N SER C 271 2.12 18.50 9.92
CA SER C 271 3.24 17.94 9.17
C SER C 271 4.49 18.67 9.62
N VAL C 272 5.55 17.91 9.94
CA VAL C 272 6.77 18.46 10.51
C VAL C 272 8.01 17.83 9.87
N VAL C 273 9.09 18.60 9.84
CA VAL C 273 10.41 18.08 9.46
C VAL C 273 11.43 18.58 10.49
N CYS C 274 12.36 17.71 10.85
CA CYS C 274 13.44 18.06 11.76
C CYS C 274 14.77 17.63 11.13
N GLU C 275 15.86 18.25 11.57
CA GLU C 275 17.18 17.94 11.02
C GLU C 275 18.30 18.30 11.98
N ALA C 276 19.43 17.61 11.85
CA ALA C 276 20.64 17.97 12.58
C ALA C 276 21.87 17.47 11.81
N VAL C 277 23.03 17.95 12.22
CA VAL C 277 24.30 17.44 11.72
C VAL C 277 25.16 17.06 12.92
N ILE C 278 25.58 15.80 12.96
CA ILE C 278 26.35 15.26 14.07
C ILE C 278 27.81 15.14 13.62
N PRO C 279 28.72 15.87 14.24
CA PRO C 279 30.15 15.79 13.91
C PRO C 279 30.66 14.34 13.91
N ALA C 280 31.66 14.06 13.07
CA ALA C 280 32.25 12.72 13.00
C ALA C 280 32.76 12.26 14.36
N LYS C 281 33.31 13.20 15.13
CA LYS C 281 33.82 12.94 16.47
C LYS C 281 32.71 12.48 17.42
N VAL C 282 31.56 13.17 17.35
CA VAL C 282 30.42 12.84 18.21
C VAL C 282 29.80 11.47 17.87
N VAL C 283 29.86 11.08 16.60
CA VAL C 283 29.31 9.79 16.17
C VAL C 283 30.13 8.64 16.76
N ARG C 284 31.45 8.80 16.82
CA ARG C 284 32.33 7.77 17.36
C ARG C 284 32.28 7.67 18.88
N GLU C 285 32.34 8.82 19.56
CA GLU C 285 32.47 8.85 21.02
C GLU C 285 31.14 8.63 21.74
N VAL C 286 30.09 9.30 21.27
CA VAL C 286 28.77 9.21 21.87
C VAL C 286 27.97 8.02 21.34
N LEU C 287 27.96 7.85 20.01
CA LEU C 287 27.14 6.81 19.38
C LEU C 287 27.88 5.49 19.08
N LYS C 288 29.20 5.47 19.31
CA LYS C 288 30.00 4.24 19.18
C LYS C 288 29.95 3.61 17.79
N THR C 289 30.08 4.44 16.76
CA THR C 289 29.96 4.00 15.37
C THR C 289 30.61 5.00 14.42
N THR C 290 30.39 4.84 13.12
CA THR C 290 30.83 5.83 12.13
C THR C 290 29.67 6.33 11.30
N THR C 291 29.90 7.44 10.60
CA THR C 291 28.90 7.99 9.68
C THR C 291 28.62 7.03 8.53
N GLU C 292 29.66 6.36 8.04
CA GLU C 292 29.52 5.41 6.93
C GLU C 292 28.66 4.22 7.32
N ALA C 293 28.82 3.74 8.55
CA ALA C 293 28.04 2.62 9.06
C ALA C 293 26.57 2.99 9.22
N MET C 294 26.31 4.22 9.66
CA MET C 294 24.95 4.73 9.88
C MET C 294 24.17 4.86 8.58
N ILE C 295 24.82 5.39 7.54
CA ILE C 295 24.17 5.60 6.25
C ILE C 295 23.82 4.26 5.62
N GLU C 296 24.76 3.32 5.71
CA GLU C 296 24.61 1.96 5.21
C GLU C 296 23.37 1.28 5.81
N VAL C 297 23.20 1.43 7.12
CA VAL C 297 22.09 0.81 7.83
C VAL C 297 20.77 1.52 7.51
N ASN C 298 20.80 2.85 7.39
CA ASN C 298 19.58 3.60 7.12
C ASN C 298 18.98 3.28 5.76
N ILE C 299 19.84 3.24 4.75
CA ILE C 299 19.42 2.90 3.39
C ILE C 299 18.81 1.50 3.36
N ASN C 300 19.52 0.53 3.91
CA ASN C 300 19.15 -0.88 3.78
C ASN C 300 18.12 -1.40 4.80
N LYS C 301 17.87 -0.62 5.85
CA LYS C 301 16.85 -0.97 6.85
C LYS C 301 15.62 -0.10 6.64
N ASN C 302 15.79 1.20 6.85
CA ASN C 302 14.66 2.15 6.82
C ASN C 302 14.07 2.43 5.44
N LEU C 303 14.86 2.29 4.38
CA LEU C 303 14.34 2.49 3.02
C LEU C 303 14.06 1.17 2.31
N VAL C 304 15.12 0.41 2.02
CA VAL C 304 14.99 -0.84 1.27
C VAL C 304 14.24 -1.89 2.08
N GLY C 305 14.57 -2.00 3.37
CA GLY C 305 13.92 -2.96 4.24
C GLY C 305 12.42 -2.73 4.38
N SER C 306 12.05 -1.47 4.62
CA SER C 306 10.64 -1.09 4.72
C SER C 306 9.92 -1.32 3.38
N ALA C 307 10.64 -1.09 2.28
CA ALA C 307 10.10 -1.30 0.94
C ALA C 307 9.80 -2.77 0.70
N MET C 308 10.70 -3.66 1.15
CA MET C 308 10.54 -5.11 0.98
C MET C 308 9.38 -5.62 1.83
N ALA C 309 9.13 -4.98 2.97
CA ALA C 309 8.05 -5.34 3.86
C ALA C 309 6.69 -4.81 3.39
N GLY C 310 6.69 -3.99 2.35
CA GLY C 310 5.47 -3.40 1.81
C GLY C 310 4.90 -2.33 2.71
N SER C 311 5.77 -1.48 3.24
CA SER C 311 5.36 -0.45 4.18
C SER C 311 4.94 0.83 3.46
N ILE C 312 3.87 1.44 3.95
CA ILE C 312 3.48 2.78 3.57
C ILE C 312 3.64 3.65 4.82
N GLY C 313 4.59 4.59 4.77
CA GLY C 313 4.82 5.51 5.86
C GLY C 313 5.70 5.01 7.00
N GLY C 314 6.18 3.78 6.90
CA GLY C 314 6.98 3.18 7.97
C GLY C 314 8.46 3.10 7.62
N TYR C 315 9.01 4.20 7.12
CA TYR C 315 10.41 4.26 6.68
C TYR C 315 11.32 4.78 7.79
N ASN C 316 11.20 4.18 8.96
CA ASN C 316 11.96 4.57 10.15
C ASN C 316 12.25 3.33 11.01
N ALA C 317 13.03 3.52 12.07
CA ALA C 317 13.40 2.44 12.98
C ALA C 317 12.35 2.22 14.06
N HIS C 318 12.06 3.26 14.85
CA HIS C 318 11.11 3.14 15.95
C HIS C 318 10.50 4.47 16.40
N ALA C 319 10.10 5.29 15.43
CA ALA C 319 9.37 6.53 15.71
C ALA C 319 8.19 6.28 16.66
N ALA C 320 7.52 5.13 16.51
CA ALA C 320 6.35 4.80 17.30
C ALA C 320 6.62 4.66 18.81
N ASN C 321 7.83 4.20 19.17
CA ASN C 321 8.23 4.15 20.58
C ASN C 321 8.21 5.52 21.23
N ILE C 322 8.78 6.51 20.55
CA ILE C 322 8.90 7.86 21.09
C ILE C 322 7.54 8.58 21.06
N VAL C 323 6.82 8.46 19.95
CA VAL C 323 5.50 9.07 19.82
C VAL C 323 4.58 8.59 20.94
N THR C 324 4.49 7.27 21.09
CA THR C 324 3.64 6.66 22.12
C THR C 324 4.03 7.10 23.52
N ALA C 325 5.34 7.15 23.79
CA ALA C 325 5.81 7.51 25.12
C ALA C 325 5.43 8.95 25.49
N ILE C 326 5.63 9.88 24.57
CA ILE C 326 5.31 11.28 24.80
C ILE C 326 3.79 11.48 24.88
N TYR C 327 3.06 10.74 24.06
CA TYR C 327 1.60 10.88 23.98
C TYR C 327 0.93 10.48 25.30
N ILE C 328 1.38 9.39 25.89
CA ILE C 328 0.82 8.92 27.15
C ILE C 328 1.15 9.90 28.27
N ALA C 329 2.39 10.40 28.28
CA ALA C 329 2.84 11.35 29.29
C ALA C 329 2.10 12.69 29.21
N CYS C 330 1.74 13.12 28.00
CA CYS C 330 1.22 14.48 27.78
C CYS C 330 -0.29 14.51 27.48
N GLY C 331 -1.00 13.45 27.83
CA GLY C 331 -2.45 13.41 27.72
C GLY C 331 -3.03 13.38 26.33
N GLN C 332 -2.25 12.90 25.37
CA GLN C 332 -2.70 12.73 23.99
C GLN C 332 -3.48 11.44 23.84
N ASP C 333 -4.14 11.31 22.69
CA ASP C 333 -4.83 10.08 22.32
C ASP C 333 -3.77 9.08 21.82
N ALA C 334 -3.44 8.10 22.65
CA ALA C 334 -2.39 7.13 22.33
C ALA C 334 -2.74 6.24 21.13
N ALA C 335 -4.04 6.04 20.90
CA ALA C 335 -4.51 5.30 19.73
C ALA C 335 -4.14 5.97 18.40
N GLN C 336 -3.99 7.29 18.42
CA GLN C 336 -3.58 8.03 17.23
C GLN C 336 -2.10 7.87 16.87
N ASN C 337 -1.39 7.06 17.65
CA ASN C 337 -0.02 6.67 17.31
C ASN C 337 0.05 5.92 15.97
N VAL C 338 -1.05 5.29 15.58
CA VAL C 338 -1.12 4.58 14.30
C VAL C 338 -0.69 5.50 13.14
N GLY C 339 -1.34 6.66 13.03
CA GLY C 339 -1.02 7.63 11.99
C GLY C 339 0.07 8.63 12.35
N SER C 340 0.16 8.98 13.64
CA SER C 340 1.13 9.98 14.11
C SER C 340 2.58 9.52 14.00
N SER C 341 2.79 8.21 13.97
CA SER C 341 4.13 7.63 13.91
C SER C 341 4.69 7.53 12.50
N ASN C 342 3.87 7.88 11.50
CA ASN C 342 4.33 7.98 10.12
C ASN C 342 5.60 8.82 10.07
N CYS C 343 6.66 8.26 9.50
CA CYS C 343 7.97 8.91 9.51
C CYS C 343 8.92 8.30 8.48
N ILE C 344 9.64 9.16 7.77
CA ILE C 344 10.76 8.74 6.93
C ILE C 344 12.05 9.38 7.47
N THR C 345 13.00 8.52 7.83
CA THR C 345 14.28 8.94 8.36
C THR C 345 15.31 8.85 7.25
N LEU C 346 15.97 9.97 6.96
CA LEU C 346 17.00 10.02 5.93
C LEU C 346 18.34 10.39 6.54
N MET C 347 19.40 9.77 6.03
CA MET C 347 20.76 10.03 6.50
C MET C 347 21.71 10.18 5.32
N GLU C 348 22.52 11.25 5.35
CA GLU C 348 23.53 11.51 4.32
C GLU C 348 24.89 11.80 4.95
N ALA C 349 25.95 11.56 4.17
CA ALA C 349 27.28 12.04 4.51
C ALA C 349 27.29 13.56 4.34
N SER C 350 28.11 14.25 5.11
CA SER C 350 28.10 15.70 5.16
C SER C 350 29.46 16.28 5.59
N GLY C 351 29.66 17.56 5.31
CA GLY C 351 30.90 18.24 5.66
C GLY C 351 31.98 18.09 4.59
N PRO C 352 33.12 18.74 4.79
CA PRO C 352 34.19 18.78 3.78
C PRO C 352 34.84 17.44 3.44
N THR C 353 34.89 16.49 4.37
CA THR C 353 35.40 15.14 4.08
C THR C 353 34.30 14.07 4.06
N ASN C 354 33.04 14.48 4.10
CA ASN C 354 31.90 13.57 4.08
C ASN C 354 31.91 12.56 5.24
N GLU C 355 32.40 13.00 6.40
CA GLU C 355 32.49 12.15 7.59
C GLU C 355 31.49 12.54 8.68
N ASP C 356 30.84 13.69 8.53
CA ASP C 356 29.78 14.12 9.45
C ASP C 356 28.45 13.55 8.96
N LEU C 357 27.49 13.44 9.88
CA LEU C 357 26.23 12.75 9.61
C LEU C 357 25.05 13.71 9.60
N TYR C 358 24.52 14.00 8.43
CA TYR C 358 23.26 14.71 8.31
C TYR C 358 22.11 13.73 8.53
N ILE C 359 21.25 14.02 9.51
CA ILE C 359 20.03 13.24 9.74
C ILE C 359 18.80 14.14 9.63
N SER C 360 17.71 13.58 9.15
CA SER C 360 16.44 14.29 9.07
C SER C 360 15.29 13.31 9.25
N CYS C 361 14.26 13.75 9.95
CA CYS C 361 13.03 12.97 10.12
C CYS C 361 11.86 13.82 9.66
N THR C 362 11.01 13.24 8.81
CA THR C 362 9.85 13.93 8.28
C THR C 362 8.59 13.16 8.67
N MET C 363 7.69 13.82 9.37
CA MET C 363 6.49 13.21 9.91
C MET C 363 5.27 14.01 9.45
N PRO C 364 4.58 13.52 8.42
CA PRO C 364 3.49 14.28 7.79
C PRO C 364 2.16 14.32 8.56
N SER C 365 1.98 13.53 9.61
CA SER C 365 0.66 13.37 10.22
C SER C 365 0.67 13.23 11.75
N ILE C 366 1.38 14.14 12.43
CA ILE C 366 1.38 14.20 13.89
C ILE C 366 0.05 14.78 14.39
N GLU C 367 -0.82 13.91 14.89
CA GLU C 367 -2.12 14.31 15.46
C GLU C 367 -1.95 14.63 16.95
N ILE C 368 -2.03 15.92 17.28
CA ILE C 368 -1.63 16.41 18.61
C ILE C 368 -2.41 17.66 19.07
N GLY C 369 -2.46 17.84 20.39
CA GLY C 369 -3.10 18.99 21.00
C GLY C 369 -2.63 19.26 22.42
N THR C 370 -2.80 20.49 22.88
CA THR C 370 -2.44 20.87 24.25
C THR C 370 -3.62 21.35 25.10
N VAL C 371 -4.81 21.37 24.50
CA VAL C 371 -6.06 21.60 25.23
C VAL C 371 -7.03 20.46 24.93
N GLY C 372 -7.85 20.08 25.91
CA GLY C 372 -8.89 19.08 25.73
C GLY C 372 -8.41 17.66 25.91
N GLY C 373 -9.36 16.74 26.04
CA GLY C 373 -9.07 15.32 26.19
C GLY C 373 -8.33 15.02 27.48
N GLY C 374 -7.27 14.21 27.38
CA GLY C 374 -6.44 13.89 28.52
C GLY C 374 -5.57 15.04 29.02
N THR C 375 -5.41 16.08 28.22
CA THR C 375 -4.62 17.26 28.61
C THR C 375 -5.36 18.16 29.62
N ASN C 376 -6.60 17.82 29.96
CA ASN C 376 -7.34 18.52 31.01
C ASN C 376 -6.97 18.02 32.42
N LEU C 377 -6.37 16.83 32.48
CA LEU C 377 -5.99 16.21 33.75
C LEU C 377 -4.67 16.80 34.25
N LEU C 378 -4.55 16.95 35.57
CA LEU C 378 -3.40 17.67 36.16
C LEU C 378 -2.04 17.00 35.97
N PRO C 379 -1.93 15.68 36.18
CA PRO C 379 -0.66 14.99 35.94
C PRO C 379 -0.17 15.15 34.50
N GLN C 380 -1.08 15.06 33.54
CA GLN C 380 -0.73 15.20 32.13
C GLN C 380 -0.33 16.64 31.80
N GLN C 381 -0.99 17.60 32.46
CA GLN C 381 -0.65 19.02 32.29
C GLN C 381 0.73 19.33 32.85
N ALA C 382 1.17 18.54 33.83
CA ALA C 382 2.50 18.68 34.41
C ALA C 382 3.57 18.41 33.37
N CYS C 383 3.37 17.38 32.57
CA CYS C 383 4.33 17.03 31.52
C CYS C 383 4.31 18.05 30.39
N LEU C 384 3.13 18.54 30.05
CA LEU C 384 3.00 19.61 29.07
C LEU C 384 3.68 20.90 29.57
N GLN C 385 3.62 21.14 30.87
CA GLN C 385 4.21 22.34 31.47
C GLN C 385 5.74 22.26 31.51
N MET C 386 6.28 21.04 31.58
CA MET C 386 7.73 20.82 31.49
C MET C 386 8.27 21.35 30.16
N LEU C 387 7.49 21.15 29.09
CA LEU C 387 7.87 21.56 27.74
C LEU C 387 7.42 22.98 27.39
N GLY C 388 6.66 23.62 28.29
CA GLY C 388 6.21 24.99 28.08
C GLY C 388 5.10 25.13 27.05
N VAL C 389 4.25 24.11 26.93
CA VAL C 389 3.21 24.06 25.91
C VAL C 389 1.81 23.75 26.46
N GLN C 390 1.65 23.74 27.79
CA GLN C 390 0.35 23.42 28.37
C GLN C 390 -0.72 24.48 28.04
N GLY C 391 -1.86 24.00 27.56
CA GLY C 391 -3.01 24.86 27.35
C GLY C 391 -2.97 25.66 26.06
N ALA C 392 -3.91 26.59 25.95
CA ALA C 392 -4.02 27.45 24.77
C ALA C 392 -3.06 28.63 24.87
N CYS C 393 -2.40 28.93 23.75
CA CYS C 393 -1.60 30.14 23.63
C CYS C 393 -2.51 31.30 23.19
N LYS C 394 -2.76 32.22 24.11
CA LYS C 394 -3.67 33.33 23.84
C LYS C 394 -3.18 34.27 22.74
N ASP C 395 -1.89 34.59 22.76
CA ASP C 395 -1.32 35.59 21.85
C ASP C 395 -1.20 35.07 20.41
N ASN C 396 -0.90 33.78 20.27
CA ASN C 396 -0.74 33.15 18.96
C ASN C 396 -1.40 31.78 18.98
N PRO C 397 -2.72 31.73 18.79
CA PRO C 397 -3.47 30.47 18.81
C PRO C 397 -2.89 29.39 17.91
N GLY C 398 -2.59 28.23 18.51
CA GLY C 398 -2.02 27.10 17.83
C GLY C 398 -0.53 26.90 18.06
N GLU C 399 0.12 27.87 18.70
CA GLU C 399 1.57 27.86 18.84
C GLU C 399 2.04 26.78 19.81
N ASN C 400 1.24 26.48 20.82
CA ASN C 400 1.58 25.45 21.80
C ASN C 400 1.48 24.05 21.19
N ALA C 401 0.45 23.79 20.40
CA ALA C 401 0.28 22.50 19.73
C ALA C 401 1.33 22.31 18.63
N ARG C 402 1.65 23.39 17.92
CA ARG C 402 2.68 23.37 16.89
C ARG C 402 4.06 23.12 17.49
N GLN C 403 4.31 23.69 18.67
CA GLN C 403 5.59 23.52 19.36
C GLN C 403 5.72 22.09 19.87
N LEU C 404 4.62 21.52 20.37
CA LEU C 404 4.63 20.13 20.84
C LEU C 404 4.91 19.18 19.69
N ALA C 405 4.37 19.48 18.51
CA ALA C 405 4.61 18.67 17.32
C ALA C 405 6.07 18.70 16.93
N ARG C 406 6.70 19.87 17.07
CA ARG C 406 8.13 20.03 16.80
C ARG C 406 8.98 19.24 17.77
N ILE C 407 8.54 19.18 19.03
CA ILE C 407 9.27 18.46 20.08
C ILE C 407 9.19 16.95 19.85
N VAL C 408 8.03 16.49 19.37
CA VAL C 408 7.83 15.08 19.07
C VAL C 408 8.78 14.65 17.95
N CYS C 409 8.79 15.42 16.88
CA CYS C 409 9.62 15.11 15.72
C CYS C 409 11.11 15.16 16.06
N GLY C 410 11.49 16.12 16.88
CA GLY C 410 12.86 16.23 17.34
C GLY C 410 13.29 15.08 18.23
N THR C 411 12.38 14.63 19.09
CA THR C 411 12.66 13.52 20.00
C THR C 411 12.69 12.20 19.23
N VAL C 412 11.84 12.08 18.21
CA VAL C 412 11.87 10.92 17.32
C VAL C 412 13.23 10.85 16.62
N MET C 413 13.74 11.99 16.18
CA MET C 413 15.04 12.04 15.49
C MET C 413 16.17 11.63 16.42
N ALA C 414 16.05 11.98 17.69
CA ALA C 414 17.02 11.60 18.70
C ALA C 414 16.98 10.08 18.91
N GLY C 415 15.78 9.53 19.02
CA GLY C 415 15.59 8.10 19.17
C GLY C 415 16.11 7.30 17.99
N GLU C 416 15.91 7.85 16.79
CA GLU C 416 16.39 7.22 15.56
C GLU C 416 17.91 7.16 15.54
N LEU C 417 18.55 8.28 15.85
CA LEU C 417 20.01 8.37 15.92
C LEU C 417 20.60 7.27 16.80
N SER C 418 20.02 7.11 17.99
CA SER C 418 20.57 6.22 19.01
C SER C 418 20.37 4.75 18.67
N LEU C 419 19.15 4.39 18.27
CA LEU C 419 18.84 3.00 17.96
C LEU C 419 19.59 2.55 16.71
N MET C 420 19.62 3.41 15.69
CA MET C 420 20.31 3.10 14.44
C MET C 420 21.82 2.94 14.66
N ALA C 421 22.36 3.68 15.62
CA ALA C 421 23.77 3.56 15.99
C ALA C 421 24.04 2.22 16.67
N ALA C 422 23.15 1.81 17.56
CA ALA C 422 23.24 0.53 18.23
C ALA C 422 23.19 -0.63 17.23
N LEU C 423 22.30 -0.53 16.24
CA LEU C 423 22.14 -1.57 15.23
C LEU C 423 23.35 -1.64 14.29
N ALA C 424 23.97 -0.50 14.04
CA ALA C 424 25.10 -0.41 13.12
C ALA C 424 26.37 -1.03 13.70
N ALA C 425 26.52 -0.97 15.02
CA ALA C 425 27.73 -1.44 15.70
C ALA C 425 27.58 -2.81 16.36
N GLY C 426 26.37 -3.33 16.45
CA GLY C 426 26.12 -4.60 17.11
C GLY C 426 26.23 -4.52 18.62
N HIS C 427 25.65 -3.48 19.21
CA HIS C 427 25.63 -3.28 20.65
C HIS C 427 24.21 -3.49 21.17
N LEU C 428 23.73 -4.73 21.09
CA LEU C 428 22.33 -5.06 21.35
C LEU C 428 22.12 -5.63 22.77
N VAL C 429 22.94 -5.19 23.72
CA VAL C 429 22.88 -5.69 25.10
C VAL C 429 21.91 -4.84 25.93
N PRO D 8 22.75 23.91 56.19
CA PRO D 8 23.51 23.35 55.04
C PRO D 8 25.02 23.46 55.24
N ARG D 9 25.69 22.31 55.39
CA ARG D 9 27.15 22.28 55.57
C ARG D 9 27.86 22.49 54.24
N PRO D 10 29.13 22.91 54.27
CA PRO D 10 29.94 23.03 53.05
C PRO D 10 30.18 21.70 52.33
N ASN D 11 30.83 21.76 51.18
CA ASN D 11 31.08 20.58 50.34
C ASN D 11 32.33 19.79 50.74
N GLU D 12 33.01 20.21 51.80
CA GLU D 12 34.24 19.56 52.25
C GLU D 12 33.91 18.26 53.00
N GLU D 13 32.97 18.36 53.94
CA GLU D 13 32.58 17.24 54.80
C GLU D 13 31.68 16.22 54.08
N CYS D 14 31.09 16.61 52.96
CA CYS D 14 30.14 15.75 52.24
C CYS D 14 30.79 14.59 51.47
N LEU D 15 32.12 14.61 51.35
CA LEU D 15 32.85 13.51 50.68
C LEU D 15 32.61 12.16 51.34
N GLN D 16 32.51 12.16 52.67
CA GLN D 16 32.29 10.93 53.44
C GLN D 16 30.83 10.50 53.35
N GLY D 24 26.46 5.76 54.24
CA GLY D 24 27.26 6.64 53.42
C GLY D 24 26.48 7.85 52.96
N ALA D 25 25.64 7.65 51.95
CA ALA D 25 24.84 8.74 51.36
C ALA D 25 23.61 9.12 52.19
N LYS D 26 23.22 8.24 53.11
CA LYS D 26 22.01 8.45 53.91
C LYS D 26 22.14 9.60 54.93
N PHE D 27 23.36 9.90 55.34
CA PHE D 27 23.60 10.97 56.32
C PHE D 27 23.51 12.37 55.70
N LEU D 28 23.82 12.47 54.41
CA LEU D 28 23.79 13.75 53.70
C LEU D 28 22.35 14.11 53.34
N SER D 29 22.00 15.38 53.48
CA SER D 29 20.64 15.85 53.20
C SER D 29 20.39 16.01 51.69
N ASP D 30 19.16 16.37 51.31
CA ASP D 30 18.79 16.53 49.91
C ASP D 30 19.54 17.68 49.25
N ALA D 31 19.62 18.82 49.95
CA ALA D 31 20.32 20.00 49.44
C ALA D 31 21.83 19.80 49.41
N GLU D 32 22.34 18.86 50.22
CA GLU D 32 23.76 18.52 50.22
C GLU D 32 24.17 17.76 48.95
N ILE D 33 23.33 16.80 48.54
CA ILE D 33 23.60 15.97 47.36
C ILE D 33 23.44 16.77 46.08
N ILE D 34 22.50 17.72 46.08
CA ILE D 34 22.24 18.57 44.92
C ILE D 34 23.37 19.58 44.70
N GLN D 35 24.00 20.01 45.79
CA GLN D 35 25.15 20.90 45.71
C GLN D 35 26.40 20.17 45.20
N LEU D 36 26.44 18.86 45.39
CA LEU D 36 27.52 18.02 44.84
C LEU D 36 27.40 17.87 43.33
N VAL D 37 26.17 17.93 42.81
CA VAL D 37 25.91 17.82 41.38
C VAL D 37 26.32 19.11 40.66
N ASN D 38 25.97 20.25 41.24
CA ASN D 38 26.27 21.56 40.65
C ASN D 38 27.70 22.04 40.92
N ALA D 39 28.41 21.34 41.79
CA ALA D 39 29.82 21.65 42.10
C ALA D 39 30.79 20.66 41.43
N LYS D 40 30.25 19.59 40.84
CA LYS D 40 31.04 18.56 40.15
C LYS D 40 32.04 17.83 41.07
N HIS D 41 31.68 17.68 42.34
CA HIS D 41 32.49 16.89 43.28
C HIS D 41 32.45 15.43 42.84
N ILE D 42 31.23 14.91 42.73
CA ILE D 42 30.98 13.57 42.19
C ILE D 42 30.23 13.70 40.86
N PRO D 43 30.68 12.99 39.82
CA PRO D 43 29.98 12.99 38.52
C PRO D 43 28.53 12.49 38.62
N ALA D 44 27.73 12.83 37.62
CA ALA D 44 26.30 12.46 37.60
C ALA D 44 26.09 10.94 37.45
N TYR D 45 26.96 10.29 36.68
CA TYR D 45 26.84 8.85 36.46
C TYR D 45 27.20 7.99 37.68
N LYS D 46 27.88 8.59 38.67
CA LYS D 46 28.23 7.90 39.91
C LYS D 46 27.29 8.22 41.07
N LEU D 47 26.03 8.54 40.78
CA LEU D 47 25.02 8.83 41.80
C LEU D 47 23.89 7.80 41.84
N GLU D 48 23.92 6.82 40.94
CA GLU D 48 22.84 5.84 40.81
C GLU D 48 22.91 4.79 41.91
N THR D 49 24.09 4.21 42.09
CA THR D 49 24.31 3.13 43.07
C THR D 49 24.56 3.64 44.49
N LEU D 50 24.93 4.92 44.61
CA LEU D 50 25.25 5.52 45.91
C LEU D 50 24.00 5.70 46.77
N ILE D 51 22.94 6.23 46.17
CA ILE D 51 21.66 6.39 46.87
C ILE D 51 20.95 5.04 46.91
N GLU D 52 20.67 4.57 48.13
CA GLU D 52 20.11 3.23 48.32
C GLU D 52 18.61 3.20 48.01
N THR D 53 17.85 4.07 48.68
CA THR D 53 16.38 4.09 48.54
C THR D 53 15.96 4.64 47.18
N HIS D 54 14.99 3.95 46.55
CA HIS D 54 14.58 4.27 45.19
C HIS D 54 13.75 5.55 45.11
N GLU D 55 12.80 5.71 46.03
CA GLU D 55 11.91 6.87 46.03
C GLU D 55 12.66 8.19 46.25
N ARG D 56 13.74 8.14 47.04
CA ARG D 56 14.56 9.32 47.28
C ARG D 56 15.43 9.66 46.08
N GLY D 57 15.85 8.64 45.33
CA GLY D 57 16.58 8.83 44.09
C GLY D 57 15.73 9.51 43.02
N VAL D 58 14.43 9.23 43.03
CA VAL D 58 13.48 9.88 42.13
C VAL D 58 13.26 11.33 42.58
N SER D 59 13.22 11.54 43.90
CA SER D 59 13.02 12.87 44.47
C SER D 59 14.17 13.82 44.11
N ILE D 60 15.40 13.32 44.16
CA ILE D 60 16.59 14.12 43.85
C ILE D 60 16.65 14.42 42.35
N ARG D 61 16.30 13.45 41.52
CA ARG D 61 16.27 13.65 40.07
C ARG D 61 15.23 14.72 39.69
N ARG D 62 14.10 14.75 40.40
CA ARG D 62 13.05 15.74 40.17
C ARG D 62 13.48 17.14 40.55
N GLN D 63 14.23 17.26 41.65
CA GLN D 63 14.71 18.55 42.14
C GLN D 63 15.78 19.12 41.21
N LEU D 64 16.66 18.26 40.73
CA LEU D 64 17.67 18.65 39.74
C LEU D 64 16.99 19.09 38.45
N LEU D 65 15.99 18.32 38.03
CA LEU D 65 15.25 18.62 36.80
C LEU D 65 14.48 19.93 36.89
N SER D 66 14.00 20.25 38.09
CA SER D 66 13.15 21.43 38.31
C SER D 66 13.86 22.74 37.97
N LYS D 67 15.15 22.81 38.29
CA LYS D 67 15.94 24.01 38.06
C LYS D 67 16.38 24.18 36.60
N LYS D 68 16.07 23.17 35.77
CA LYS D 68 16.32 23.24 34.32
C LYS D 68 15.10 23.72 33.54
N LEU D 69 13.91 23.64 34.16
CA LEU D 69 12.66 24.02 33.51
C LEU D 69 12.35 25.50 33.70
N SER D 70 11.73 26.11 32.70
CA SER D 70 11.31 27.51 32.79
C SER D 70 10.25 27.71 33.88
N GLU D 71 9.44 26.68 34.10
CA GLU D 71 8.50 26.61 35.22
C GLU D 71 8.89 25.42 36.10
N PRO D 72 9.69 25.65 37.15
CA PRO D 72 10.02 24.60 38.12
C PRO D 72 8.79 23.93 38.78
N SER D 73 7.67 24.65 38.88
CA SER D 73 6.45 24.14 39.51
C SER D 73 5.67 23.16 38.65
N SER D 74 6.11 22.93 37.42
CA SER D 74 5.44 22.02 36.50
C SER D 74 5.36 20.58 37.05
N LEU D 75 6.34 20.20 37.88
CA LEU D 75 6.41 18.85 38.43
C LEU D 75 5.45 18.56 39.60
N GLN D 76 4.82 19.61 40.15
CA GLN D 76 4.05 19.48 41.39
C GLN D 76 2.89 18.48 41.34
N TYR D 77 2.18 18.42 40.22
CA TYR D 77 1.04 17.51 40.05
C TYR D 77 1.39 16.22 39.30
N LEU D 78 2.66 16.04 38.97
CA LEU D 78 3.17 14.76 38.48
C LEU D 78 3.53 13.92 39.71
N PRO D 79 2.73 12.89 39.99
CA PRO D 79 2.91 12.11 41.23
C PRO D 79 4.12 11.19 41.17
N TYR D 80 4.65 10.80 42.32
CA TYR D 80 5.82 9.93 42.41
C TYR D 80 5.95 9.14 43.73
N ARG D 81 5.38 9.66 44.82
CA ARG D 81 5.50 9.02 46.13
C ARG D 81 4.67 7.74 46.23
N ASP D 82 5.04 6.89 47.19
CA ASP D 82 4.32 5.66 47.52
C ASP D 82 4.27 4.60 46.41
N TYR D 83 4.98 4.83 45.30
CA TYR D 83 5.00 3.87 44.19
C TYR D 83 6.25 2.99 44.30
N ASN D 84 6.07 1.70 44.06
CA ASN D 84 7.14 0.73 44.20
C ASN D 84 8.03 0.68 42.95
N TYR D 85 9.14 1.42 43.00
CA TYR D 85 10.06 1.52 41.88
C TYR D 85 11.03 0.33 41.77
N SER D 86 10.95 -0.61 42.70
CA SER D 86 11.83 -1.79 42.70
C SER D 86 11.75 -2.60 41.39
N LEU D 87 10.54 -2.73 40.85
CA LEU D 87 10.33 -3.49 39.60
C LEU D 87 10.56 -2.64 38.34
N VAL D 88 10.56 -1.32 38.48
CA VAL D 88 10.76 -0.42 37.36
C VAL D 88 12.24 -0.19 37.03
N MET D 89 13.04 0.08 38.05
CA MET D 89 14.44 0.46 37.83
C MET D 89 15.25 -0.73 37.30
N GLY D 90 16.01 -0.49 36.23
CA GLY D 90 16.83 -1.51 35.61
C GLY D 90 16.03 -2.54 34.83
N ALA D 91 14.84 -2.17 34.37
CA ALA D 91 13.94 -3.11 33.68
C ALA D 91 12.94 -2.46 32.75
N CYS D 92 12.20 -1.46 33.24
CA CYS D 92 11.09 -0.85 32.50
C CYS D 92 11.30 0.60 32.08
N CYS D 93 12.00 1.38 32.90
CA CYS D 93 12.17 2.82 32.64
C CYS D 93 13.49 3.36 33.22
N GLU D 94 14.04 4.37 32.56
CA GLU D 94 15.25 5.08 33.04
C GLU D 94 14.93 6.54 33.30
N ASN D 95 15.81 7.19 34.08
CA ASN D 95 15.68 8.60 34.44
C ASN D 95 14.29 8.92 35.00
N VAL D 96 13.84 8.10 35.93
CA VAL D 96 12.45 8.14 36.41
C VAL D 96 12.19 9.34 37.33
N ILE D 97 11.18 10.12 36.99
CA ILE D 97 10.77 11.31 37.76
C ILE D 97 9.36 11.17 38.34
N GLY D 98 8.77 9.97 38.22
CA GLY D 98 7.43 9.73 38.73
C GLY D 98 6.65 8.73 37.88
N TYR D 99 5.32 8.85 37.92
CA TYR D 99 4.43 8.01 37.12
C TYR D 99 3.22 8.80 36.62
N MET D 100 2.64 8.31 35.52
CA MET D 100 1.50 8.96 34.87
C MET D 100 0.26 8.10 35.05
N PRO D 101 -0.67 8.53 35.90
CA PRO D 101 -1.90 7.77 36.14
C PRO D 101 -2.88 7.88 34.97
N ILE D 102 -3.29 6.74 34.44
CA ILE D 102 -4.27 6.68 33.36
C ILE D 102 -5.52 6.04 33.92
N PRO D 103 -6.68 6.70 33.82
CA PRO D 103 -7.93 6.11 34.31
C PRO D 103 -8.21 4.74 33.71
N VAL D 104 -8.62 3.78 34.53
CA VAL D 104 -9.02 2.44 34.07
C VAL D 104 -10.51 2.26 34.32
N GLY D 105 -11.23 1.87 33.28
CA GLY D 105 -12.63 1.53 33.37
C GLY D 105 -12.87 0.10 32.95
N VAL D 106 -14.08 -0.40 33.17
CA VAL D 106 -14.40 -1.80 32.87
C VAL D 106 -15.55 -1.89 31.89
N ALA D 107 -15.34 -2.66 30.83
CA ALA D 107 -16.38 -3.01 29.87
C ALA D 107 -16.67 -4.49 30.00
N GLY D 108 -17.93 -4.84 30.28
CA GLY D 108 -18.33 -6.22 30.45
C GLY D 108 -19.70 -6.38 31.10
N PRO D 109 -20.19 -7.61 31.21
CA PRO D 109 -19.45 -8.83 30.86
C PRO D 109 -19.35 -9.07 29.35
N LEU D 110 -18.15 -9.43 28.89
CA LEU D 110 -17.93 -9.83 27.50
C LEU D 110 -18.06 -11.34 27.42
N CYS D 111 -19.12 -11.79 26.75
CA CYS D 111 -19.41 -13.20 26.62
C CYS D 111 -18.64 -13.77 25.43
N LEU D 112 -17.59 -14.52 25.72
CA LEU D 112 -16.67 -15.02 24.70
C LEU D 112 -16.25 -16.46 25.01
N ASP D 113 -16.58 -17.37 24.10
CA ASP D 113 -16.22 -18.79 24.21
C ASP D 113 -16.72 -19.43 25.51
N GLU D 114 -18.01 -19.26 25.79
CA GLU D 114 -18.68 -19.85 26.96
C GLU D 114 -18.26 -19.24 28.30
N LYS D 115 -17.38 -18.25 28.28
CA LYS D 115 -16.91 -17.58 29.48
C LYS D 115 -17.37 -16.13 29.48
N GLU D 116 -17.14 -15.45 30.60
CA GLU D 116 -17.48 -14.05 30.76
C GLU D 116 -16.27 -13.30 31.33
N PHE D 117 -15.92 -12.20 30.68
CA PHE D 117 -14.75 -11.41 31.05
C PHE D 117 -15.16 -10.00 31.44
N GLN D 118 -14.49 -9.46 32.46
CA GLN D 118 -14.58 -8.05 32.78
C GLN D 118 -13.28 -7.41 32.26
N VAL D 119 -13.39 -6.67 31.16
CA VAL D 119 -12.23 -6.20 30.41
C VAL D 119 -11.79 -4.83 30.87
N PRO D 120 -10.57 -4.70 31.38
CA PRO D 120 -10.05 -3.39 31.81
C PRO D 120 -9.52 -2.56 30.63
N MET D 121 -9.77 -1.26 30.67
CA MET D 121 -9.45 -0.35 29.57
C MET D 121 -8.90 0.97 30.12
N ALA D 122 -7.62 1.22 29.89
CA ALA D 122 -6.99 2.46 30.35
C ALA D 122 -7.08 3.52 29.26
N THR D 123 -7.89 4.55 29.50
CA THR D 123 -8.11 5.58 28.50
C THR D 123 -8.49 6.95 29.10
N THR D 124 -8.27 8.00 28.31
CA THR D 124 -8.75 9.34 28.64
C THR D 124 -9.74 9.84 27.57
N GLU D 125 -10.18 8.94 26.69
CA GLU D 125 -11.19 9.27 25.68
C GLU D 125 -12.57 9.02 26.25
N GLY D 126 -13.32 10.11 26.44
CA GLY D 126 -14.68 10.02 26.92
C GLY D 126 -15.57 9.20 26.00
N CYS D 127 -16.42 8.38 26.61
CA CYS D 127 -17.40 7.52 25.94
C CYS D 127 -16.85 6.20 25.40
N LEU D 128 -15.53 6.00 25.41
CA LEU D 128 -14.95 4.77 24.85
C LEU D 128 -15.38 3.53 25.62
N VAL D 129 -15.25 3.58 26.94
CA VAL D 129 -15.61 2.46 27.80
C VAL D 129 -17.12 2.21 27.73
N ALA D 130 -17.91 3.28 27.75
CA ALA D 130 -19.36 3.19 27.69
C ALA D 130 -19.84 2.61 26.35
N SER D 131 -19.16 2.95 25.27
CA SER D 131 -19.50 2.47 23.94
C SER D 131 -19.17 0.98 23.83
N THR D 132 -17.99 0.61 24.29
CA THR D 132 -17.56 -0.79 24.31
C THR D 132 -18.48 -1.64 25.19
N ASN D 133 -19.01 -1.03 26.25
CA ASN D 133 -19.92 -1.72 27.17
C ASN D 133 -21.25 -2.03 26.49
N ARG D 134 -21.70 -1.11 25.66
CA ARG D 134 -22.93 -1.28 24.88
C ARG D 134 -22.77 -2.42 23.88
N GLY D 135 -21.65 -2.45 23.17
CA GLY D 135 -21.36 -3.53 22.25
C GLY D 135 -21.24 -4.89 22.92
N CYS D 136 -20.75 -4.89 24.16
CA CYS D 136 -20.67 -6.11 24.96
C CYS D 136 -22.07 -6.61 25.30
N ARG D 137 -22.97 -5.68 25.62
CA ARG D 137 -24.36 -5.99 25.96
C ARG D 137 -25.10 -6.60 24.77
N ALA D 138 -24.79 -6.12 23.57
CA ALA D 138 -25.43 -6.63 22.35
C ALA D 138 -24.96 -8.06 22.06
N ILE D 139 -23.68 -8.31 22.25
CA ILE D 139 -23.11 -9.65 22.06
C ILE D 139 -23.70 -10.63 23.07
N GLY D 140 -23.86 -10.19 24.32
CA GLY D 140 -24.34 -11.03 25.39
C GLY D 140 -25.77 -11.51 25.18
N LEU D 141 -26.62 -10.59 24.75
CA LEU D 141 -28.03 -10.89 24.47
C LEU D 141 -28.21 -11.63 23.15
N GLY D 142 -27.17 -11.66 22.32
CA GLY D 142 -27.19 -12.38 21.06
C GLY D 142 -26.58 -13.78 21.10
N GLY D 143 -26.38 -14.33 22.30
CA GLY D 143 -25.85 -15.69 22.44
C GLY D 143 -24.35 -15.78 22.63
N GLY D 144 -23.65 -14.66 22.47
CA GLY D 144 -22.23 -14.57 22.76
C GLY D 144 -21.36 -14.69 21.52
N ALA D 145 -20.06 -14.49 21.71
CA ALA D 145 -19.09 -14.50 20.63
C ALA D 145 -18.23 -15.76 20.69
N SER D 146 -17.63 -16.11 19.56
CA SER D 146 -16.73 -17.24 19.44
C SER D 146 -15.45 -16.80 18.72
N SER D 147 -14.31 -17.24 19.21
CA SER D 147 -13.02 -16.84 18.62
C SER D 147 -12.04 -18.00 18.49
N ARG D 148 -11.07 -17.84 17.60
CA ARG D 148 -10.04 -18.83 17.33
C ARG D 148 -8.69 -18.14 17.10
N VAL D 149 -7.65 -18.68 17.72
CA VAL D 149 -6.28 -18.30 17.38
C VAL D 149 -5.86 -19.15 16.18
N LEU D 150 -5.52 -18.47 15.09
CA LEU D 150 -5.20 -19.11 13.81
C LEU D 150 -3.70 -19.37 13.64
N ALA D 151 -2.89 -18.48 14.19
CA ALA D 151 -1.42 -18.63 14.15
C ALA D 151 -0.77 -17.93 15.34
N ASP D 152 0.45 -18.33 15.67
CA ASP D 152 1.17 -17.76 16.80
C ASP D 152 2.67 -17.81 16.56
N GLY D 153 3.30 -16.63 16.50
CA GLY D 153 4.74 -16.56 16.26
C GLY D 153 5.25 -15.14 16.11
N MET D 154 5.99 -14.66 17.11
CA MET D 154 6.68 -13.38 17.03
C MET D 154 7.80 -13.51 16.00
N THR D 155 8.16 -12.40 15.36
CA THR D 155 9.21 -12.41 14.36
C THR D 155 10.29 -11.36 14.57
N ARG D 156 11.45 -11.64 13.97
CA ARG D 156 12.56 -10.70 13.85
C ARG D 156 13.10 -10.85 12.44
N GLY D 157 13.38 -9.73 11.77
CA GLY D 157 13.67 -9.73 10.35
C GLY D 157 14.98 -9.05 10.01
N PRO D 158 16.10 -9.66 10.39
CA PRO D 158 17.43 -9.10 10.11
C PRO D 158 17.73 -8.94 8.62
N VAL D 159 18.65 -8.03 8.32
CA VAL D 159 19.18 -7.86 6.97
C VAL D 159 20.67 -8.20 6.99
N VAL D 160 21.05 -9.14 6.13
CA VAL D 160 22.45 -9.47 5.91
C VAL D 160 22.82 -9.16 4.47
N ARG D 161 24.11 -9.02 4.21
CA ARG D 161 24.62 -8.67 2.90
C ARG D 161 25.75 -9.59 2.50
N LEU D 162 25.80 -9.93 1.23
CA LEU D 162 26.89 -10.72 0.66
C LEU D 162 27.55 -9.89 -0.44
N PRO D 163 28.73 -10.30 -0.91
CA PRO D 163 29.47 -9.51 -1.92
C PRO D 163 28.69 -9.26 -3.21
N ARG D 164 27.90 -10.25 -3.64
CA ARG D 164 27.10 -10.13 -4.86
C ARG D 164 25.73 -10.79 -4.69
N ALA D 165 24.81 -10.44 -5.60
CA ALA D 165 23.47 -11.01 -5.62
C ALA D 165 23.45 -12.52 -5.89
N CYS D 166 24.45 -13.02 -6.61
CA CYS D 166 24.58 -14.46 -6.84
C CYS D 166 24.91 -15.20 -5.55
N ASP D 167 25.65 -14.54 -4.67
CA ASP D 167 25.99 -15.09 -3.36
C ASP D 167 24.79 -15.08 -2.41
N SER D 168 24.03 -13.98 -2.42
CA SER D 168 22.82 -13.88 -1.60
C SER D 168 21.77 -14.89 -2.05
N ALA D 169 21.67 -15.09 -3.36
CA ALA D 169 20.82 -16.13 -3.94
C ALA D 169 21.23 -17.52 -3.45
N GLU D 170 22.54 -17.74 -3.35
CA GLU D 170 23.08 -19.01 -2.87
C GLU D 170 22.68 -19.28 -1.42
N VAL D 171 22.68 -18.22 -0.60
CA VAL D 171 22.29 -18.33 0.80
C VAL D 171 20.79 -18.60 0.94
N LYS D 172 20.00 -17.97 0.07
CA LYS D 172 18.55 -18.16 0.06
C LYS D 172 18.19 -19.61 -0.27
N ALA D 173 18.85 -20.17 -1.27
CA ALA D 173 18.64 -21.55 -1.69
C ALA D 173 19.08 -22.54 -0.61
N TRP D 174 20.15 -22.21 0.11
CA TRP D 174 20.67 -23.06 1.17
C TRP D 174 19.70 -23.15 2.35
N LEU D 175 19.11 -22.01 2.70
CA LEU D 175 18.17 -21.93 3.81
C LEU D 175 16.85 -22.65 3.49
N GLU D 176 16.56 -22.81 2.19
CA GLU D 176 15.33 -23.46 1.75
C GLU D 176 15.43 -25.00 1.72
N THR D 177 16.66 -25.53 1.67
CA THR D 177 16.85 -26.98 1.77
C THR D 177 16.56 -27.46 3.19
N SER D 178 16.15 -28.71 3.33
CA SER D 178 15.80 -29.27 4.63
C SER D 178 17.02 -29.39 5.56
N GLU D 179 18.18 -29.70 4.98
CA GLU D 179 19.41 -29.84 5.75
C GLU D 179 19.96 -28.50 6.23
N GLY D 180 19.86 -27.47 5.37
CA GLY D 180 20.28 -26.13 5.72
C GLY D 180 19.41 -25.50 6.80
N PHE D 181 18.10 -25.64 6.65
CA PHE D 181 17.14 -25.13 7.62
C PHE D 181 17.25 -25.86 8.96
N ALA D 182 17.57 -27.14 8.91
CA ALA D 182 17.71 -27.97 10.12
C ALA D 182 18.90 -27.51 10.97
N VAL D 183 19.97 -27.07 10.31
CA VAL D 183 21.14 -26.53 11.00
C VAL D 183 20.80 -25.20 11.69
N ILE D 184 20.07 -24.34 11.00
CA ILE D 184 19.71 -23.03 11.52
C ILE D 184 18.65 -23.14 12.62
N LYS D 185 17.76 -24.13 12.50
CA LYS D 185 16.72 -24.37 13.49
C LYS D 185 17.32 -24.92 14.79
N GLU D 186 18.36 -25.74 14.67
CA GLU D 186 19.05 -26.30 15.83
C GLU D 186 19.73 -25.18 16.63
N ALA D 187 20.34 -24.24 15.93
CA ALA D 187 21.03 -23.10 16.56
C ALA D 187 20.03 -22.18 17.26
N PHE D 188 18.93 -21.88 16.57
CA PHE D 188 17.87 -21.02 17.09
C PHE D 188 17.23 -21.61 18.35
N ASP D 189 16.88 -22.90 18.29
CA ASP D 189 16.16 -23.57 19.37
C ASP D 189 17.02 -23.86 20.60
N SER D 190 18.34 -23.81 20.45
CA SER D 190 19.26 -24.06 21.56
C SER D 190 19.34 -22.90 22.56
N THR D 191 18.84 -21.72 22.16
CA THR D 191 18.89 -20.53 23.00
C THR D 191 17.80 -20.47 24.09
N SER D 192 16.71 -21.21 23.89
CA SER D 192 15.57 -21.16 24.81
C SER D 192 14.68 -22.39 24.74
N ARG D 193 13.96 -22.65 25.83
CA ARG D 193 13.06 -23.80 25.92
C ARG D 193 11.83 -23.60 25.03
N PHE D 194 11.40 -22.36 24.88
CA PHE D 194 10.20 -22.03 24.10
C PHE D 194 10.51 -21.77 22.62
N ALA D 195 11.79 -21.69 22.28
CA ALA D 195 12.20 -21.41 20.90
C ALA D 195 11.96 -22.63 20.01
N ARG D 196 10.97 -22.52 19.13
CA ARG D 196 10.71 -23.52 18.09
C ARG D 196 10.55 -22.81 16.75
N LEU D 197 11.60 -22.83 15.94
CA LEU D 197 11.65 -22.07 14.70
C LEU D 197 10.74 -22.66 13.64
N GLN D 198 9.90 -21.81 13.05
CA GLN D 198 8.99 -22.19 11.96
C GLN D 198 9.70 -21.94 10.63
N LYS D 199 9.01 -22.22 9.52
CA LYS D 199 9.57 -22.02 8.18
C LYS D 199 10.06 -20.58 7.99
N LEU D 200 11.25 -20.43 7.43
CA LEU D 200 11.85 -19.12 7.19
C LEU D 200 11.23 -18.47 5.96
N HIS D 201 10.87 -17.19 6.07
CA HIS D 201 10.52 -16.41 4.90
C HIS D 201 11.71 -15.54 4.55
N THR D 202 12.15 -15.61 3.30
CA THR D 202 13.29 -14.83 2.83
C THR D 202 12.92 -13.97 1.61
N SER D 203 13.64 -12.88 1.44
CA SER D 203 13.44 -11.97 0.33
C SER D 203 14.76 -11.29 -0.03
N ILE D 204 15.13 -11.37 -1.31
CA ILE D 204 16.37 -10.78 -1.79
C ILE D 204 16.09 -9.39 -2.36
N ALA D 205 17.07 -8.50 -2.21
CA ALA D 205 17.10 -7.21 -2.89
C ALA D 205 18.54 -6.99 -3.33
N GLY D 206 18.90 -7.54 -4.49
CA GLY D 206 20.26 -7.49 -4.96
C GLY D 206 21.13 -8.37 -4.09
N ARG D 207 22.19 -7.77 -3.54
CA ARG D 207 23.11 -8.49 -2.64
C ARG D 207 22.59 -8.56 -1.20
N ASN D 208 21.50 -7.86 -0.90
CA ASN D 208 20.84 -7.95 0.40
C ASN D 208 19.99 -9.21 0.51
N LEU D 209 19.88 -9.72 1.73
CA LEU D 209 19.02 -10.85 2.05
C LEU D 209 18.30 -10.55 3.36
N TYR D 210 16.98 -10.45 3.31
CA TYR D 210 16.15 -10.21 4.48
C TYR D 210 15.57 -11.56 4.90
N ILE D 211 15.83 -11.95 6.14
CA ILE D 211 15.42 -13.25 6.67
C ILE D 211 14.47 -13.04 7.84
N ARG D 212 13.24 -13.51 7.69
CA ARG D 212 12.23 -13.40 8.74
C ARG D 212 12.15 -14.67 9.59
N PHE D 213 12.76 -14.61 10.76
CA PHE D 213 12.69 -15.69 11.75
C PHE D 213 11.38 -15.56 12.52
N GLN D 214 10.70 -16.69 12.72
CA GLN D 214 9.41 -16.70 13.43
C GLN D 214 9.34 -17.88 14.39
N SER D 215 8.97 -17.61 15.62
CA SER D 215 8.79 -18.67 16.61
C SER D 215 7.78 -18.29 17.68
N ARG D 216 7.15 -19.30 18.27
CA ARG D 216 6.36 -19.12 19.48
C ARG D 216 7.32 -18.75 20.61
N SER D 217 6.78 -18.20 21.68
CA SER D 217 7.60 -17.65 22.75
C SER D 217 6.94 -17.84 24.12
N GLY D 218 6.25 -18.96 24.29
CA GLY D 218 5.47 -19.20 25.49
C GLY D 218 4.44 -18.09 25.64
N ASP D 219 4.36 -17.52 26.83
CA ASP D 219 3.41 -16.46 27.11
C ASP D 219 4.01 -15.06 26.97
N ALA D 220 5.30 -15.00 26.68
CA ALA D 220 5.98 -13.72 26.42
C ALA D 220 5.62 -13.19 25.03
N MET D 221 5.64 -11.86 24.89
CA MET D 221 5.48 -11.22 23.59
C MET D 221 6.53 -11.75 22.63
N GLY D 222 7.74 -11.95 23.15
CA GLY D 222 8.76 -12.74 22.48
C GLY D 222 9.92 -11.97 21.89
N MET D 223 9.91 -10.65 21.97
CA MET D 223 10.92 -9.84 21.26
C MET D 223 12.35 -10.20 21.65
N ASN D 224 12.63 -10.26 22.95
CA ASN D 224 13.98 -10.55 23.43
C ASN D 224 14.41 -12.00 23.16
N MET D 225 13.45 -12.93 23.28
CA MET D 225 13.71 -14.35 23.05
C MET D 225 14.00 -14.64 21.57
N ILE D 226 13.26 -13.98 20.68
CA ILE D 226 13.43 -14.16 19.25
C ILE D 226 14.73 -13.50 18.78
N SER D 227 15.10 -12.40 19.42
CA SER D 227 16.31 -11.66 19.06
C SER D 227 17.56 -12.44 19.47
N LYS D 228 17.47 -13.20 20.56
CA LYS D 228 18.57 -14.02 21.04
C LYS D 228 18.75 -15.25 20.16
N GLY D 229 17.64 -15.87 19.77
CA GLY D 229 17.66 -17.00 18.86
C GLY D 229 18.11 -16.61 17.46
N THR D 230 17.77 -15.38 17.05
CA THR D 230 18.14 -14.85 15.75
C THR D 230 19.65 -14.58 15.68
N GLU D 231 20.23 -14.12 16.77
CA GLU D 231 21.65 -13.81 16.81
C GLU D 231 22.49 -15.08 16.75
N LYS D 232 22.01 -16.13 17.40
CA LYS D 232 22.69 -17.44 17.38
C LYS D 232 22.55 -18.10 16.01
N ALA D 233 21.42 -17.90 15.35
CA ALA D 233 21.16 -18.47 14.03
C ALA D 233 22.05 -17.82 12.96
N LEU D 234 22.20 -16.51 13.03
CA LEU D 234 23.01 -15.77 12.06
C LEU D 234 24.50 -16.05 12.26
N SER D 235 24.90 -16.34 13.49
CA SER D 235 26.28 -16.73 13.79
C SER D 235 26.59 -18.09 13.17
N LYS D 236 25.62 -19.01 13.23
CA LYS D 236 25.75 -20.33 12.64
C LYS D 236 25.74 -20.24 11.11
N LEU D 237 24.95 -19.32 10.57
CA LEU D 237 24.90 -19.11 9.12
C LEU D 237 26.22 -18.54 8.62
N HIS D 238 26.90 -17.78 9.47
CA HIS D 238 28.19 -17.17 9.14
C HIS D 238 29.32 -18.21 9.07
N GLU D 239 29.13 -19.35 9.73
CA GLU D 239 30.10 -20.46 9.66
C GLU D 239 30.11 -21.09 8.26
N TYR D 240 28.92 -21.20 7.66
CA TYR D 240 28.79 -21.75 6.30
C TYR D 240 29.04 -20.70 5.21
N PHE D 241 28.83 -19.43 5.55
CA PHE D 241 29.03 -18.32 4.63
C PHE D 241 29.80 -17.20 5.32
N PRO D 242 31.13 -17.32 5.40
CA PRO D 242 31.96 -16.34 6.11
C PRO D 242 32.07 -14.96 5.45
N GLU D 243 31.64 -14.83 4.19
CA GLU D 243 31.63 -13.54 3.51
C GLU D 243 30.40 -12.70 3.85
N MET D 244 29.45 -13.30 4.58
CA MET D 244 28.20 -12.63 4.95
C MET D 244 28.42 -11.59 6.05
N GLN D 245 27.96 -10.37 5.79
CA GLN D 245 27.95 -9.29 6.77
C GLN D 245 26.57 -9.22 7.41
N ILE D 246 26.52 -9.20 8.74
CA ILE D 246 25.28 -8.94 9.46
C ILE D 246 25.15 -7.43 9.62
N LEU D 247 24.37 -6.82 8.74
CA LEU D 247 24.23 -5.36 8.73
C LEU D 247 23.40 -4.83 9.90
N ALA D 248 22.29 -5.52 10.19
CA ALA D 248 21.43 -5.15 11.30
C ALA D 248 20.53 -6.31 11.72
N VAL D 249 20.41 -6.52 13.02
CA VAL D 249 19.58 -7.59 13.57
C VAL D 249 18.09 -7.37 13.25
N SER D 250 17.71 -6.10 13.09
CA SER D 250 16.42 -5.74 12.53
C SER D 250 16.62 -4.90 11.28
N GLY D 251 16.24 -5.47 10.13
CA GLY D 251 16.24 -4.76 8.86
C GLY D 251 14.84 -4.30 8.45
N ASN D 252 13.96 -4.10 9.43
CA ASN D 252 12.56 -3.67 9.20
C ASN D 252 11.69 -4.69 8.45
N TYR D 253 12.14 -5.93 8.36
CA TYR D 253 11.41 -6.99 7.67
C TYR D 253 10.57 -7.81 8.65
N CYS D 254 10.54 -7.39 9.91
CA CYS D 254 9.84 -8.14 10.96
C CYS D 254 8.31 -8.19 10.78
N THR D 255 7.60 -7.05 10.70
CA THR D 255 8.09 -5.70 10.91
C THR D 255 7.54 -5.21 12.25
N ASP D 256 8.40 -4.56 13.03
CA ASP D 256 8.06 -4.16 14.40
C ASP D 256 7.80 -2.65 14.51
N LYS D 257 6.60 -2.30 14.97
CA LYS D 257 6.22 -0.92 15.29
C LYS D 257 6.19 0.04 14.09
N LYS D 258 6.09 -0.50 12.88
CA LYS D 258 5.80 0.27 11.67
C LYS D 258 4.70 -0.44 10.89
N PRO D 259 3.89 0.30 10.13
CA PRO D 259 2.90 -0.33 9.25
C PRO D 259 3.58 -1.11 8.13
N ALA D 260 3.21 -2.37 7.96
CA ALA D 260 3.84 -3.24 6.97
C ALA D 260 2.85 -4.27 6.42
N ALA D 261 2.80 -4.39 5.11
CA ALA D 261 1.93 -5.37 4.45
C ALA D 261 2.31 -6.81 4.81
N ILE D 262 3.58 -7.05 5.12
CA ILE D 262 4.04 -8.40 5.48
C ILE D 262 3.39 -8.90 6.78
N ASN D 263 3.16 -8.01 7.74
CA ASN D 263 2.44 -8.37 8.96
C ASN D 263 0.97 -8.70 8.67
N TRP D 264 0.36 -7.93 7.79
CA TRP D 264 -1.02 -8.13 7.37
C TRP D 264 -1.23 -9.48 6.65
N ILE D 265 -0.25 -9.90 5.87
CA ILE D 265 -0.39 -11.07 4.99
C ILE D 265 0.13 -12.36 5.63
N GLU D 266 1.29 -12.27 6.28
CA GLU D 266 1.92 -13.44 6.91
C GLU D 266 1.58 -13.58 8.40
N GLY D 267 1.03 -12.51 8.99
CA GLY D 267 0.77 -12.47 10.41
C GLY D 267 2.01 -12.13 11.21
N ARG D 268 1.80 -11.71 12.46
CA ARG D 268 2.88 -11.51 13.42
C ARG D 268 2.31 -11.56 14.84
N GLY D 269 2.94 -12.32 15.71
CA GLY D 269 2.35 -12.64 17.00
C GLY D 269 1.13 -13.52 16.81
N LYS D 270 0.02 -13.15 17.44
CA LYS D 270 -1.21 -13.94 17.37
C LYS D 270 -2.12 -13.45 16.24
N SER D 271 -2.50 -14.37 15.35
CA SER D 271 -3.53 -14.11 14.35
C SER D 271 -4.83 -14.67 14.90
N VAL D 272 -5.87 -13.85 14.94
CA VAL D 272 -7.10 -14.17 15.65
C VAL D 272 -8.33 -13.79 14.82
N VAL D 273 -9.40 -14.57 14.98
CA VAL D 273 -10.69 -14.26 14.38
C VAL D 273 -11.75 -14.35 15.48
N CYS D 274 -12.76 -13.48 15.40
CA CYS D 274 -13.88 -13.50 16.35
C CYS D 274 -15.18 -13.23 15.61
N GLU D 275 -16.29 -13.75 16.13
CA GLU D 275 -17.57 -13.62 15.46
C GLU D 275 -18.75 -13.68 16.42
N ALA D 276 -19.90 -13.23 15.94
CA ALA D 276 -21.15 -13.26 16.67
C ALA D 276 -22.31 -13.00 15.74
N VAL D 277 -23.50 -13.45 16.14
CA VAL D 277 -24.74 -13.08 15.45
C VAL D 277 -25.61 -12.30 16.43
N ILE D 278 -25.98 -11.09 16.04
CA ILE D 278 -26.81 -10.22 16.86
C ILE D 278 -28.25 -10.29 16.32
N PRO D 279 -29.21 -10.80 17.09
CA PRO D 279 -30.61 -10.83 16.66
C PRO D 279 -31.11 -9.45 16.24
N ALA D 280 -32.05 -9.40 15.31
CA ALA D 280 -32.59 -8.14 14.81
C ALA D 280 -33.16 -7.28 15.94
N LYS D 281 -33.81 -7.92 16.91
CA LYS D 281 -34.38 -7.24 18.08
C LYS D 281 -33.30 -6.54 18.89
N VAL D 282 -32.17 -7.21 19.08
CA VAL D 282 -31.05 -6.66 19.85
C VAL D 282 -30.40 -5.48 19.12
N VAL D 283 -30.36 -5.52 17.80
CA VAL D 283 -29.79 -4.43 17.00
C VAL D 283 -30.67 -3.17 17.16
N ARG D 284 -31.99 -3.37 17.23
CA ARG D 284 -32.93 -2.27 17.39
C ARG D 284 -32.88 -1.66 18.79
N GLU D 285 -32.87 -2.53 19.80
CA GLU D 285 -33.14 -2.10 21.18
C GLU D 285 -31.86 -1.71 21.93
N VAL D 286 -30.78 -2.44 21.70
CA VAL D 286 -29.48 -2.12 22.30
C VAL D 286 -28.69 -1.13 21.44
N LEU D 287 -28.54 -1.46 20.15
CA LEU D 287 -27.71 -0.67 19.24
C LEU D 287 -28.46 0.48 18.54
N LYS D 288 -29.79 0.51 18.69
CA LYS D 288 -30.62 1.63 18.20
C LYS D 288 -30.51 1.88 16.69
N THR D 289 -30.37 0.79 15.94
CA THR D 289 -30.24 0.88 14.49
C THR D 289 -30.89 -0.36 13.84
N THR D 290 -30.61 -0.61 12.56
CA THR D 290 -31.08 -1.82 11.90
C THR D 290 -29.91 -2.60 11.33
N THR D 291 -30.14 -3.87 11.05
CA THR D 291 -29.12 -4.72 10.42
C THR D 291 -28.73 -4.19 9.04
N GLU D 292 -29.72 -3.67 8.30
CA GLU D 292 -29.47 -3.16 6.95
C GLU D 292 -28.61 -1.90 6.97
N ALA D 293 -28.83 -1.04 7.96
CA ALA D 293 -28.06 0.21 8.09
C ALA D 293 -26.62 -0.09 8.47
N MET D 294 -26.42 -1.10 9.33
CA MET D 294 -25.09 -1.52 9.75
C MET D 294 -24.26 -2.05 8.60
N ILE D 295 -24.84 -2.92 7.78
CA ILE D 295 -24.12 -3.54 6.66
C ILE D 295 -23.74 -2.48 5.63
N GLU D 296 -24.69 -1.60 5.35
CA GLU D 296 -24.51 -0.51 4.39
C GLU D 296 -23.33 0.39 4.77
N VAL D 297 -23.20 0.69 6.05
CA VAL D 297 -22.11 1.52 6.55
C VAL D 297 -20.81 0.74 6.56
N ASN D 298 -20.86 -0.55 6.92
CA ASN D 298 -19.65 -1.35 6.98
C ASN D 298 -19.01 -1.53 5.60
N ILE D 299 -19.84 -1.76 4.60
CA ILE D 299 -19.36 -1.90 3.24
C ILE D 299 -18.75 -0.58 2.75
N ASN D 300 -19.44 0.52 3.01
CA ASN D 300 -19.07 1.79 2.39
C ASN D 300 -18.05 2.62 3.17
N LYS D 301 -17.84 2.27 4.45
CA LYS D 301 -16.87 2.95 5.30
C LYS D 301 -15.64 2.04 5.47
N ASN D 302 -15.86 0.89 6.09
CA ASN D 302 -14.76 -0.01 6.46
C ASN D 302 -14.13 -0.77 5.31
N LEU D 303 -14.84 -0.92 4.19
CA LEU D 303 -14.27 -1.56 2.99
C LEU D 303 -13.94 -0.54 1.90
N VAL D 304 -14.97 0.13 1.36
CA VAL D 304 -14.77 1.06 0.25
C VAL D 304 -14.05 2.31 0.71
N GLY D 305 -14.42 2.84 1.86
CA GLY D 305 -13.79 4.05 2.38
C GLY D 305 -12.32 3.88 2.70
N SER D 306 -11.98 2.77 3.36
CA SER D 306 -10.60 2.44 3.67
C SER D 306 -9.82 2.19 2.38
N ALA D 307 -10.49 1.67 1.35
CA ALA D 307 -9.88 1.42 0.05
C ALA D 307 -9.56 2.72 -0.67
N MET D 308 -10.48 3.69 -0.61
CA MET D 308 -10.27 5.00 -1.22
C MET D 308 -9.16 5.77 -0.52
N ALA D 309 -8.97 5.50 0.77
CA ALA D 309 -7.93 6.14 1.59
C ALA D 309 -6.55 5.51 1.39
N GLY D 310 -6.48 4.39 0.70
CA GLY D 310 -5.22 3.71 0.45
C GLY D 310 -4.71 3.01 1.68
N SER D 311 -5.61 2.29 2.36
CA SER D 311 -5.26 1.60 3.59
C SER D 311 -4.76 0.19 3.31
N ILE D 312 -3.77 -0.22 4.09
CA ILE D 312 -3.36 -1.62 4.15
C ILE D 312 -3.60 -2.06 5.57
N GLY D 313 -4.60 -2.91 5.77
CA GLY D 313 -4.91 -3.48 7.07
C GLY D 313 -5.83 -2.65 7.94
N GLY D 314 -6.29 -1.51 7.45
CA GLY D 314 -7.13 -0.61 8.23
C GLY D 314 -8.59 -0.65 7.81
N TYR D 315 -9.13 -1.85 7.69
CA TYR D 315 -10.50 -2.04 7.22
C TYR D 315 -11.48 -2.18 8.38
N ASN D 316 -11.44 -1.20 9.27
CA ASN D 316 -12.20 -1.21 10.52
C ASN D 316 -12.51 0.22 10.97
N ALA D 317 -13.37 0.36 11.98
CA ALA D 317 -13.77 1.67 12.49
C ALA D 317 -12.73 2.24 13.47
N HIS D 318 -12.52 1.54 14.58
CA HIS D 318 -11.57 2.01 15.62
C HIS D 318 -10.97 0.89 16.47
N ALA D 319 -10.53 -0.18 15.83
CA ALA D 319 -9.81 -1.25 16.51
C ALA D 319 -8.71 -0.69 17.40
N ALA D 320 -8.00 0.32 16.92
CA ALA D 320 -6.89 0.95 17.64
C ALA D 320 -7.28 1.54 19.00
N ASN D 321 -8.50 2.06 19.14
CA ASN D 321 -8.99 2.54 20.45
C ASN D 321 -9.01 1.44 21.50
N ILE D 322 -9.55 0.30 21.13
CA ILE D 322 -9.71 -0.82 22.05
C ILE D 322 -8.36 -1.50 22.33
N VAL D 323 -7.58 -1.74 21.28
CA VAL D 323 -6.25 -2.34 21.44
C VAL D 323 -5.40 -1.50 22.40
N THR D 324 -5.38 -0.19 22.18
CA THR D 324 -4.55 0.72 22.97
C THR D 324 -4.98 0.75 24.43
N ALA D 325 -6.29 0.81 24.68
CA ALA D 325 -6.80 0.88 26.04
C ALA D 325 -6.49 -0.39 26.82
N ILE D 326 -6.71 -1.54 26.19
CA ILE D 326 -6.39 -2.82 26.84
C ILE D 326 -4.89 -2.95 27.06
N TYR D 327 -4.09 -2.50 26.09
CA TYR D 327 -2.63 -2.65 26.15
C TYR D 327 -2.04 -1.84 27.30
N ILE D 328 -2.51 -0.62 27.49
CA ILE D 328 -2.00 0.23 28.58
C ILE D 328 -2.42 -0.32 29.94
N ALA D 329 -3.65 -0.83 30.04
CA ALA D 329 -4.14 -1.41 31.29
C ALA D 329 -3.40 -2.69 31.68
N CYS D 330 -2.99 -3.48 30.67
CA CYS D 330 -2.42 -4.82 30.90
C CYS D 330 -0.90 -4.90 30.74
N GLY D 331 -0.22 -3.76 30.71
CA GLY D 331 1.23 -3.72 30.70
C GLY D 331 1.89 -4.16 29.41
N GLN D 332 1.16 -4.05 28.31
CA GLN D 332 1.70 -4.35 26.99
C GLN D 332 2.50 -3.16 26.47
N ASP D 333 3.25 -3.40 25.40
CA ASP D 333 3.95 -2.36 24.67
C ASP D 333 2.93 -1.63 23.80
N ALA D 334 2.51 -0.45 24.23
CA ALA D 334 1.47 0.31 23.52
C ALA D 334 1.92 0.84 22.15
N ALA D 335 3.23 0.95 21.95
CA ALA D 335 3.78 1.28 20.64
C ALA D 335 3.45 0.22 19.59
N GLN D 336 3.23 -1.02 20.03
CA GLN D 336 2.85 -2.11 19.13
C GLN D 336 1.39 -2.07 18.68
N ASN D 337 0.65 -1.07 19.14
CA ASN D 337 -0.67 -0.75 18.58
C ASN D 337 -0.62 -0.55 17.06
N VAL D 338 0.52 -0.05 16.56
CA VAL D 338 0.69 0.24 15.15
C VAL D 338 0.25 -0.95 14.28
N GLY D 339 0.79 -2.12 14.57
CA GLY D 339 0.49 -3.34 13.84
C GLY D 339 -0.56 -4.22 14.49
N SER D 340 -0.67 -4.18 15.81
CA SER D 340 -1.65 -4.97 16.55
C SER D 340 -3.10 -4.56 16.25
N SER D 341 -3.27 -3.33 15.78
CA SER D 341 -4.60 -2.78 15.46
C SER D 341 -5.10 -3.18 14.07
N ASN D 342 -4.24 -3.78 13.25
CA ASN D 342 -4.65 -4.28 11.94
C ASN D 342 -5.89 -5.14 12.13
N CYS D 343 -6.94 -4.84 11.37
CA CYS D 343 -8.23 -5.50 11.54
C CYS D 343 -9.12 -5.30 10.32
N ILE D 344 -9.82 -6.35 9.92
CA ILE D 344 -10.91 -6.23 8.96
C ILE D 344 -12.21 -6.65 9.62
N THR D 345 -13.16 -5.73 9.63
CA THR D 345 -14.47 -5.94 10.21
C THR D 345 -15.44 -6.21 9.06
N LEU D 346 -16.09 -7.37 9.10
CA LEU D 346 -17.06 -7.76 8.10
C LEU D 346 -18.44 -7.89 8.74
N MET D 347 -19.47 -7.48 8.02
CA MET D 347 -20.86 -7.60 8.47
C MET D 347 -21.74 -8.13 7.34
N GLU D 348 -22.65 -9.04 7.71
CA GLU D 348 -23.52 -9.72 6.75
C GLU D 348 -24.92 -9.90 7.32
N ALA D 349 -25.91 -10.04 6.44
CA ALA D 349 -27.25 -10.45 6.84
C ALA D 349 -27.22 -11.94 7.19
N SER D 350 -27.96 -12.31 8.22
CA SER D 350 -27.91 -13.68 8.74
C SER D 350 -29.29 -14.13 9.24
N GLY D 351 -29.41 -15.45 9.47
CA GLY D 351 -30.66 -16.03 9.93
C GLY D 351 -31.66 -16.21 8.80
N PRO D 352 -32.77 -16.86 9.09
CA PRO D 352 -33.80 -17.13 8.08
C PRO D 352 -34.60 -15.87 7.71
N THR D 353 -34.73 -14.94 8.65
CA THR D 353 -35.35 -13.64 8.37
C THR D 353 -34.43 -12.78 7.51
N ASN D 354 -33.12 -12.99 7.67
CA ASN D 354 -32.10 -12.17 7.02
C ASN D 354 -32.02 -10.78 7.65
N GLU D 355 -32.55 -10.66 8.87
CA GLU D 355 -32.57 -9.40 9.61
C GLU D 355 -31.61 -9.44 10.80
N ASP D 356 -30.97 -10.58 11.03
CA ASP D 356 -29.93 -10.70 12.06
C ASP D 356 -28.59 -10.26 11.49
N LEU D 357 -27.70 -9.79 12.36
CA LEU D 357 -26.43 -9.21 11.96
C LEU D 357 -25.27 -10.13 12.32
N TYR D 358 -24.68 -10.78 11.31
CA TYR D 358 -23.44 -11.52 11.49
C TYR D 358 -22.29 -10.52 11.45
N ILE D 359 -21.43 -10.56 12.47
CA ILE D 359 -20.23 -9.74 12.50
C ILE D 359 -19.00 -10.60 12.76
N SER D 360 -17.90 -10.24 12.13
CA SER D 360 -16.62 -10.87 12.38
C SER D 360 -15.52 -9.83 12.35
N CYS D 361 -14.52 -10.01 13.20
CA CYS D 361 -13.31 -9.21 13.18
C CYS D 361 -12.12 -10.15 13.05
N THR D 362 -11.22 -9.85 12.12
CA THR D 362 -10.03 -10.65 11.91
C THR D 362 -8.81 -9.77 12.10
N MET D 363 -7.95 -10.16 13.02
CA MET D 363 -6.78 -9.39 13.40
C MET D 363 -5.55 -10.30 13.29
N PRO D 364 -4.81 -10.21 12.19
CA PRO D 364 -3.73 -11.15 11.90
C PRO D 364 -2.44 -10.91 12.68
N SER D 365 -2.29 -9.77 13.35
CA SER D 365 -1.00 -9.42 13.94
C SER D 365 -1.08 -8.77 15.33
N ILE D 366 -1.74 -9.45 16.26
CA ILE D 366 -1.82 -9.01 17.66
C ILE D 366 -0.53 -9.37 18.41
N GLU D 367 0.28 -8.36 18.71
CA GLU D 367 1.56 -8.54 19.39
C GLU D 367 1.33 -8.39 20.90
N ILE D 368 1.45 -9.48 21.63
CA ILE D 368 0.95 -9.54 23.00
C ILE D 368 1.64 -10.60 23.86
N GLY D 369 1.62 -10.36 25.18
CA GLY D 369 2.22 -11.27 26.13
C GLY D 369 1.74 -11.01 27.55
N THR D 370 1.79 -12.05 28.38
CA THR D 370 1.36 -11.95 29.79
C THR D 370 2.51 -12.11 30.79
N VAL D 371 3.75 -12.27 30.29
CA VAL D 371 4.96 -12.21 31.11
C VAL D 371 5.96 -11.23 30.48
N GLY D 372 6.84 -10.67 31.31
CA GLY D 372 7.86 -9.74 30.83
C GLY D 372 7.36 -8.33 30.59
N GLY D 373 8.29 -7.39 30.48
CA GLY D 373 7.97 -6.00 30.22
C GLY D 373 7.10 -5.38 31.30
N GLY D 374 6.10 -4.61 30.88
CA GLY D 374 5.17 -3.98 31.78
C GLY D 374 4.29 -4.93 32.60
N THR D 375 4.15 -6.17 32.12
CA THR D 375 3.35 -7.18 32.84
C THR D 375 4.01 -7.70 34.13
N ASN D 376 5.24 -7.28 34.40
CA ASN D 376 5.91 -7.58 35.66
C ASN D 376 5.47 -6.66 36.81
N LEU D 377 4.93 -5.49 36.45
CA LEU D 377 4.50 -4.51 37.44
C LEU D 377 3.16 -4.94 38.05
N LEU D 378 2.96 -4.65 39.33
CA LEU D 378 1.83 -5.20 40.08
C LEU D 378 0.45 -4.64 39.71
N PRO D 379 0.32 -3.33 39.49
CA PRO D 379 -0.95 -2.77 39.01
C PRO D 379 -1.36 -3.35 37.65
N GLN D 380 -0.39 -3.49 36.76
CA GLN D 380 -0.61 -4.10 35.44
C GLN D 380 -1.04 -5.55 35.59
N GLN D 381 -0.46 -6.25 36.57
CA GLN D 381 -0.78 -7.65 36.83
C GLN D 381 -2.17 -7.82 37.41
N ALA D 382 -2.68 -6.77 38.06
CA ALA D 382 -4.04 -6.79 38.63
C ALA D 382 -5.07 -6.85 37.51
N CYS D 383 -4.86 -6.07 36.46
CA CYS D 383 -5.75 -6.08 35.30
C CYS D 383 -5.69 -7.40 34.54
N LEU D 384 -4.51 -7.99 34.48
CA LEU D 384 -4.34 -9.32 33.88
C LEU D 384 -5.04 -10.39 34.72
N GLN D 385 -5.04 -10.20 36.05
CA GLN D 385 -5.69 -11.13 36.96
C GLN D 385 -7.21 -11.08 36.85
N MET D 386 -7.76 -9.92 36.51
CA MET D 386 -9.20 -9.77 36.25
C MET D 386 -9.63 -10.74 35.14
N LEU D 387 -8.81 -10.82 34.10
CA LEU D 387 -9.09 -11.63 32.91
C LEU D 387 -8.69 -13.10 33.07
N GLY D 388 -7.94 -13.41 34.12
CA GLY D 388 -7.51 -14.78 34.39
C GLY D 388 -6.33 -15.24 33.54
N VAL D 389 -5.52 -14.29 33.07
CA VAL D 389 -4.41 -14.59 32.16
C VAL D 389 -3.04 -14.09 32.65
N GLN D 390 -2.95 -13.73 33.92
CA GLN D 390 -1.71 -13.18 34.46
C GLN D 390 -0.60 -14.22 34.51
N GLY D 391 0.56 -13.85 33.99
CA GLY D 391 1.75 -14.68 34.07
C GLY D 391 1.74 -15.85 33.09
N ALA D 392 2.70 -16.74 33.28
CA ALA D 392 2.85 -17.90 32.41
C ALA D 392 1.85 -18.98 32.78
N CYS D 393 1.26 -19.60 31.76
CA CYS D 393 0.49 -20.82 31.93
C CYS D 393 1.46 -21.99 32.06
N LYS D 394 1.58 -22.52 33.28
CA LYS D 394 2.54 -23.58 33.57
C LYS D 394 2.28 -24.84 32.74
N ASP D 395 1.04 -25.33 32.79
CA ASP D 395 0.66 -26.61 32.14
C ASP D 395 0.71 -26.55 30.60
N ASN D 396 0.44 -25.38 30.04
CA ASN D 396 0.40 -25.22 28.58
C ASN D 396 0.95 -23.86 28.17
N PRO D 397 2.27 -23.78 27.94
CA PRO D 397 2.90 -22.52 27.53
C PRO D 397 2.18 -21.81 26.38
N GLY D 398 1.90 -20.53 26.58
CA GLY D 398 1.27 -19.70 25.56
C GLY D 398 -0.24 -19.52 25.68
N GLU D 399 -0.90 -20.29 26.53
CA GLU D 399 -2.36 -20.27 26.59
C GLU D 399 -2.93 -19.02 27.27
N ASN D 400 -2.16 -18.42 28.17
CA ASN D 400 -2.56 -17.13 28.76
C ASN D 400 -2.46 -16.00 27.73
N ALA D 401 -1.37 -15.97 26.97
CA ALA D 401 -1.17 -14.96 25.93
C ALA D 401 -2.17 -15.13 24.78
N ARG D 402 -2.54 -16.38 24.50
CA ARG D 402 -3.51 -16.67 23.45
C ARG D 402 -4.90 -16.22 23.90
N GLN D 403 -5.21 -16.44 25.17
CA GLN D 403 -6.49 -16.02 25.75
C GLN D 403 -6.63 -14.50 25.75
N LEU D 404 -5.54 -13.77 26.07
CA LEU D 404 -5.57 -12.32 26.08
C LEU D 404 -5.82 -11.79 24.66
N ALA D 405 -5.20 -12.43 23.67
CA ALA D 405 -5.40 -12.05 22.28
C ALA D 405 -6.84 -12.27 21.83
N ARG D 406 -7.45 -13.35 22.30
CA ARG D 406 -8.84 -13.66 22.00
C ARG D 406 -9.77 -12.62 22.64
N ILE D 407 -9.41 -12.18 23.84
CA ILE D 407 -10.19 -11.14 24.55
C ILE D 407 -10.09 -9.81 23.81
N VAL D 408 -8.91 -9.48 23.31
CA VAL D 408 -8.69 -8.23 22.57
C VAL D 408 -9.54 -8.23 21.30
N CYS D 409 -9.51 -9.33 20.56
CA CYS D 409 -10.27 -9.44 19.33
C CYS D 409 -11.76 -9.33 19.60
N GLY D 410 -12.20 -9.94 20.70
CA GLY D 410 -13.60 -9.92 21.11
C GLY D 410 -14.06 -8.55 21.56
N THR D 411 -13.19 -7.81 22.23
CA THR D 411 -13.51 -6.48 22.72
C THR D 411 -13.50 -5.48 21.58
N VAL D 412 -12.59 -5.67 20.62
CA VAL D 412 -12.56 -4.87 19.40
C VAL D 412 -13.89 -5.03 18.66
N MET D 413 -14.38 -6.25 18.57
CA MET D 413 -15.65 -6.54 17.91
C MET D 413 -16.81 -5.85 18.61
N ALA D 414 -16.79 -5.84 19.95
CA ALA D 414 -17.80 -5.13 20.73
C ALA D 414 -17.74 -3.63 20.45
N GLY D 415 -16.53 -3.09 20.36
CA GLY D 415 -16.34 -1.67 20.05
C GLY D 415 -16.74 -1.33 18.63
N GLU D 416 -16.53 -2.25 17.70
CA GLU D 416 -16.92 -2.05 16.32
C GLU D 416 -18.43 -1.97 16.21
N LEU D 417 -19.12 -2.85 16.94
CA LEU D 417 -20.58 -2.91 16.92
C LEU D 417 -21.22 -1.61 17.37
N SER D 418 -20.73 -1.07 18.48
CA SER D 418 -21.33 0.10 19.10
C SER D 418 -21.05 1.39 18.33
N LEU D 419 -19.80 1.61 17.94
CA LEU D 419 -19.46 2.81 17.18
C LEU D 419 -20.13 2.82 15.81
N MET D 420 -20.14 1.67 15.13
CA MET D 420 -20.72 1.56 13.80
C MET D 420 -22.23 1.77 13.83
N ALA D 421 -22.86 1.40 14.94
CA ALA D 421 -24.29 1.63 15.13
C ALA D 421 -24.54 3.11 15.35
N ALA D 422 -23.68 3.75 16.13
CA ALA D 422 -23.77 5.18 16.39
C ALA D 422 -23.60 5.99 15.11
N LEU D 423 -22.67 5.56 14.26
CA LEU D 423 -22.40 6.23 12.99
C LEU D 423 -23.54 6.01 12.01
N ALA D 424 -24.08 4.80 12.01
CA ALA D 424 -25.18 4.42 11.11
C ALA D 424 -26.46 5.18 11.42
N ALA D 425 -26.81 5.24 12.71
CA ALA D 425 -28.03 5.91 13.16
C ALA D 425 -27.87 7.42 13.27
N GLY D 426 -26.64 7.90 13.29
CA GLY D 426 -26.37 9.32 13.51
C GLY D 426 -26.52 9.74 14.97
N HIS D 427 -26.19 8.85 15.90
CA HIS D 427 -26.18 9.16 17.33
C HIS D 427 -24.77 9.57 17.78
N LEU D 428 -24.41 10.82 17.53
CA LEU D 428 -23.04 11.30 17.72
C LEU D 428 -22.86 12.27 18.89
N VAL D 429 -23.87 12.39 19.75
CA VAL D 429 -23.83 13.33 20.87
C VAL D 429 -23.20 12.69 22.10
N LYS D 430 -22.03 13.20 22.49
CA LYS D 430 -21.27 12.63 23.60
C LYS D 430 -21.91 12.92 24.97
N SER D 431 -22.34 14.17 25.17
CA SER D 431 -22.89 14.62 26.45
C SER D 431 -24.01 13.73 26.99
N HIS D 432 -24.79 13.12 26.09
CA HIS D 432 -25.82 12.14 26.48
C HIS D 432 -25.62 10.84 25.71
S SO4 E . -1.55 -20.85 -19.81
O1 SO4 E . -0.31 -20.43 -20.45
O2 SO4 E . -2.47 -21.34 -20.83
O3 SO4 E . -2.16 -19.71 -19.12
O4 SO4 E . -1.26 -21.92 -18.87
N1 HR2 F . -11.59 -15.14 -18.76
C4 HR2 F . -12.87 -16.68 -17.73
C5 HR2 F . -11.61 -16.64 -17.18
C6 HR2 F . -14.06 -17.56 -17.39
C7 HR2 F . -10.25 -19.06 -13.93
C8 HR2 F . -10.93 -18.84 -16.24
C10 HR2 F . -11.14 -14.07 -19.70
C13 HR2 F . -14.02 -15.49 -19.56
C15 HR2 F . -10.47 -19.63 -15.17
C17 HR2 F . -15.98 -16.33 -20.48
C20 HR2 F . -9.35 -13.98 -16.82
C21 HR2 F . -7.93 -13.57 -16.46
C22 HR2 F . -7.95 -12.50 -15.36
C24 HR2 F . -8.31 -12.00 -12.96
C28 HR2 F . -16.14 -15.75 -21.74
F1 HR2 F . -9.81 -19.83 -12.91
C9 HR2 F . -11.14 -17.48 -16.05
C14 HR2 F . -10.90 -16.91 -14.79
C18 HR2 F . -10.46 -17.70 -13.73
C3 HR2 F . -10.81 -15.69 -17.80
C19 HR2 F . -9.37 -15.36 -17.47
O33 HR2 F . -7.28 -13.04 -17.60
C23 HR2 F . -8.33 -13.09 -14.03
O34 HR2 F . -7.43 -14.11 -13.67
C25 HR2 F . -9.00 -12.51 -11.72
O27 HR2 F . -10.31 -12.73 -11.73
O26 HR2 F . -8.35 -12.73 -10.72
C12 HR2 F . -11.36 -14.53 -21.13
C11 HR2 F . -11.84 -12.74 -19.38
C2 HR2 F . -14.35 -18.52 -18.55
C16 HR2 F . -14.24 -17.92 -19.96
N15 HR2 F . -14.74 -16.55 -19.96
O14 HR2 F . -14.46 -14.35 -19.60
C1 HR2 F . -12.81 -15.73 -18.73
C29 HR2 F . -17.41 -15.52 -22.26
C30 HR2 F . -18.53 -15.87 -21.53
C31 HR2 F . -18.39 -16.46 -20.28
C32 HR2 F . -17.12 -16.69 -19.75
N1 HR2 G . 12.85 8.21 -22.07
C4 HR2 G . 14.14 9.99 -21.56
C5 HR2 G . 12.86 10.15 -21.10
C6 HR2 G . 15.34 10.89 -21.48
C7 HR2 G . 11.51 13.51 -18.81
C8 HR2 G . 12.31 12.60 -20.90
C10 HR2 G . 12.41 6.89 -22.61
C13 HR2 G . 15.33 8.23 -22.82
C15 HR2 G . 11.87 13.69 -20.15
C17 HR2 G . 17.33 8.68 -23.88
C20 HR2 G . 10.52 7.82 -19.95
C21 HR2 G . 9.08 7.55 -19.52
C22 HR2 G . 9.07 6.91 -18.15
C24 HR2 G . 9.25 7.17 -15.68
C28 HR2 G . 17.55 7.81 -24.95
F1 HR2 G . 11.08 14.56 -18.08
C9 HR2 G . 12.39 11.34 -20.33
C14 HR2 G . 12.04 11.18 -18.99
C18 HR2 G . 11.59 12.25 -18.23
C3 HR2 G . 12.06 9.07 -21.40
C19 HR2 G . 10.60 8.88 -21.04
O33 HR2 G . 8.48 6.67 -20.44
C23 HR2 G . 9.29 7.91 -17.01
O34 HR2 G . 8.27 8.90 -17.05
C25 HR2 G . 9.88 8.03 -14.60
O27 HR2 G . 11.19 8.26 -14.61
O26 HR2 G . 9.19 8.51 -13.71
C12 HR2 G . 12.71 6.82 -24.10
C11 HR2 G . 13.06 5.76 -21.82
C2 HR2 G . 15.69 11.41 -22.88
C16 HR2 G . 15.62 10.38 -24.02
N15 HR2 G . 16.06 9.07 -23.55
O14 HR2 G . 15.78 7.17 -22.39
C1 HR2 G . 14.09 8.74 -22.18
C29 HR2 G . 18.84 7.41 -25.28
C30 HR2 G . 19.92 7.89 -24.54
C31 HR2 G . 19.70 8.76 -23.48
C32 HR2 G . 18.41 9.17 -23.15
S SO4 H . 3.00 12.88 -25.77
O1 SO4 H . 3.49 12.55 -24.44
O2 SO4 H . 3.95 13.75 -26.45
O3 SO4 H . 1.71 13.57 -25.66
O4 SO4 H . 2.81 11.65 -26.54
S SO4 I . -10.67 17.31 20.85
O1 SO4 I . -9.95 16.81 22.02
O2 SO4 I . -10.01 18.49 20.32
O3 SO4 I . -12.03 17.69 21.23
O4 SO4 I . -10.73 16.26 19.84
N1 HR2 J . 16.07 -0.74 21.96
C4 HR2 J . 18.00 -1.73 21.32
C5 HR2 J . 16.90 -2.44 20.90
C6 HR2 J . 19.47 -1.99 21.15
C7 HR2 J . 16.98 -6.02 18.57
C8 HR2 J . 17.43 -4.89 20.65
C10 HR2 J . 15.10 0.22 22.57
C13 HR2 J . 18.33 0.35 22.62
C15 HR2 J . 17.45 -6.05 19.88
C17 HR2 J . 20.34 0.84 23.63
C20 HR2 J . 13.66 -1.41 19.98
C21 HR2 J . 12.28 -1.94 19.64
C22 HR2 J . 11.89 -1.46 18.24
C24 HR2 J . 12.29 -1.65 15.82
C28 HR2 J . 20.07 1.77 24.64
F1 HR2 J . 17.00 -7.14 17.82
C9 HR2 J . 16.94 -3.69 20.10
C14 HR2 J . 16.48 -3.68 18.78
C18 HR2 J . 16.50 -4.83 18.02
C3 HR2 J . 15.71 -1.85 21.27
C19 HR2 J . 14.31 -2.33 21.00
O33 HR2 J . 11.35 -1.45 20.59
C23 HR2 J . 12.63 -2.25 17.17
O34 HR2 J . 12.27 -3.61 17.22
C25 HR2 J . 13.24 -2.19 14.78
O27 HR2 J . 14.53 -1.86 14.80
O26 HR2 J . 12.81 -2.95 13.93
C12 HR2 J . 15.30 0.26 24.07
C11 HR2 J . 15.22 1.60 21.94
C2 HR2 J . 20.12 -2.31 22.51
C16 HR2 J . 19.63 -1.47 23.70
N15 HR2 J . 19.41 -0.09 23.28
O14 HR2 J . 18.22 1.50 22.25
C1 HR2 J . 17.42 -0.66 21.99
C29 HR2 J . 21.02 2.74 24.98
C30 HR2 J . 22.25 2.78 24.32
C31 HR2 J . 22.51 1.86 23.32
C32 HR2 J . 21.56 0.89 22.96
S SO4 K . 9.64 -9.56 25.78
O1 SO4 K . 8.85 -8.92 26.83
O2 SO4 K . 11.05 -9.59 26.18
O3 SO4 K . 9.48 -8.81 24.54
O4 SO4 K . 9.18 -10.93 25.61
N1 HR2 L . -16.73 7.57 19.90
C4 HR2 L . -18.67 8.17 18.90
C5 HR2 L . -17.60 8.79 18.32
C6 HR2 L . -20.16 8.24 18.61
C7 HR2 L . -17.84 11.47 15.00
C8 HR2 L . -18.28 11.00 17.32
C10 HR2 L . -15.78 6.92 20.83
C13 HR2 L . -18.96 6.58 20.77
C15 HR2 L . -18.34 11.86 16.24
C17 HR2 L . -20.99 6.32 21.84
C20 HR2 L . -14.35 7.73 17.84
C21 HR2 L . -12.93 8.04 17.40
C22 HR2 L . -12.51 7.09 16.27
C24 HR2 L . -12.66 6.44 13.88
C28 HR2 L . -20.93 6.02 23.20
F1 HR2 L . -17.91 12.30 13.95
C9 HR2 L . -17.70 9.74 17.17
C14 HR2 L . -17.18 9.35 15.93
C18 HR2 L . -17.26 10.21 14.84
C3 HR2 L . -16.40 8.45 18.92
C19 HR2 L . -15.02 8.90 18.55
O33 HR2 L . -12.05 7.85 18.50
C23 HR2 L . -13.17 7.41 14.94
O34 HR2 L . -12.87 8.72 14.53
C25 HR2 L . -13.52 6.56 12.63
O27 HR2 L . -14.80 6.21 12.68
O26 HR2 L . -13.04 6.99 11.61
C12 HR2 L . -16.14 7.28 22.27
C11 HR2 L . -15.76 5.41 20.58
C2 HR2 L . -20.88 8.92 19.79
C16 HR2 L . -20.38 8.56 21.19
N15 HR2 L . -20.06 7.14 21.26
O14 HR2 L . -18.78 5.37 20.74
C1 HR2 L . -18.08 7.41 19.90
C29 HR2 L . -21.88 5.19 23.79
C30 HR2 L . -22.91 4.66 23.01
C31 HR2 L . -22.96 4.98 21.65
C32 HR2 L . -22.03 5.82 21.06
#